data_3WI6
#
_entry.id   3WI6
#
_cell.length_a   180.061
_cell.length_b   179.684
_cell.length_c   254.101
_cell.angle_alpha   90.00
_cell.angle_beta   90.00
_cell.angle_gamma   90.00
#
_symmetry.space_group_name_H-M   'I 21 21 21'
#
loop_
_entity.id
_entity.type
_entity.pdbx_description
1 polymer 'MAP kinase-activated protein kinase 2'
2 non-polymer N-[(3S)-piperidin-3-yl]-7,8-dihydro-6H-pyrazolo[1,5-a]pyrrolo[3,2-e]pyrimidin-5-amine
#
_entity_poly.entity_id   1
_entity_poly.type   'polypeptide(L)'
_entity_poly.pdbx_seq_one_letter_code
;QQFPQFHVKSGLQIKKNAIIDDYKVTSQVLGLGINGKVLQIFNKRTQEKFALKMLQDCPKARREVELHWRASQCPHIVRI
VDVYENLYAGRKCLLIVMECLDGGELFSRIQDRGDQAFTEREASEIMKSIGEAIQYLHSINIAHRDVKPENLLYTSKRPN
AILKLTDFGFAKETTSHNSLTTPCYTPYYVAPEVLGPEKYDKSCDMWSLGVIMYILLCGYPPFYSNHGLAISPGMKTRIR
MGQYEFPNPEWSEVSEEVKMLIRNLLKTEPTQRMTITEFMNHPWIMQSTKVPQTPLHTSRVLKEDKERWEDVKEEMTSAL
ATMR
;
_entity_poly.pdbx_strand_id   A,B,C,D,E,F
#
loop_
_chem_comp.id
_chem_comp.type
_chem_comp.name
_chem_comp.formula
YRZ non-polymer N-[(3S)-piperidin-3-yl]-7,8-dihydro-6H-pyrazolo[1,5-a]pyrrolo[3,2-e]pyrimidin-5-amine 'C13 H18 N6'
#
# COMPACT_ATOMS: atom_id res chain seq x y z
N PHE A 6 37.48 4.02 -29.32
CA PHE A 6 36.45 3.00 -28.88
C PHE A 6 36.55 2.59 -27.38
N HIS A 7 36.09 3.51 -26.50
CA HIS A 7 36.24 3.39 -25.06
C HIS A 7 35.12 2.55 -24.44
N VAL A 8 35.43 1.29 -24.16
CA VAL A 8 34.49 0.34 -23.61
C VAL A 8 34.97 -0.08 -22.23
N LYS A 9 34.06 -0.18 -21.27
CA LYS A 9 34.41 -0.71 -19.97
C LYS A 9 33.72 -2.06 -19.76
N SER A 10 34.07 -2.79 -18.71
CA SER A 10 33.56 -4.13 -18.45
C SER A 10 32.13 -4.07 -18.03
N GLY A 11 31.40 -5.11 -18.41
CA GLY A 11 30.12 -5.39 -17.82
C GLY A 11 30.21 -5.87 -16.39
N LEU A 12 29.11 -5.82 -15.66
CA LEU A 12 29.06 -6.32 -14.32
C LEU A 12 29.12 -7.84 -14.30
N GLN A 13 30.10 -8.38 -13.60
CA GLN A 13 30.17 -9.80 -13.35
C GLN A 13 29.81 -10.16 -11.91
N ILE A 14 28.78 -10.95 -11.73
CA ILE A 14 28.43 -11.36 -10.39
C ILE A 14 29.18 -12.67 -10.09
N LYS A 15 30.19 -12.57 -9.23
CA LYS A 15 31.01 -13.69 -8.83
C LYS A 15 30.22 -14.62 -7.95
N LYS A 16 30.26 -15.91 -8.26
CA LYS A 16 29.58 -16.98 -7.47
C LYS A 16 30.49 -17.65 -6.45
N ASN A 17 31.80 -17.50 -6.57
CA ASN A 17 32.71 -18.11 -5.61
C ASN A 17 32.67 -17.47 -4.21
N ALA A 18 33.05 -18.23 -3.19
CA ALA A 18 32.93 -17.70 -1.84
C ALA A 18 33.82 -16.50 -1.75
N ILE A 19 33.30 -15.41 -1.20
CA ILE A 19 34.05 -14.17 -1.03
C ILE A 19 35.33 -14.38 -0.21
N ILE A 20 35.31 -15.31 0.74
CA ILE A 20 36.46 -15.57 1.59
C ILE A 20 37.69 -16.11 0.79
N ASP A 21 37.48 -16.63 -0.43
CA ASP A 21 38.58 -17.02 -1.30
C ASP A 21 39.39 -15.83 -1.74
N ASP A 22 38.75 -14.67 -1.86
CA ASP A 22 39.42 -13.44 -2.39
C ASP A 22 39.68 -12.39 -1.36
N TYR A 23 38.94 -12.41 -0.26
CA TYR A 23 38.97 -11.33 0.73
C TYR A 23 38.96 -11.95 2.09
N LYS A 24 39.67 -11.31 3.02
CA LYS A 24 39.59 -11.57 4.48
C LYS A 24 38.48 -10.64 5.01
N VAL A 25 37.38 -11.24 5.43
CA VAL A 25 36.26 -10.46 5.96
C VAL A 25 36.36 -10.33 7.46
N THR A 26 36.55 -9.12 7.97
CA THR A 26 36.59 -8.89 9.43
C THR A 26 35.21 -8.58 9.98
N SER A 27 35.11 -8.48 11.30
CA SER A 27 33.86 -8.12 11.97
C SER A 27 33.84 -6.60 12.31
N GLN A 28 34.90 -5.88 11.96
CA GLN A 28 34.94 -4.45 12.25
C GLN A 28 33.86 -3.74 11.48
N VAL A 29 32.93 -3.14 12.20
CA VAL A 29 31.82 -2.40 11.61
C VAL A 29 32.22 -0.96 11.29
N LEU A 30 32.29 -0.65 10.00
CA LEU A 30 32.65 0.71 9.53
C LEU A 30 31.50 1.70 9.74
N GLY A 31 30.27 1.21 9.59
CA GLY A 31 29.09 2.01 9.77
C GLY A 31 27.81 1.24 9.68
N LEU A 32 26.87 1.51 10.59
CA LEU A 32 25.53 0.93 10.54
C LEU A 32 24.69 1.78 9.58
N GLY A 33 23.82 1.15 8.81
CA GLY A 33 23.06 1.87 7.81
C GLY A 33 21.69 1.27 7.50
N ILE A 34 21.16 1.69 6.36
CA ILE A 34 19.82 1.30 5.90
C ILE A 34 19.76 -0.21 5.63
N ASN A 35 20.59 -0.65 4.71
CA ASN A 35 20.56 -2.04 4.27
C ASN A 35 21.31 -3.00 5.24
N GLY A 36 22.05 -2.44 6.20
CA GLY A 36 22.79 -3.26 7.18
C GLY A 36 24.13 -2.69 7.60
N LYS A 37 24.89 -3.50 8.31
CA LYS A 37 26.24 -3.13 8.77
C LYS A 37 27.20 -3.08 7.55
N VAL A 38 27.96 -2.01 7.42
CA VAL A 38 29.09 -1.93 6.47
C VAL A 38 30.39 -2.42 7.12
N LEU A 39 30.89 -3.56 6.66
CA LEU A 39 32.03 -4.25 7.29
C LEU A 39 33.33 -3.95 6.55
N GLN A 40 34.43 -3.82 7.30
CA GLN A 40 35.77 -3.68 6.72
C GLN A 40 36.32 -5.04 6.29
N ILE A 41 36.86 -5.13 5.09
CA ILE A 41 37.41 -6.37 4.58
C ILE A 41 38.75 -6.09 3.90
N PHE A 42 39.56 -7.13 3.72
CA PHE A 42 40.90 -6.97 3.15
C PHE A 42 41.10 -7.88 1.92
N ASN A 43 41.59 -7.30 0.82
CA ASN A 43 41.94 -8.11 -0.36
C ASN A 43 43.16 -9.00 -0.07
N LYS A 44 42.99 -10.33 -0.13
CA LYS A 44 44.08 -11.28 0.21
C LYS A 44 45.35 -11.04 -0.61
N ARG A 45 45.18 -10.73 -1.88
CA ARG A 45 46.26 -10.67 -2.82
C ARG A 45 46.95 -9.34 -2.79
N THR A 46 46.24 -8.27 -2.42
CA THR A 46 46.81 -6.91 -2.41
C THR A 46 46.98 -6.36 -1.03
N GLN A 47 46.13 -6.80 -0.13
CA GLN A 47 46.17 -6.43 1.27
C GLN A 47 45.56 -5.00 1.56
N GLU A 48 44.87 -4.43 0.54
CA GLU A 48 44.19 -3.15 0.65
C GLU A 48 42.85 -3.29 1.40
N LYS A 49 42.44 -2.23 2.09
CA LYS A 49 41.18 -2.18 2.81
C LYS A 49 40.03 -1.86 1.82
N PHE A 50 38.94 -2.62 1.94
CA PHE A 50 37.72 -2.36 1.24
C PHE A 50 36.50 -2.45 2.16
N ALA A 51 35.40 -1.81 1.75
CA ALA A 51 34.12 -1.85 2.48
C ALA A 51 33.27 -2.90 1.87
N LEU A 52 32.46 -3.58 2.67
CA LEU A 52 31.58 -4.65 2.24
C LEU A 52 30.18 -4.34 2.71
N LYS A 53 29.22 -4.43 1.81
CA LYS A 53 27.84 -4.22 2.11
C LYS A 53 27.08 -5.47 1.70
N MET A 54 26.27 -6.02 2.59
CA MET A 54 25.48 -7.25 2.31
C MET A 54 24.01 -6.99 2.19
N LEU A 55 23.37 -7.56 1.18
CA LEU A 55 21.95 -7.43 0.96
C LEU A 55 21.36 -8.76 0.64
N GLN A 56 20.09 -8.95 0.95
CA GLN A 56 19.37 -10.17 0.56
C GLN A 56 19.21 -10.08 -0.94
N ASP A 57 19.58 -11.13 -1.64
CA ASP A 57 19.59 -11.17 -3.10
C ASP A 57 18.21 -11.28 -3.71
N CYS A 58 17.73 -10.20 -4.29
CA CYS A 58 16.42 -10.14 -4.95
C CYS A 58 16.52 -9.22 -6.18
N PRO A 59 15.51 -9.26 -7.05
CA PRO A 59 15.67 -8.45 -8.27
C PRO A 59 15.79 -6.93 -7.98
N LYS A 60 15.12 -6.47 -6.94
CA LYS A 60 15.22 -5.08 -6.56
C LYS A 60 16.67 -4.79 -6.14
N ALA A 61 17.25 -5.68 -5.32
CA ALA A 61 18.66 -5.61 -4.88
C ALA A 61 19.57 -5.60 -6.10
N ARG A 62 19.29 -6.48 -7.05
CA ARG A 62 20.14 -6.62 -8.24
C ARG A 62 20.03 -5.43 -9.13
N ARG A 63 18.93 -4.73 -9.03
CA ARG A 63 18.71 -3.60 -9.90
C ARG A 63 19.52 -2.37 -9.45
N GLU A 64 19.56 -2.18 -8.15
CA GLU A 64 20.27 -1.09 -7.52
C GLU A 64 21.77 -1.21 -7.74
N VAL A 65 22.28 -2.42 -7.46
CA VAL A 65 23.68 -2.73 -7.65
C VAL A 65 24.16 -2.49 -9.08
N GLU A 66 23.27 -2.74 -10.02
CA GLU A 66 23.58 -2.59 -11.37
C GLU A 66 23.68 -1.11 -11.67
N LEU A 67 22.88 -0.29 -10.99
CA LEU A 67 22.87 1.13 -11.27
C LEU A 67 24.15 1.72 -10.75
N HIS A 68 24.48 1.34 -9.52
CA HIS A 68 25.70 1.77 -8.83
C HIS A 68 26.87 1.37 -9.68
N TRP A 69 26.88 0.13 -10.18
CA TRP A 69 27.97 -0.29 -11.06
C TRP A 69 28.17 0.66 -12.24
N ARG A 70 27.09 0.99 -12.93
CA ARG A 70 27.15 1.94 -14.04
C ARG A 70 27.68 3.29 -13.61
N ALA A 71 27.33 3.69 -12.39
CA ALA A 71 27.68 4.95 -11.82
C ALA A 71 29.11 5.00 -11.35
N SER A 72 29.74 3.84 -11.18
CA SER A 72 31.04 3.78 -10.47
C SER A 72 32.18 4.38 -11.29
N GLN A 73 31.92 4.59 -12.58
CA GLN A 73 32.87 5.29 -13.44
C GLN A 73 33.03 6.74 -13.01
N CYS A 74 31.98 7.35 -12.47
CA CYS A 74 32.04 8.74 -12.03
C CYS A 74 33.00 8.95 -10.85
N PRO A 75 33.98 9.85 -11.01
CA PRO A 75 34.92 10.21 -9.97
C PRO A 75 34.34 10.49 -8.60
N HIS A 76 33.14 11.05 -8.50
CA HIS A 76 32.54 11.43 -7.18
C HIS A 76 31.44 10.46 -6.70
N ILE A 77 31.52 9.20 -7.13
CA ILE A 77 30.58 8.17 -6.65
C ILE A 77 31.39 7.00 -6.16
N VAL A 78 31.08 6.48 -4.99
CA VAL A 78 31.85 5.42 -4.39
C VAL A 78 31.88 4.29 -5.37
N ARG A 79 33.11 3.77 -5.60
CA ARG A 79 33.37 2.78 -6.66
C ARG A 79 33.10 1.36 -6.22
N ILE A 80 32.25 0.63 -6.96
CA ILE A 80 32.05 -0.81 -6.68
C ILE A 80 33.15 -1.56 -7.35
N VAL A 81 33.94 -2.27 -6.57
CA VAL A 81 35.13 -2.99 -7.05
C VAL A 81 34.84 -4.42 -7.45
N ASP A 82 34.14 -5.18 -6.64
CA ASP A 82 33.53 -6.40 -7.17
C ASP A 82 32.27 -6.81 -6.42
N VAL A 83 31.39 -7.57 -7.08
CA VAL A 83 30.08 -7.99 -6.49
C VAL A 83 29.98 -9.53 -6.46
N TYR A 84 29.57 -10.11 -5.35
CA TYR A 84 29.44 -11.54 -5.25
C TYR A 84 27.98 -11.92 -4.96
N GLU A 85 27.56 -13.08 -5.45
CA GLU A 85 26.32 -13.72 -5.04
C GLU A 85 26.65 -15.06 -4.39
N ASN A 86 26.54 -15.10 -3.06
CA ASN A 86 26.92 -16.27 -2.25
C ASN A 86 25.76 -16.66 -1.43
N LEU A 87 25.88 -17.76 -0.71
CA LEU A 87 24.84 -18.34 0.12
C LEU A 87 25.26 -18.14 1.59
N TYR A 88 24.44 -17.45 2.33
CA TYR A 88 24.73 -17.17 3.72
C TYR A 88 23.53 -17.59 4.59
N ALA A 89 23.76 -18.62 5.41
CA ALA A 89 22.72 -19.14 6.31
C ALA A 89 21.55 -19.71 5.53
N GLY A 90 21.83 -20.35 4.39
CA GLY A 90 20.74 -20.83 3.48
C GLY A 90 19.99 -19.74 2.68
N ARG A 91 20.03 -18.50 3.19
CA ARG A 91 19.53 -17.35 2.43
C ARG A 91 20.56 -16.93 1.32
N LYS A 92 20.05 -16.79 0.11
CA LYS A 92 20.80 -16.30 -1.04
C LYS A 92 21.13 -14.81 -0.81
N CYS A 93 22.39 -14.47 -0.61
CA CYS A 93 22.79 -13.09 -0.36
C CYS A 93 23.59 -12.48 -1.47
N LEU A 94 23.69 -11.16 -1.44
CA LEU A 94 24.40 -10.39 -2.47
C LEU A 94 25.43 -9.57 -1.77
N LEU A 95 26.71 -9.84 -2.01
CA LEU A 95 27.76 -9.17 -1.29
C LEU A 95 28.40 -8.12 -2.18
N ILE A 96 28.42 -6.84 -1.76
CA ILE A 96 28.89 -5.73 -2.57
C ILE A 96 30.18 -5.16 -1.99
N VAL A 97 31.25 -5.18 -2.79
CA VAL A 97 32.52 -4.68 -2.30
C VAL A 97 32.84 -3.29 -2.91
N MET A 98 33.13 -2.30 -2.07
CA MET A 98 33.44 -0.95 -2.56
C MET A 98 34.74 -0.45 -1.94
N GLU A 99 35.28 0.59 -2.57
CA GLU A 99 36.41 1.31 -2.09
C GLU A 99 36.10 1.81 -0.70
N CYS A 100 37.08 1.71 0.19
CA CYS A 100 36.87 2.07 1.58
C CYS A 100 37.11 3.56 1.69
N LEU A 101 36.06 4.28 2.06
CA LEU A 101 36.17 5.69 2.25
C LEU A 101 36.46 5.92 3.72
N ASP A 102 37.71 6.38 3.99
CA ASP A 102 38.21 6.53 5.39
C ASP A 102 38.15 7.97 5.90
N GLY A 103 38.08 8.96 5.00
CA GLY A 103 38.07 10.37 5.41
C GLY A 103 36.86 10.91 6.20
N GLY A 104 35.88 10.06 6.54
CA GLY A 104 34.70 10.51 7.31
C GLY A 104 33.65 11.31 6.54
N GLU A 105 32.50 11.54 7.18
CA GLU A 105 31.34 12.23 6.57
C GLU A 105 31.67 13.67 6.26
N LEU A 106 30.75 14.35 5.58
CA LEU A 106 31.04 15.69 5.00
C LEU A 106 31.26 16.71 6.10
N PHE A 107 30.28 16.79 6.99
CA PHE A 107 30.28 17.80 8.04
C PHE A 107 31.28 17.53 9.16
N SER A 108 31.65 16.27 9.33
CA SER A 108 32.64 15.90 10.33
C SER A 108 33.98 16.53 10.03
N ARG A 109 34.36 16.58 8.76
CA ARG A 109 35.65 17.19 8.39
C ARG A 109 35.65 18.71 8.54
N ILE A 110 34.51 19.33 8.27
CA ILE A 110 34.44 20.79 8.26
C ILE A 110 34.63 21.33 9.67
N GLN A 111 34.00 20.71 10.65
CA GLN A 111 34.08 21.19 12.04
C GLN A 111 35.43 20.96 12.75
N ASP A 112 36.25 20.05 12.21
CA ASP A 112 37.54 19.72 12.80
C ASP A 112 38.62 20.52 12.12
N ARG A 113 38.61 21.83 12.30
CA ARG A 113 39.70 22.70 11.82
C ARG A 113 39.83 24.03 12.61
N ALA A 117 38.44 28.00 10.41
CA ALA A 117 37.98 29.05 9.50
C ALA A 117 37.59 28.46 8.14
N PHE A 118 36.27 28.47 7.87
CA PHE A 118 35.69 27.83 6.67
C PHE A 118 35.26 28.86 5.64
N THR A 119 35.91 28.83 4.48
CA THR A 119 35.68 29.82 3.42
C THR A 119 34.55 29.46 2.43
N GLU A 120 33.96 30.48 1.83
CA GLU A 120 32.88 30.32 0.85
C GLU A 120 33.37 29.55 -0.38
N ARG A 121 34.56 29.90 -0.86
CA ARG A 121 35.19 29.21 -1.99
C ARG A 121 35.23 27.71 -1.81
N GLU A 122 35.41 27.27 -0.57
CA GLU A 122 35.51 25.86 -0.28
C GLU A 122 34.13 25.19 -0.28
N ALA A 123 33.10 25.92 0.14
CA ALA A 123 31.69 25.44 0.04
C ALA A 123 31.29 25.17 -1.43
N SER A 124 31.61 26.12 -2.29
CA SER A 124 31.43 25.98 -3.73
C SER A 124 32.15 24.74 -4.33
N GLU A 125 33.35 24.47 -3.85
CA GLU A 125 34.09 23.36 -4.38
C GLU A 125 33.43 22.09 -3.93
N ILE A 126 32.84 22.10 -2.75
CA ILE A 126 32.12 20.93 -2.29
C ILE A 126 30.86 20.74 -3.11
N MET A 127 30.10 21.81 -3.30
CA MET A 127 28.84 21.76 -4.05
C MET A 127 29.09 21.36 -5.49
N LYS A 128 30.18 21.84 -6.07
CA LYS A 128 30.54 21.39 -7.42
C LYS A 128 30.84 19.90 -7.47
N SER A 129 31.42 19.36 -6.42
CA SER A 129 31.79 17.96 -6.51
C SER A 129 30.51 17.16 -6.34
N ILE A 130 29.66 17.56 -5.41
CA ILE A 130 28.40 16.84 -5.20
C ILE A 130 27.55 16.92 -6.46
N GLY A 131 27.55 18.07 -7.11
CA GLY A 131 26.80 18.25 -8.35
C GLY A 131 27.22 17.38 -9.53
N GLU A 132 28.51 17.09 -9.64
CA GLU A 132 29.02 16.16 -10.65
C GLU A 132 28.53 14.75 -10.41
N ALA A 133 28.37 14.37 -9.17
CA ALA A 133 27.79 13.09 -8.92
C ALA A 133 26.34 13.02 -9.41
N ILE A 134 25.57 14.06 -9.16
CA ILE A 134 24.19 14.16 -9.62
C ILE A 134 24.16 14.32 -11.16
N GLN A 135 25.04 15.13 -11.71
CA GLN A 135 25.02 15.33 -13.13
C GLN A 135 25.24 14.00 -13.87
N TYR A 136 26.16 13.18 -13.39
CA TYR A 136 26.46 11.91 -14.04
C TYR A 136 25.25 10.98 -13.94
N LEU A 137 24.70 10.88 -12.74
CA LEU A 137 23.57 10.01 -12.51
C LEU A 137 22.38 10.45 -13.39
N HIS A 138 22.08 11.75 -13.38
CA HIS A 138 20.94 12.23 -14.11
C HIS A 138 21.18 12.11 -15.60
N SER A 139 22.42 12.25 -16.03
CA SER A 139 22.74 12.11 -17.46
C SER A 139 22.68 10.68 -17.93
N ILE A 140 22.67 9.70 -17.03
CA ILE A 140 22.46 8.30 -17.43
C ILE A 140 21.15 7.81 -16.86
N ASN A 141 20.23 8.75 -16.63
CA ASN A 141 18.83 8.44 -16.27
C ASN A 141 18.69 7.72 -14.95
N ILE A 142 19.48 8.11 -13.97
CA ILE A 142 19.41 7.54 -12.64
C ILE A 142 19.09 8.62 -11.63
N ALA A 143 18.12 8.35 -10.77
CA ALA A 143 17.79 9.30 -9.68
C ALA A 143 18.22 8.70 -8.36
N HIS A 144 19.05 9.39 -7.62
CA HIS A 144 19.60 8.82 -6.38
C HIS A 144 18.55 8.70 -5.31
N ARG A 145 17.82 9.79 -5.05
CA ARG A 145 16.73 9.84 -4.06
C ARG A 145 17.17 9.62 -2.61
N ASP A 146 18.41 9.87 -2.31
CA ASP A 146 18.87 9.80 -0.94
C ASP A 146 20.16 10.57 -0.77
N VAL A 147 20.24 11.74 -1.39
CA VAL A 147 21.41 12.55 -1.34
C VAL A 147 21.39 13.35 -0.05
N LYS A 148 22.13 12.91 0.94
CA LYS A 148 22.24 13.64 2.20
C LYS A 148 23.64 13.45 2.72
N PRO A 149 24.04 14.25 3.73
CA PRO A 149 25.45 14.27 4.16
C PRO A 149 25.94 12.94 4.74
N GLU A 150 25.06 12.18 5.34
CA GLU A 150 25.42 10.86 5.81
C GLU A 150 25.94 10.00 4.68
N ASN A 151 25.54 10.31 3.44
CA ASN A 151 25.94 9.55 2.28
C ASN A 151 26.88 10.36 1.43
N LEU A 152 27.59 11.30 2.04
CA LEU A 152 28.72 11.91 1.37
C LEU A 152 30.01 11.81 2.23
N LEU A 153 30.93 10.90 1.88
CA LEU A 153 32.14 10.62 2.66
C LEU A 153 33.39 10.95 1.86
N TYR A 154 34.47 11.28 2.57
CA TYR A 154 35.76 11.53 1.94
C TYR A 154 36.57 10.24 1.87
N THR A 155 37.42 10.14 0.85
CA THR A 155 38.22 8.94 0.59
C THR A 155 39.29 8.73 1.66
N SER A 156 39.94 9.81 2.10
CA SER A 156 40.98 9.75 3.14
C SER A 156 40.94 10.96 4.05
N LYS A 157 41.60 10.86 5.22
CA LYS A 157 41.69 11.96 6.23
C LYS A 157 42.56 13.11 5.69
N ARG A 158 43.42 12.77 4.72
CA ARG A 158 44.16 13.73 3.87
C ARG A 158 43.30 14.94 3.42
N PRO A 159 43.90 16.13 3.25
CA PRO A 159 43.09 17.27 2.77
C PRO A 159 42.93 17.36 1.20
N ASN A 160 43.59 16.48 0.45
CA ASN A 160 43.39 16.38 -1.00
C ASN A 160 42.29 15.34 -1.33
N ALA A 161 41.68 14.76 -0.28
CA ALA A 161 40.65 13.72 -0.44
C ALA A 161 39.50 14.17 -1.41
N ILE A 162 39.01 13.25 -2.25
CA ILE A 162 37.87 13.56 -3.10
C ILE A 162 36.57 13.07 -2.44
N LEU A 163 35.50 13.87 -2.55
CA LEU A 163 34.18 13.59 -1.89
C LEU A 163 33.34 12.73 -2.78
N LYS A 164 32.68 11.75 -2.20
CA LYS A 164 32.04 10.71 -2.96
C LYS A 164 30.66 10.35 -2.42
N LEU A 165 29.71 10.14 -3.35
CA LEU A 165 28.34 9.82 -2.95
C LEU A 165 28.17 8.35 -2.78
N THR A 166 27.37 7.92 -1.81
CA THR A 166 27.20 6.49 -1.52
C THR A 166 25.72 6.14 -1.31
N ASP A 167 25.42 4.88 -1.03
CA ASP A 167 24.06 4.37 -0.70
C ASP A 167 23.10 4.51 -1.84
N PHE A 168 23.04 3.51 -2.72
CA PHE A 168 22.15 3.50 -3.87
C PHE A 168 20.92 2.69 -3.62
N GLY A 169 20.53 2.59 -2.37
CA GLY A 169 19.40 1.77 -1.97
C GLY A 169 18.03 2.30 -2.35
N PHE A 170 17.91 3.62 -2.55
CA PHE A 170 16.70 4.25 -3.07
C PHE A 170 16.87 4.67 -4.55
N ALA A 171 18.02 4.35 -5.16
CA ALA A 171 18.30 4.75 -6.55
C ALA A 171 17.27 4.12 -7.45
N LYS A 172 16.93 4.80 -8.51
CA LYS A 172 15.89 4.35 -9.40
C LYS A 172 16.13 4.91 -10.81
N GLU A 173 15.87 4.10 -11.83
CA GLU A 173 16.08 4.54 -13.20
C GLU A 173 14.89 5.34 -13.64
N THR A 174 15.15 6.40 -14.40
CA THR A 174 14.12 7.38 -14.77
C THR A 174 13.55 7.16 -16.18
N THR A 175 13.93 6.07 -16.85
CA THR A 175 13.46 5.79 -18.20
C THR A 175 13.81 4.38 -18.66
N SER A 176 13.01 3.85 -19.61
CA SER A 176 13.28 2.51 -20.24
C SER A 176 14.58 2.52 -21.11
N PRO A 187 15.85 14.60 -36.67
CA PRO A 187 14.84 15.25 -35.80
C PRO A 187 15.46 16.08 -34.67
N TYR A 188 15.78 17.31 -35.00
CA TYR A 188 16.47 18.23 -34.11
C TYR A 188 15.53 19.15 -33.33
N TYR A 189 14.23 19.03 -33.61
CA TYR A 189 13.20 19.92 -33.04
C TYR A 189 12.29 19.22 -32.05
N VAL A 190 12.49 17.92 -31.91
CA VAL A 190 11.80 17.12 -30.91
C VAL A 190 12.07 17.67 -29.47
N ALA A 191 11.00 17.98 -28.76
CA ALA A 191 11.12 18.58 -27.46
C ALA A 191 11.39 17.48 -26.44
N PRO A 192 12.00 17.84 -25.30
CA PRO A 192 12.30 16.87 -24.27
C PRO A 192 11.12 16.04 -23.83
N GLU A 193 9.92 16.65 -23.78
CA GLU A 193 8.66 15.97 -23.37
C GLU A 193 8.34 14.79 -24.30
N VAL A 194 8.57 15.00 -25.60
CA VAL A 194 8.28 14.01 -26.63
C VAL A 194 9.24 12.79 -26.53
N LEU A 195 10.49 12.99 -26.08
CA LEU A 195 11.44 11.89 -25.88
C LEU A 195 10.95 10.82 -24.90
N GLY A 196 10.00 11.18 -24.04
CA GLY A 196 9.32 10.20 -23.21
C GLY A 196 9.01 10.72 -21.83
N PRO A 197 8.13 10.01 -21.10
CA PRO A 197 7.77 10.37 -19.72
C PRO A 197 8.78 9.86 -18.66
N GLU A 198 9.05 10.70 -17.66
CA GLU A 198 9.93 10.32 -16.53
C GLU A 198 9.13 10.05 -15.24
N ASP A 201 11.06 10.75 -9.95
CA ASP A 201 11.57 12.07 -10.37
C ASP A 201 12.92 12.40 -9.73
N LYS A 202 13.70 13.17 -10.46
CA LYS A 202 15.03 13.50 -10.05
C LYS A 202 15.14 14.91 -9.50
N SER A 203 14.04 15.64 -9.43
CA SER A 203 14.04 16.97 -8.80
C SER A 203 14.30 16.87 -7.33
N CYS A 204 14.00 15.73 -6.72
CA CYS A 204 14.24 15.57 -5.28
C CYS A 204 15.73 15.62 -4.97
N ASP A 205 16.56 15.23 -5.94
CA ASP A 205 18.02 15.35 -5.84
C ASP A 205 18.50 16.78 -5.74
N MET A 206 17.90 17.62 -6.55
CA MET A 206 18.16 19.02 -6.51
C MET A 206 17.61 19.71 -5.23
N TRP A 207 16.50 19.24 -4.72
CA TRP A 207 16.04 19.78 -3.46
C TRP A 207 17.11 19.49 -2.40
N SER A 208 17.51 18.23 -2.34
CA SER A 208 18.56 17.77 -1.43
C SER A 208 19.87 18.56 -1.59
N LEU A 209 20.21 18.88 -2.81
CA LEU A 209 21.35 19.71 -3.08
C LEU A 209 21.15 21.07 -2.42
N GLY A 210 19.95 21.61 -2.47
CA GLY A 210 19.68 22.93 -1.86
C GLY A 210 19.78 22.92 -0.33
N VAL A 211 19.28 21.87 0.27
CA VAL A 211 19.40 21.75 1.72
C VAL A 211 20.89 21.64 2.12
N ILE A 212 21.64 20.81 1.42
CA ILE A 212 23.06 20.60 1.73
C ILE A 212 23.82 21.91 1.59
N MET A 213 23.55 22.66 0.53
CA MET A 213 24.23 23.96 0.31
C MET A 213 23.85 24.93 1.45
N TYR A 214 22.65 24.81 1.99
CA TYR A 214 22.20 25.74 3.03
C TYR A 214 23.01 25.51 4.27
N ILE A 215 22.99 24.28 4.76
CA ILE A 215 23.82 23.85 5.88
C ILE A 215 25.33 24.11 5.67
N LEU A 216 25.83 23.97 4.47
CA LEU A 216 27.23 24.26 4.27
C LEU A 216 27.53 25.72 4.49
N LEU A 217 26.67 26.61 4.02
CA LEU A 217 26.98 28.05 4.12
C LEU A 217 26.72 28.65 5.50
N CYS A 218 25.96 27.95 6.35
CA CYS A 218 25.56 28.52 7.65
C CYS A 218 25.87 27.60 8.81
N GLY A 219 25.33 26.39 8.80
CA GLY A 219 25.68 25.35 9.79
C GLY A 219 24.49 24.65 10.39
N TYR A 220 23.32 24.85 9.78
CA TYR A 220 22.05 24.28 10.30
C TYR A 220 21.01 24.22 9.18
N PRO A 221 20.06 23.31 9.29
CA PRO A 221 19.14 23.17 8.18
C PRO A 221 18.27 24.39 7.96
N PRO A 222 17.68 24.50 6.77
CA PRO A 222 16.68 25.52 6.58
C PRO A 222 15.30 25.13 7.11
N PHE A 223 15.10 23.90 7.56
CA PHE A 223 13.84 23.50 8.17
C PHE A 223 14.04 22.67 9.46
N TYR A 224 14.21 23.38 10.60
CA TYR A 224 14.40 22.75 11.94
C TYR A 224 13.08 22.11 12.44
N SER A 225 13.07 21.69 13.71
CA SER A 225 11.82 21.29 14.40
C SER A 225 11.59 22.06 15.71
N ILE A 231 6.35 22.84 15.36
CA ILE A 231 7.58 22.13 15.70
C ILE A 231 7.82 21.03 14.65
N SER A 232 7.13 19.88 14.74
CA SER A 232 7.25 18.77 13.74
C SER A 232 6.11 18.64 12.68
N PRO A 233 4.83 18.69 13.09
CA PRO A 233 3.76 18.91 12.07
C PRO A 233 3.77 20.34 11.48
N GLY A 234 4.42 21.26 12.20
CA GLY A 234 4.74 22.59 11.72
C GLY A 234 5.94 22.64 10.79
N MET A 235 6.86 21.68 10.93
CA MET A 235 7.97 21.49 9.98
C MET A 235 7.48 20.90 8.65
N LYS A 236 6.54 19.99 8.70
CA LYS A 236 5.87 19.53 7.48
C LYS A 236 5.23 20.72 6.73
N THR A 237 4.75 21.73 7.47
CA THR A 237 4.11 22.91 6.87
C THR A 237 5.15 23.80 6.21
N ARG A 238 6.14 24.21 6.98
CA ARG A 238 7.24 25.05 6.48
C ARG A 238 7.89 24.54 5.17
N ILE A 239 7.99 23.24 5.01
CA ILE A 239 8.45 22.62 3.79
C ILE A 239 7.40 22.82 2.71
N ARG A 240 6.17 22.34 2.94
CA ARG A 240 5.09 22.42 1.93
C ARG A 240 4.91 23.89 1.48
N MET A 241 4.91 24.82 2.44
CA MET A 241 4.71 26.25 2.16
C MET A 241 5.95 26.87 1.47
N GLY A 242 7.13 26.52 1.96
CA GLY A 242 8.37 26.99 1.39
C GLY A 242 8.88 28.15 2.20
N GLN A 243 8.76 28.06 3.53
CA GLN A 243 9.15 29.17 4.40
C GLN A 243 10.36 28.88 5.21
N TYR A 244 11.42 29.64 4.92
CA TYR A 244 12.74 29.52 5.55
C TYR A 244 13.40 30.90 5.42
N GLU A 245 14.38 31.16 6.26
CA GLU A 245 14.97 32.46 6.32
C GLU A 245 16.47 32.32 6.08
N PHE A 246 17.12 33.44 5.78
CA PHE A 246 18.59 33.58 5.76
C PHE A 246 19.09 34.47 6.92
N PRO A 247 18.88 34.05 8.17
CA PRO A 247 19.07 34.94 9.31
C PRO A 247 20.51 35.35 9.53
N ASN A 248 20.70 36.60 9.97
CA ASN A 248 22.01 37.08 10.43
C ASN A 248 22.25 36.57 11.85
N PRO A 249 23.52 36.53 12.28
CA PRO A 249 24.74 37.03 11.61
C PRO A 249 25.38 36.01 10.69
N GLU A 250 24.74 34.86 10.53
CA GLU A 250 25.29 33.79 9.69
C GLU A 250 25.33 34.21 8.21
N TRP A 251 24.24 34.79 7.73
CA TRP A 251 24.01 35.02 6.30
C TRP A 251 24.30 36.44 5.84
N SER A 252 24.61 37.33 6.77
CA SER A 252 24.77 38.77 6.46
C SER A 252 25.83 39.02 5.39
N GLU A 253 26.95 38.32 5.55
CA GLU A 253 28.14 38.47 4.68
C GLU A 253 28.03 37.66 3.36
N VAL A 254 27.00 36.81 3.24
CA VAL A 254 26.78 35.96 2.04
C VAL A 254 25.98 36.67 0.96
N SER A 255 26.42 36.53 -0.29
CA SER A 255 25.91 37.36 -1.39
C SER A 255 24.50 37.05 -1.75
N GLU A 256 23.88 37.97 -2.46
CA GLU A 256 22.52 37.78 -2.99
C GLU A 256 22.48 36.70 -4.08
N GLU A 257 23.57 36.59 -4.84
CA GLU A 257 23.75 35.56 -5.85
C GLU A 257 23.65 34.17 -5.25
N VAL A 258 24.34 33.95 -4.16
CA VAL A 258 24.33 32.65 -3.51
C VAL A 258 22.97 32.32 -2.90
N LYS A 259 22.32 33.32 -2.33
CA LYS A 259 21.01 33.14 -1.74
C LYS A 259 19.96 32.84 -2.81
N MET A 260 20.16 33.46 -3.96
CA MET A 260 19.30 33.25 -5.12
C MET A 260 19.40 31.80 -5.60
N LEU A 261 20.62 31.28 -5.66
CA LEU A 261 20.85 29.88 -6.05
C LEU A 261 20.15 28.92 -5.09
N ILE A 262 20.30 29.15 -3.79
CA ILE A 262 19.57 28.35 -2.81
C ILE A 262 18.07 28.44 -3.06
N ARG A 263 17.56 29.64 -3.32
CA ARG A 263 16.14 29.86 -3.53
C ARG A 263 15.59 29.08 -4.75
N ASN A 264 16.35 29.03 -5.83
CA ASN A 264 15.98 28.24 -7.00
C ASN A 264 16.10 26.73 -6.75
N LEU A 265 16.93 26.33 -5.79
CA LEU A 265 17.03 24.89 -5.49
C LEU A 265 15.88 24.48 -4.60
N LEU A 266 15.47 25.39 -3.72
CA LEU A 266 14.47 25.08 -2.71
C LEU A 266 13.07 25.50 -3.17
N LYS A 267 12.85 25.54 -4.47
CA LYS A 267 11.55 25.80 -5.02
C LYS A 267 10.62 24.69 -4.63
N THR A 268 9.45 25.03 -4.15
CA THR A 268 8.45 24.08 -3.69
C THR A 268 7.94 23.21 -4.82
N GLU A 269 7.71 23.83 -5.95
CA GLU A 269 7.13 23.09 -7.07
C GLU A 269 8.30 22.48 -7.87
N PRO A 270 8.27 21.15 -8.07
CA PRO A 270 9.39 20.50 -8.72
C PRO A 270 9.68 20.99 -10.13
N THR A 271 8.65 21.22 -10.92
CA THR A 271 8.85 21.77 -12.28
C THR A 271 9.49 23.16 -12.28
N GLN A 272 9.27 23.95 -11.24
CA GLN A 272 9.94 25.26 -11.15
C GLN A 272 11.41 25.17 -10.75
N ARG A 273 11.78 24.09 -10.09
CA ARG A 273 13.08 23.97 -9.47
C ARG A 273 14.18 23.87 -10.49
N MET A 274 15.38 24.24 -10.08
CA MET A 274 16.57 24.19 -10.94
C MET A 274 16.96 22.74 -11.32
N THR A 275 17.36 22.57 -12.57
CA THR A 275 17.90 21.30 -13.05
C THR A 275 19.40 21.23 -12.80
N ILE A 276 19.98 20.03 -12.89
CA ILE A 276 21.40 19.83 -12.60
C ILE A 276 22.25 20.56 -13.60
N THR A 277 21.84 20.55 -14.85
CA THR A 277 22.60 21.26 -15.91
C THR A 277 22.61 22.76 -15.66
N GLU A 278 21.52 23.29 -15.19
CA GLU A 278 21.47 24.69 -14.90
C GLU A 278 22.35 25.02 -13.68
N PHE A 279 22.35 24.15 -12.70
CA PHE A 279 23.13 24.35 -11.49
C PHE A 279 24.62 24.41 -11.79
N MET A 280 25.10 23.46 -12.58
CA MET A 280 26.50 23.34 -12.89
C MET A 280 26.94 24.48 -13.79
N ASN A 281 26.05 25.02 -14.59
CA ASN A 281 26.41 26.19 -15.42
C ASN A 281 26.46 27.51 -14.64
N HIS A 282 25.94 27.50 -13.44
CA HIS A 282 25.85 28.71 -12.65
C HIS A 282 27.23 29.15 -12.23
N PRO A 283 27.58 30.46 -12.44
CA PRO A 283 28.91 31.02 -12.14
C PRO A 283 29.51 30.60 -10.78
N TRP A 284 28.74 30.71 -9.71
CA TRP A 284 29.26 30.32 -8.41
C TRP A 284 29.83 28.90 -8.43
N ILE A 285 29.18 27.99 -9.15
CA ILE A 285 29.66 26.62 -9.25
C ILE A 285 30.73 26.53 -10.33
N MET A 286 30.41 27.07 -11.50
CA MET A 286 31.30 27.06 -12.66
C MET A 286 32.67 27.72 -12.41
N GLN A 287 32.71 28.73 -11.52
CA GLN A 287 33.94 29.42 -11.14
C GLN A 287 34.27 29.18 -9.65
N SER A 288 34.52 27.93 -9.28
CA SER A 288 34.92 27.58 -7.92
C SER A 288 36.31 28.08 -7.62
N THR A 289 37.12 28.24 -8.68
CA THR A 289 38.44 28.84 -8.57
C THR A 289 38.33 30.36 -8.23
N LYS A 290 37.65 31.12 -9.09
CA LYS A 290 37.58 32.58 -8.99
C LYS A 290 36.43 33.11 -8.12
N VAL A 291 36.37 32.66 -6.86
CA VAL A 291 35.24 32.97 -5.95
C VAL A 291 35.71 33.43 -4.55
N PRO A 292 35.07 34.46 -4.00
CA PRO A 292 35.46 35.04 -2.69
C PRO A 292 35.79 34.00 -1.63
N GLN A 293 36.67 34.37 -0.70
CA GLN A 293 37.01 33.50 0.44
C GLN A 293 36.36 33.97 1.73
N THR A 294 35.24 34.65 1.60
CA THR A 294 34.61 35.30 2.74
C THR A 294 34.26 34.29 3.84
N PRO A 295 34.88 34.37 5.03
CA PRO A 295 34.70 33.32 6.04
C PRO A 295 33.25 33.03 6.39
N LEU A 296 32.98 31.79 6.76
CA LEU A 296 31.66 31.33 7.19
C LEU A 296 31.68 30.91 8.65
N HIS A 297 30.51 30.98 9.27
CA HIS A 297 30.30 30.59 10.66
C HIS A 297 30.05 29.08 10.77
N THR A 298 30.19 28.37 9.65
CA THR A 298 29.80 26.95 9.57
C THR A 298 30.50 26.13 10.63
N SER A 299 31.83 26.23 10.63
CA SER A 299 32.67 25.44 11.53
C SER A 299 32.28 25.68 12.98
N ARG A 300 32.06 26.95 13.32
CA ARG A 300 31.65 27.32 14.66
C ARG A 300 30.29 26.73 15.01
N VAL A 301 29.31 26.99 14.15
CA VAL A 301 27.91 26.63 14.44
C VAL A 301 27.72 25.11 14.48
N LEU A 302 28.52 24.45 13.64
CA LEU A 302 28.45 23.03 13.50
C LEU A 302 28.96 22.36 14.78
N LYS A 303 29.91 23.02 15.44
CA LYS A 303 30.53 22.52 16.69
C LYS A 303 29.51 22.21 17.80
N GLU A 304 28.36 22.88 17.79
CA GLU A 304 27.28 22.58 18.74
C GLU A 304 26.70 21.18 18.54
N ASP A 305 27.28 20.21 19.24
CA ASP A 305 26.85 18.81 19.18
C ASP A 305 25.56 18.57 19.98
N LYS A 306 25.46 19.18 21.17
CA LYS A 306 24.31 18.98 22.08
C LYS A 306 24.08 17.47 22.33
N GLU A 307 25.03 16.86 23.04
CA GLU A 307 25.07 15.41 23.28
C GLU A 307 23.98 14.94 24.26
N PHE B 6 -19.46 44.14 -38.32
CA PHE B 6 -19.82 42.69 -38.36
C PHE B 6 -18.97 41.87 -39.38
N HIS B 7 -17.69 41.67 -39.02
CA HIS B 7 -16.71 41.02 -39.90
C HIS B 7 -16.84 39.49 -39.88
N VAL B 8 -17.47 38.96 -40.93
CA VAL B 8 -17.73 37.54 -41.07
C VAL B 8 -16.98 37.08 -42.28
N LYS B 9 -16.37 35.89 -42.24
CA LYS B 9 -15.73 35.30 -43.41
C LYS B 9 -16.45 34.02 -43.76
N SER B 10 -16.13 33.42 -44.90
CA SER B 10 -16.82 32.27 -45.42
C SER B 10 -16.43 31.05 -44.66
N GLY B 11 -17.39 30.13 -44.59
CA GLY B 11 -17.13 28.79 -44.16
C GLY B 11 -16.39 27.99 -45.19
N LEU B 12 -15.81 26.87 -44.78
CA LEU B 12 -15.13 25.97 -45.65
C LEU B 12 -16.13 25.22 -46.53
N GLN B 13 -15.97 25.34 -47.83
CA GLN B 13 -16.76 24.59 -48.77
C GLN B 13 -15.94 23.51 -49.42
N ILE B 14 -16.32 22.28 -49.23
CA ILE B 14 -15.60 21.22 -49.90
C ILE B 14 -16.27 20.99 -51.26
N LYS B 15 -15.56 21.35 -52.33
CA LYS B 15 -16.04 21.22 -53.68
C LYS B 15 -16.02 19.77 -54.10
N LYS B 16 -17.14 19.29 -54.65
CA LYS B 16 -17.26 17.91 -55.18
C LYS B 16 -16.94 17.78 -56.68
N ASN B 17 -16.95 18.88 -57.41
CA ASN B 17 -16.68 18.83 -58.83
C ASN B 17 -15.22 18.49 -59.17
N ALA B 18 -14.99 17.92 -60.33
CA ALA B 18 -13.62 17.51 -60.65
C ALA B 18 -12.77 18.73 -60.64
N ILE B 19 -11.62 18.65 -59.98
CA ILE B 19 -10.67 19.75 -59.90
C ILE B 19 -10.20 20.20 -61.27
N ILE B 20 -10.12 19.27 -62.21
CA ILE B 20 -9.67 19.60 -63.57
C ILE B 20 -10.61 20.58 -64.31
N ASP B 21 -11.86 20.71 -63.87
CA ASP B 21 -12.75 21.77 -64.38
C ASP B 21 -12.25 23.19 -64.08
N ASP B 22 -11.56 23.37 -62.95
CA ASP B 22 -11.18 24.71 -62.47
C ASP B 22 -9.71 24.97 -62.57
N TYR B 23 -8.91 23.92 -62.60
CA TYR B 23 -7.45 24.06 -62.56
C TYR B 23 -6.88 23.12 -63.58
N LYS B 24 -5.70 23.49 -64.11
CA LYS B 24 -4.83 22.64 -64.93
C LYS B 24 -3.78 22.06 -63.97
N VAL B 25 -3.87 20.76 -63.74
CA VAL B 25 -2.94 20.08 -62.83
C VAL B 25 -1.76 19.53 -63.60
N THR B 26 -0.56 19.98 -63.27
CA THR B 26 0.67 19.52 -63.94
C THR B 26 1.33 18.43 -63.12
N SER B 27 2.35 17.83 -63.70
CA SER B 27 3.13 16.81 -62.99
C SER B 27 4.41 17.43 -62.38
N GLN B 28 4.56 18.74 -62.44
CA GLN B 28 5.74 19.37 -61.88
C GLN B 28 5.68 19.30 -60.36
N VAL B 29 6.67 18.63 -59.76
CA VAL B 29 6.74 18.46 -58.30
C VAL B 29 7.45 19.62 -57.66
N LEU B 30 6.73 20.38 -56.85
CA LEU B 30 7.29 21.55 -56.13
C LEU B 30 8.10 21.09 -54.92
N GLY B 31 7.65 20.02 -54.28
CA GLY B 31 8.34 19.45 -53.14
C GLY B 31 7.72 18.18 -52.65
N LEU B 32 8.55 17.19 -52.35
CA LEU B 32 8.10 15.93 -51.73
C LEU B 32 8.00 16.14 -50.22
N GLY B 33 7.00 15.54 -49.58
CA GLY B 33 6.75 15.78 -48.17
C GLY B 33 6.13 14.61 -47.41
N ILE B 34 5.59 14.95 -46.24
CA ILE B 34 5.05 13.96 -45.31
C ILE B 34 3.84 13.24 -45.88
N ASN B 35 2.86 14.02 -46.30
CA ASN B 35 1.61 13.45 -46.81
C ASN B 35 1.69 13.12 -48.31
N GLY B 36 2.83 13.42 -48.94
CA GLY B 36 3.03 13.12 -50.37
C GLY B 36 3.61 14.29 -51.14
N LYS B 37 3.60 14.12 -52.47
CA LYS B 37 4.12 15.13 -53.41
C LYS B 37 3.25 16.41 -53.42
N VAL B 38 3.89 17.57 -53.45
CA VAL B 38 3.23 18.86 -53.68
C VAL B 38 3.35 19.31 -55.15
N LEU B 39 2.23 19.30 -55.88
CA LEU B 39 2.22 19.55 -57.33
C LEU B 39 1.90 20.98 -57.68
N GLN B 40 2.50 21.49 -58.75
CA GLN B 40 2.17 22.84 -59.27
C GLN B 40 0.95 22.77 -60.19
N ILE B 41 -0.03 23.64 -59.96
CA ILE B 41 -1.25 23.63 -60.73
C ILE B 41 -1.56 25.07 -61.14
N PHE B 42 -2.45 25.20 -62.13
CA PHE B 42 -2.77 26.50 -62.71
C PHE B 42 -4.30 26.73 -62.73
N ASN B 43 -4.74 27.88 -62.20
CA ASN B 43 -6.15 28.28 -62.27
C ASN B 43 -6.53 28.60 -63.72
N LYS B 44 -7.48 27.85 -64.30
CA LYS B 44 -7.86 28.02 -65.72
C LYS B 44 -8.32 29.44 -66.05
N ARG B 45 -9.11 30.01 -65.18
CA ARG B 45 -9.77 31.27 -65.38
C ARG B 45 -8.85 32.41 -65.10
N THR B 46 -7.75 32.22 -64.38
CA THR B 46 -6.89 33.33 -63.97
C THR B 46 -5.49 33.12 -64.44
N GLN B 47 -5.10 31.88 -64.56
CA GLN B 47 -3.80 31.48 -65.05
C GLN B 47 -2.64 31.62 -64.00
N GLU B 48 -3.00 31.95 -62.75
CA GLU B 48 -2.08 32.01 -61.60
C GLU B 48 -1.57 30.62 -61.18
N LYS B 49 -0.34 30.57 -60.66
CA LYS B 49 0.26 29.34 -60.12
C LYS B 49 -0.27 29.11 -58.65
N PHE B 50 -0.62 27.85 -58.38
CA PHE B 50 -1.03 27.40 -57.06
C PHE B 50 -0.42 26.04 -56.76
N ALA B 51 -0.28 25.71 -55.48
CA ALA B 51 0.26 24.45 -55.04
C ALA B 51 -0.88 23.56 -54.71
N LEU B 52 -0.70 22.27 -54.87
CA LEU B 52 -1.72 21.28 -54.66
C LEU B 52 -1.15 20.16 -53.81
N LYS B 53 -1.86 19.85 -52.73
CA LYS B 53 -1.51 18.78 -51.84
C LYS B 53 -2.66 17.76 -51.82
N MET B 54 -2.34 16.49 -51.96
CA MET B 54 -3.33 15.41 -51.98
C MET B 54 -3.25 14.47 -50.80
N LEU B 55 -4.39 14.18 -50.18
CA LEU B 55 -4.47 13.30 -49.06
C LEU B 55 -5.60 12.34 -49.24
N GLN B 56 -5.47 11.15 -48.66
CA GLN B 56 -6.58 10.21 -48.60
C GLN B 56 -7.66 10.83 -47.70
N ASP B 57 -8.90 10.83 -48.16
CA ASP B 57 -10.00 11.48 -47.46
C ASP B 57 -10.50 10.68 -46.28
N CYS B 58 -10.17 11.12 -45.08
CA CYS B 58 -10.61 10.50 -43.84
C CYS B 58 -10.90 11.59 -42.81
N PRO B 59 -11.59 11.24 -41.71
CA PRO B 59 -11.97 12.31 -40.79
C PRO B 59 -10.75 13.05 -40.20
N LYS B 60 -9.66 12.33 -39.99
CA LYS B 60 -8.44 12.96 -39.51
C LYS B 60 -7.97 14.02 -40.53
N ALA B 61 -7.97 13.64 -41.82
CA ALA B 61 -7.59 14.52 -42.94
C ALA B 61 -8.52 15.71 -42.97
N ARG B 62 -9.82 15.47 -42.78
CA ARG B 62 -10.80 16.54 -42.85
C ARG B 62 -10.66 17.48 -41.70
N ARG B 63 -10.06 16.98 -40.63
CA ARG B 63 -9.95 17.78 -39.43
C ARG B 63 -8.80 18.77 -39.54
N GLU B 64 -7.70 18.29 -40.10
CA GLU B 64 -6.49 19.12 -40.30
C GLU B 64 -6.75 20.26 -41.27
N VAL B 65 -7.41 19.91 -42.39
CA VAL B 65 -7.79 20.86 -43.41
C VAL B 65 -8.71 21.94 -42.86
N GLU B 66 -9.58 21.54 -41.95
CA GLU B 66 -10.50 22.45 -41.39
C GLU B 66 -9.75 23.39 -40.49
N LEU B 67 -8.65 22.94 -39.89
CA LEU B 67 -7.86 23.81 -38.98
C LEU B 67 -7.06 24.78 -39.77
N HIS B 68 -6.44 24.28 -40.84
CA HIS B 68 -5.66 25.09 -41.77
C HIS B 68 -6.53 26.16 -42.36
N TRP B 69 -7.73 25.80 -42.81
CA TRP B 69 -8.68 26.79 -43.33
C TRP B 69 -8.92 27.97 -42.36
N ARG B 70 -9.19 27.64 -41.10
CA ARG B 70 -9.37 28.66 -40.08
C ARG B 70 -8.14 29.52 -39.93
N ALA B 71 -6.98 28.90 -40.06
CA ALA B 71 -5.71 29.55 -39.89
C ALA B 71 -5.37 30.41 -41.08
N SER B 72 -6.03 30.19 -42.22
CA SER B 72 -5.58 30.81 -43.49
C SER B 72 -5.81 32.34 -43.53
N GLN B 73 -6.60 32.83 -42.58
CA GLN B 73 -6.82 34.26 -42.40
C GLN B 73 -5.55 34.96 -41.92
N CYS B 74 -4.68 34.24 -41.20
CA CYS B 74 -3.42 34.81 -40.70
C CYS B 74 -2.40 35.08 -41.83
N PRO B 75 -1.92 36.32 -41.94
CA PRO B 75 -0.89 36.73 -42.87
C PRO B 75 0.34 35.85 -42.99
N HIS B 76 0.80 35.21 -41.92
CA HIS B 76 2.01 34.37 -41.99
C HIS B 76 1.74 32.86 -42.01
N ILE B 77 0.56 32.45 -42.50
CA ILE B 77 0.23 31.01 -42.67
C ILE B 77 -0.20 30.77 -44.11
N VAL B 78 0.37 29.78 -44.77
CA VAL B 78 0.10 29.55 -46.14
C VAL B 78 -1.40 29.45 -46.28
N ARG B 79 -1.92 30.14 -47.32
CA ARG B 79 -3.38 30.35 -47.52
C ARG B 79 -4.02 29.22 -48.29
N ILE B 80 -5.08 28.59 -47.75
CA ILE B 80 -5.83 27.58 -48.52
C ILE B 80 -6.87 28.30 -49.35
N VAL B 81 -6.77 28.15 -50.65
CA VAL B 81 -7.61 28.89 -51.62
C VAL B 81 -8.89 28.13 -51.97
N ASP B 82 -8.80 26.85 -52.30
CA ASP B 82 -9.98 26.01 -52.23
C ASP B 82 -9.65 24.54 -51.99
N VAL B 83 -10.65 23.77 -51.55
CA VAL B 83 -10.49 22.34 -51.18
C VAL B 83 -11.49 21.46 -51.96
N TYR B 84 -11.03 20.39 -52.55
CA TYR B 84 -11.87 19.51 -53.32
C TYR B 84 -11.88 18.10 -52.69
N GLU B 85 -13.02 17.43 -52.75
CA GLU B 85 -13.16 16.01 -52.45
C GLU B 85 -13.59 15.28 -53.72
N ASN B 86 -12.65 14.62 -54.37
CA ASN B 86 -12.84 13.90 -55.64
C ASN B 86 -12.44 12.47 -55.46
N LEU B 87 -12.59 11.69 -56.51
CA LEU B 87 -12.39 10.27 -56.50
C LEU B 87 -11.19 10.02 -57.41
N TYR B 88 -10.16 9.42 -56.84
CA TYR B 88 -8.96 9.12 -57.59
C TYR B 88 -8.67 7.62 -57.46
N ALA B 89 -8.69 6.92 -58.59
CA ALA B 89 -8.40 5.46 -58.64
C ALA B 89 -9.42 4.69 -57.82
N GLY B 90 -10.67 5.14 -57.78
CA GLY B 90 -11.68 4.53 -56.88
C GLY B 90 -11.53 4.83 -55.37
N ARG B 91 -10.32 5.24 -54.94
CA ARG B 91 -10.12 5.76 -53.59
C ARG B 91 -10.61 7.23 -53.47
N LYS B 92 -11.29 7.53 -52.36
CA LYS B 92 -11.85 8.84 -52.07
C LYS B 92 -10.71 9.76 -51.61
N CYS B 93 -10.38 10.77 -52.38
CA CYS B 93 -9.26 11.65 -52.06
C CYS B 93 -9.69 13.04 -51.74
N LEU B 94 -8.76 13.79 -51.17
CA LEU B 94 -9.03 15.12 -50.67
C LEU B 94 -7.92 16.00 -51.24
N LEU B 95 -8.29 16.96 -52.10
CA LEU B 95 -7.33 17.77 -52.80
C LEU B 95 -7.31 19.16 -52.20
N ILE B 96 -6.14 19.63 -51.74
CA ILE B 96 -6.02 20.89 -51.03
C ILE B 96 -5.24 21.85 -51.90
N VAL B 97 -5.82 23.00 -52.23
CA VAL B 97 -5.16 23.93 -53.12
C VAL B 97 -4.73 25.15 -52.30
N MET B 98 -3.43 25.46 -52.34
CA MET B 98 -2.90 26.59 -51.57
C MET B 98 -2.23 27.59 -52.47
N GLU B 99 -2.11 28.79 -51.91
CA GLU B 99 -1.24 29.76 -52.49
C GLU B 99 0.10 29.11 -52.64
N CYS B 100 0.73 29.43 -53.73
CA CYS B 100 2.03 28.85 -54.05
C CYS B 100 3.16 29.72 -53.54
N LEU B 101 4.05 29.11 -52.79
CA LEU B 101 5.13 29.84 -52.22
C LEU B 101 6.35 29.52 -53.06
N ASP B 102 6.87 30.56 -53.75
CA ASP B 102 8.04 30.39 -54.66
C ASP B 102 9.37 30.85 -54.11
N GLY B 103 9.35 31.70 -53.08
CA GLY B 103 10.61 32.25 -52.53
C GLY B 103 11.59 31.30 -51.84
N GLY B 104 11.28 30.01 -51.70
CA GLY B 104 12.20 29.02 -51.08
C GLY B 104 12.13 28.99 -49.55
N GLU B 105 12.75 27.95 -48.97
CA GLU B 105 12.76 27.71 -47.51
C GLU B 105 13.49 28.81 -46.81
N LEU B 106 13.43 28.80 -45.48
CA LEU B 106 13.89 29.95 -44.64
C LEU B 106 15.41 30.15 -44.78
N PHE B 107 16.15 29.12 -44.48
CA PHE B 107 17.59 29.22 -44.46
C PHE B 107 18.20 29.35 -45.85
N SER B 108 17.50 28.80 -46.85
CA SER B 108 17.98 28.86 -48.22
C SER B 108 18.14 30.30 -48.67
N ARG B 109 17.18 31.15 -48.36
CA ARG B 109 17.28 32.57 -48.72
C ARG B 109 18.40 33.30 -48.01
N ILE B 110 18.70 32.87 -46.79
CA ILE B 110 19.67 33.56 -45.94
C ILE B 110 21.08 33.34 -46.48
N GLN B 111 21.39 32.09 -46.83
CA GLN B 111 22.75 31.76 -47.30
C GLN B 111 23.08 32.35 -48.70
N ASP B 112 22.04 32.67 -49.48
CA ASP B 112 22.22 33.22 -50.82
C ASP B 112 22.20 34.73 -50.81
N ARG B 113 23.05 35.32 -49.97
CA ARG B 113 23.31 36.77 -49.99
C ARG B 113 24.77 37.06 -49.55
N GLY B 114 25.70 36.19 -49.98
CA GLY B 114 27.10 36.24 -49.55
C GLY B 114 27.92 37.35 -50.20
N ALA B 117 26.01 39.63 -45.76
CA ALA B 117 26.06 39.82 -44.31
C ALA B 117 24.64 39.82 -43.73
N PHE B 118 24.44 38.94 -42.73
CA PHE B 118 23.14 38.74 -42.09
C PHE B 118 23.11 39.45 -40.72
N THR B 119 22.19 40.40 -40.57
CA THR B 119 22.09 41.21 -39.36
C THR B 119 21.14 40.66 -38.27
N GLU B 120 21.42 40.99 -37.01
CA GLU B 120 20.59 40.58 -35.87
C GLU B 120 19.15 41.09 -36.05
N ARG B 121 19.02 42.36 -36.45
CA ARG B 121 17.71 43.00 -36.73
C ARG B 121 16.84 42.17 -37.66
N GLU B 122 17.47 41.49 -38.61
CA GLU B 122 16.73 40.73 -39.59
C GLU B 122 16.30 39.37 -39.06
N ALA B 123 17.13 38.77 -38.22
CA ALA B 123 16.76 37.54 -37.46
C ALA B 123 15.51 37.78 -36.56
N SER B 124 15.51 38.92 -35.90
CA SER B 124 14.38 39.34 -35.09
C SER B 124 13.08 39.49 -35.92
N GLU B 125 13.21 40.07 -37.11
CA GLU B 125 12.04 40.30 -37.94
C GLU B 125 11.49 38.97 -38.39
N ILE B 126 12.39 38.01 -38.63
CA ILE B 126 11.97 36.66 -38.97
C ILE B 126 11.23 36.02 -37.79
N MET B 127 11.83 36.07 -36.62
CA MET B 127 11.25 35.44 -35.43
C MET B 127 9.93 36.08 -35.07
N LYS B 128 9.77 37.37 -35.36
CA LYS B 128 8.48 37.99 -35.14
C LYS B 128 7.45 37.42 -36.11
N SER B 129 7.87 37.18 -37.33
CA SER B 129 6.87 36.79 -38.30
C SER B 129 6.52 35.34 -38.00
N ILE B 130 7.51 34.53 -37.68
CA ILE B 130 7.19 33.14 -37.29
C ILE B 130 6.31 33.14 -36.04
N GLY B 131 6.58 34.04 -35.10
CA GLY B 131 5.83 34.09 -33.88
C GLY B 131 4.37 34.46 -34.06
N GLU B 132 4.09 35.32 -35.02
CA GLU B 132 2.70 35.73 -35.32
C GLU B 132 1.88 34.55 -35.85
N ALA B 133 2.55 33.67 -36.56
CA ALA B 133 1.87 32.50 -37.02
C ALA B 133 1.48 31.61 -35.84
N ILE B 134 2.40 31.42 -34.91
CA ILE B 134 2.14 30.64 -33.69
C ILE B 134 1.12 31.39 -32.79
N GLN B 135 1.26 32.68 -32.66
CA GLN B 135 0.33 33.39 -31.83
C GLN B 135 -1.13 33.20 -32.31
N TYR B 136 -1.35 33.26 -33.63
CA TYR B 136 -2.67 33.14 -34.22
C TYR B 136 -3.19 31.74 -33.92
N LEU B 137 -2.38 30.76 -34.22
CA LEU B 137 -2.76 29.38 -34.03
C LEU B 137 -3.09 29.09 -32.56
N HIS B 138 -2.24 29.58 -31.67
CA HIS B 138 -2.45 29.32 -30.26
C HIS B 138 -3.66 30.07 -29.77
N SER B 139 -3.90 31.25 -30.33
CA SER B 139 -5.05 32.09 -29.92
C SER B 139 -6.38 31.54 -30.39
N ILE B 140 -6.38 30.59 -31.32
CA ILE B 140 -7.61 29.91 -31.72
C ILE B 140 -7.49 28.43 -31.40
N ASN B 141 -6.70 28.12 -30.38
CA ASN B 141 -6.59 26.76 -29.81
C ASN B 141 -6.13 25.72 -30.78
N ILE B 142 -5.13 26.04 -31.58
CA ILE B 142 -4.52 25.09 -32.49
C ILE B 142 -3.03 25.00 -32.16
N ALA B 143 -2.54 23.79 -32.09
CA ALA B 143 -1.11 23.54 -31.88
C ALA B 143 -0.56 22.95 -33.17
N HIS B 144 0.43 23.60 -33.76
CA HIS B 144 1.00 23.13 -35.01
C HIS B 144 1.73 21.81 -34.86
N ARG B 145 2.63 21.70 -33.88
CA ARG B 145 3.42 20.49 -33.64
C ARG B 145 4.37 20.04 -34.80
N ASP B 146 4.71 20.94 -35.69
CA ASP B 146 5.68 20.61 -36.71
C ASP B 146 6.29 21.88 -37.28
N VAL B 147 6.68 22.80 -36.40
CA VAL B 147 7.24 24.05 -36.80
C VAL B 147 8.73 23.84 -36.96
N LYS B 148 9.19 23.76 -38.21
CA LYS B 148 10.61 23.65 -38.47
C LYS B 148 10.85 24.35 -39.77
N PRO B 149 12.13 24.64 -40.11
CA PRO B 149 12.45 25.45 -41.28
C PRO B 149 11.94 24.89 -42.60
N GLU B 150 11.94 23.58 -42.75
CA GLU B 150 11.36 22.97 -43.92
C GLU B 150 9.95 23.49 -44.18
N ASN B 151 9.22 23.88 -43.13
CA ASN B 151 7.84 24.27 -43.26
C ASN B 151 7.71 25.72 -43.07
N LEU B 152 8.80 26.47 -43.26
CA LEU B 152 8.69 27.93 -43.36
C LEU B 152 9.24 28.46 -44.71
N LEU B 153 8.34 28.78 -45.65
CA LEU B 153 8.72 29.21 -47.02
C LEU B 153 8.34 30.65 -47.33
N TYR B 154 9.09 31.28 -48.22
CA TYR B 154 8.77 32.65 -48.65
C TYR B 154 7.83 32.62 -49.84
N THR B 155 7.01 33.67 -49.96
CA THR B 155 6.01 33.77 -51.03
C THR B 155 6.69 33.96 -52.40
N SER B 156 7.68 34.83 -52.46
CA SER B 156 8.40 35.11 -53.71
C SER B 156 9.88 35.29 -53.46
N LYS B 157 10.68 35.24 -54.54
CA LYS B 157 12.16 35.41 -54.51
C LYS B 157 12.49 36.88 -54.25
N ARG B 158 11.50 37.76 -54.49
CA ARG B 158 11.54 39.16 -54.06
C ARG B 158 12.04 39.35 -52.60
N PRO B 159 12.75 40.44 -52.30
CA PRO B 159 13.18 40.64 -50.88
C PRO B 159 12.07 41.24 -49.90
N ASN B 160 10.93 41.67 -50.46
CA ASN B 160 9.75 42.07 -49.68
C ASN B 160 8.86 40.85 -49.36
N ALA B 161 9.29 39.65 -49.76
CA ALA B 161 8.52 38.41 -49.55
C ALA B 161 8.11 38.23 -48.07
N ILE B 162 6.87 37.79 -47.84
CA ILE B 162 6.40 37.48 -46.49
C ILE B 162 6.56 36.00 -46.19
N LEU B 163 7.13 35.68 -45.02
CA LEU B 163 7.40 34.29 -44.58
C LEU B 163 6.16 33.64 -44.00
N LYS B 164 5.90 32.41 -44.39
CA LYS B 164 4.64 31.74 -44.12
C LYS B 164 4.81 30.29 -43.65
N LEU B 165 3.97 29.88 -42.71
CA LEU B 165 4.08 28.55 -42.13
C LEU B 165 3.21 27.56 -42.88
N THR B 166 3.68 26.33 -43.05
CA THR B 166 2.99 25.34 -43.86
C THR B 166 2.92 23.99 -43.16
N ASP B 167 2.24 23.01 -43.76
CA ASP B 167 2.18 21.61 -43.26
C ASP B 167 1.45 21.49 -41.94
N PHE B 168 0.13 21.32 -42.00
CA PHE B 168 -0.71 21.14 -40.83
C PHE B 168 -1.04 19.70 -40.60
N GLY B 169 -0.18 18.80 -41.06
CA GLY B 169 -0.42 17.36 -40.92
C GLY B 169 -0.37 16.83 -39.50
N PHE B 170 0.38 17.49 -38.60
CA PHE B 170 0.43 17.18 -37.19
C PHE B 170 -0.40 18.19 -36.33
N ALA B 171 -1.11 19.12 -36.99
CA ALA B 171 -1.86 20.17 -36.29
C ALA B 171 -2.93 19.50 -35.50
N LYS B 172 -3.24 20.07 -34.36
CA LYS B 172 -4.17 19.44 -33.45
C LYS B 172 -4.85 20.51 -32.60
N GLU B 173 -6.12 20.36 -32.33
CA GLU B 173 -6.87 21.32 -31.54
C GLU B 173 -6.65 21.05 -30.07
N THR B 174 -6.62 22.12 -29.27
CA THR B 174 -6.26 22.04 -27.86
C THR B 174 -7.45 22.25 -26.91
N THR B 175 -8.67 22.08 -27.43
CA THR B 175 -9.88 22.34 -26.64
C THR B 175 -11.14 21.92 -27.39
N SER B 176 -12.28 21.83 -26.68
CA SER B 176 -13.59 21.42 -27.28
C SER B 176 -14.21 22.47 -28.24
N PRO B 187 -17.63 36.93 -14.57
CA PRO B 187 -16.61 36.24 -13.76
C PRO B 187 -15.18 36.51 -14.26
N TYR B 188 -14.55 37.51 -13.66
CA TYR B 188 -13.27 38.02 -14.11
C TYR B 188 -12.09 37.47 -13.33
N TYR B 189 -12.37 36.60 -12.35
CA TYR B 189 -11.35 36.05 -11.43
C TYR B 189 -11.05 34.58 -11.70
N VAL B 190 -11.82 33.98 -12.61
CA VAL B 190 -11.60 32.61 -13.02
C VAL B 190 -10.18 32.49 -13.63
N ALA B 191 -9.42 31.53 -13.13
CA ALA B 191 -8.07 31.34 -13.56
C ALA B 191 -8.04 30.54 -14.85
N PRO B 192 -6.94 30.66 -15.61
CA PRO B 192 -6.70 29.89 -16.81
C PRO B 192 -6.97 28.40 -16.69
N GLU B 193 -6.55 27.80 -15.57
CA GLU B 193 -6.71 26.35 -15.36
C GLU B 193 -8.18 25.94 -15.32
N VAL B 194 -9.01 26.78 -14.71
CA VAL B 194 -10.45 26.52 -14.53
C VAL B 194 -11.22 26.54 -15.89
N LEU B 195 -10.79 27.37 -16.83
CA LEU B 195 -11.41 27.43 -18.17
C LEU B 195 -11.40 26.11 -18.93
N GLY B 196 -10.45 25.24 -18.60
CA GLY B 196 -10.49 23.87 -19.11
C GLY B 196 -9.11 23.24 -19.19
N PRO B 197 -9.08 21.91 -19.35
CA PRO B 197 -7.82 21.20 -19.56
C PRO B 197 -7.41 21.16 -21.05
N GLU B 198 -6.12 21.41 -21.34
CA GLU B 198 -5.59 21.38 -22.71
C GLU B 198 -4.86 20.07 -23.04
N ASP B 201 -0.26 19.41 -26.36
CA ASP B 201 0.35 20.64 -25.80
C ASP B 201 1.06 21.49 -26.88
N LYS B 202 1.00 22.80 -26.65
CA LYS B 202 1.53 23.77 -27.58
C LYS B 202 2.88 24.32 -27.19
N SER B 203 3.46 23.83 -26.11
CA SER B 203 4.79 24.25 -25.70
C SER B 203 5.79 23.71 -26.67
N CYS B 204 5.44 22.65 -27.40
CA CYS B 204 6.38 22.09 -28.36
C CYS B 204 6.65 23.06 -29.50
N ASP B 205 5.65 23.88 -29.84
CA ASP B 205 5.79 24.95 -30.83
C ASP B 205 6.78 26.02 -30.38
N MET B 206 6.78 26.32 -29.10
CA MET B 206 7.75 27.26 -28.53
C MET B 206 9.19 26.68 -28.41
N TRP B 207 9.30 25.40 -28.11
CA TRP B 207 10.60 24.76 -28.15
C TRP B 207 11.18 24.90 -29.54
N SER B 208 10.35 24.57 -30.52
CA SER B 208 10.69 24.69 -31.96
C SER B 208 11.09 26.11 -32.31
N LEU B 209 10.34 27.07 -31.80
CA LEU B 209 10.69 28.45 -32.02
C LEU B 209 12.11 28.73 -31.48
N GLY B 210 12.45 28.15 -30.33
CA GLY B 210 13.77 28.36 -29.74
C GLY B 210 14.89 27.77 -30.55
N VAL B 211 14.65 26.57 -31.06
CA VAL B 211 15.64 25.91 -31.91
C VAL B 211 15.88 26.76 -33.18
N ILE B 212 14.80 27.19 -33.81
CA ILE B 212 14.91 28.00 -35.02
C ILE B 212 15.70 29.28 -34.72
N MET B 213 15.41 29.92 -33.60
CA MET B 213 16.10 31.18 -33.25
C MET B 213 17.60 30.89 -33.07
N TYR B 214 17.92 29.72 -32.52
CA TYR B 214 19.33 29.39 -32.25
C TYR B 214 20.07 29.32 -33.54
N ILE B 215 19.54 28.50 -34.46
CA ILE B 215 20.08 28.39 -35.82
C ILE B 215 20.08 29.72 -36.60
N LEU B 216 19.13 30.60 -36.40
CA LEU B 216 19.16 31.86 -37.11
C LEU B 216 20.31 32.74 -36.67
N LEU B 217 20.65 32.71 -35.38
CA LEU B 217 21.68 33.63 -34.85
C LEU B 217 23.10 33.11 -35.05
N CYS B 218 23.25 31.80 -35.25
CA CYS B 218 24.59 31.21 -35.37
C CYS B 218 24.76 30.46 -36.68
N GLY B 219 23.91 29.50 -36.96
CA GLY B 219 23.93 28.77 -38.25
C GLY B 219 23.92 27.27 -38.11
N TYR B 220 23.74 26.78 -36.90
CA TYR B 220 23.72 25.31 -36.61
C TYR B 220 22.87 25.00 -35.39
N PRO B 221 22.38 23.77 -35.28
CA PRO B 221 21.47 23.48 -34.20
C PRO B 221 22.11 23.62 -32.83
N PRO B 222 21.29 23.77 -31.78
CA PRO B 222 21.82 23.64 -30.45
C PRO B 222 21.97 22.18 -29.99
N PHE B 223 21.55 21.21 -30.79
CA PHE B 223 21.75 19.79 -30.46
C PHE B 223 22.14 18.94 -31.69
N TYR B 224 23.45 18.88 -31.98
CA TYR B 224 24.01 18.11 -33.12
C TYR B 224 24.01 16.60 -32.81
N SER B 225 24.54 15.80 -33.73
CA SER B 225 24.81 14.35 -33.48
C SER B 225 26.31 13.96 -33.54
N ILE B 231 26.60 10.84 -29.02
CA ILE B 231 26.52 11.15 -30.43
C ILE B 231 25.06 11.16 -30.88
N SER B 232 24.37 10.01 -30.87
CA SER B 232 22.90 9.96 -31.20
C SER B 232 21.97 9.62 -30.01
N PRO B 233 22.21 8.50 -29.28
CA PRO B 233 21.51 8.36 -27.97
C PRO B 233 22.05 9.35 -26.90
N GLY B 234 23.26 9.85 -27.14
CA GLY B 234 23.80 10.98 -26.41
C GLY B 234 23.14 12.30 -26.74
N MET B 235 22.69 12.46 -27.99
CA MET B 235 21.85 13.62 -28.38
C MET B 235 20.45 13.59 -27.75
N LYS B 236 19.87 12.41 -27.60
CA LYS B 236 18.65 12.29 -26.80
C LYS B 236 18.90 12.79 -25.36
N THR B 237 20.09 12.51 -24.82
CA THR B 237 20.46 12.92 -23.45
C THR B 237 20.59 14.44 -23.34
N ARG B 238 21.39 15.01 -24.22
CA ARG B 238 21.56 16.49 -24.26
C ARG B 238 20.26 17.33 -24.35
N ILE B 239 19.26 16.81 -25.05
CA ILE B 239 17.91 17.36 -25.10
C ILE B 239 17.24 17.15 -23.76
N ARG B 240 17.22 15.91 -23.24
CA ARG B 240 16.51 15.61 -21.96
C ARG B 240 17.17 16.39 -20.80
N MET B 241 18.50 16.49 -20.82
CA MET B 241 19.25 17.21 -19.79
C MET B 241 19.20 18.75 -19.97
N GLY B 242 19.08 19.19 -21.20
CA GLY B 242 19.02 20.60 -21.51
C GLY B 242 20.40 21.20 -21.59
N GLN B 243 21.35 20.45 -22.14
CA GLN B 243 22.71 20.95 -22.23
C GLN B 243 23.11 21.33 -23.62
N TYR B 244 23.45 22.61 -23.77
CA TYR B 244 23.86 23.23 -25.02
C TYR B 244 24.70 24.47 -24.69
N GLU B 245 25.39 25.02 -25.67
CA GLU B 245 26.26 26.12 -25.44
C GLU B 245 25.99 27.26 -26.40
N PHE B 246 26.54 28.44 -26.07
CA PHE B 246 26.63 29.59 -26.96
C PHE B 246 28.11 29.86 -27.38
N PRO B 247 28.71 28.92 -28.12
CA PRO B 247 30.15 28.96 -28.31
C PRO B 247 30.61 30.10 -29.18
N ASN B 248 31.75 30.70 -28.81
CA ASN B 248 32.43 31.68 -29.65
C ASN B 248 33.15 30.98 -30.80
N PRO B 249 33.39 31.70 -31.91
CA PRO B 249 33.21 33.13 -32.12
C PRO B 249 31.85 33.50 -32.67
N GLU B 250 30.95 32.53 -32.76
CA GLU B 250 29.60 32.77 -33.30
C GLU B 250 28.77 33.68 -32.39
N TRP B 251 28.78 33.38 -31.09
CA TRP B 251 27.89 34.02 -30.12
C TRP B 251 28.50 35.15 -29.31
N SER B 252 29.80 35.36 -29.47
CA SER B 252 30.56 36.35 -28.66
C SER B 252 29.93 37.75 -28.70
N GLU B 253 29.58 38.17 -29.93
CA GLU B 253 29.03 39.51 -30.20
C GLU B 253 27.49 39.61 -29.96
N VAL B 254 26.84 38.47 -29.68
CA VAL B 254 25.39 38.40 -29.39
C VAL B 254 25.06 38.63 -27.92
N SER B 255 24.04 39.46 -27.67
CA SER B 255 23.76 39.98 -26.34
C SER B 255 23.31 38.95 -25.37
N GLU B 256 23.35 39.31 -24.09
CA GLU B 256 22.85 38.47 -22.99
C GLU B 256 21.30 38.40 -22.96
N GLU B 257 20.66 39.45 -23.47
CA GLU B 257 19.21 39.50 -23.67
C GLU B 257 18.74 38.43 -24.65
N VAL B 258 19.41 38.36 -25.78
CA VAL B 258 19.05 37.36 -26.79
C VAL B 258 19.30 35.93 -26.30
N LYS B 259 20.38 35.73 -25.57
CA LYS B 259 20.72 34.41 -25.08
C LYS B 259 19.72 33.99 -24.03
N MET B 260 19.22 34.96 -23.30
CA MET B 260 18.26 34.71 -22.24
C MET B 260 16.93 34.27 -22.84
N LEU B 261 16.56 34.92 -23.94
CA LEU B 261 15.35 34.58 -24.70
C LEU B 261 15.42 33.17 -25.23
N ILE B 262 16.55 32.78 -25.81
CA ILE B 262 16.71 31.39 -26.23
C ILE B 262 16.60 30.44 -25.04
N ARG B 263 17.23 30.82 -23.92
CA ARG B 263 17.25 30.01 -22.72
C ARG B 263 15.83 29.76 -22.17
N ASN B 264 14.98 30.79 -22.20
CA ASN B 264 13.58 30.61 -21.80
C ASN B 264 12.74 29.77 -22.78
N LEU B 265 13.13 29.75 -24.06
CA LEU B 265 12.43 28.92 -25.04
C LEU B 265 12.86 27.47 -24.91
N LEU B 266 14.14 27.27 -24.61
CA LEU B 266 14.69 25.93 -24.56
C LEU B 266 14.67 25.34 -23.14
N LYS B 267 13.73 25.79 -22.31
CA LYS B 267 13.52 25.17 -21.05
C LYS B 267 13.08 23.74 -21.25
N THR B 268 13.72 22.82 -20.57
CA THR B 268 13.38 21.40 -20.62
C THR B 268 11.95 21.15 -20.19
N GLU B 269 11.53 21.81 -19.13
CA GLU B 269 10.19 21.54 -18.60
C GLU B 269 9.17 22.42 -19.32
N PRO B 270 8.12 21.80 -19.87
CA PRO B 270 7.17 22.57 -20.65
C PRO B 270 6.46 23.67 -19.88
N THR B 271 6.08 23.40 -18.65
CA THR B 271 5.39 24.41 -17.84
C THR B 271 6.29 25.58 -17.51
N GLN B 272 7.59 25.36 -17.50
CA GLN B 272 8.55 26.48 -17.26
C GLN B 272 8.79 27.32 -18.49
N ARG B 273 8.55 26.75 -19.66
CA ARG B 273 8.91 27.41 -20.92
C ARG B 273 8.10 28.64 -21.18
N MET B 274 8.62 29.49 -22.04
CA MET B 274 7.95 30.74 -22.43
C MET B 274 6.67 30.48 -23.25
N THR B 275 5.64 31.26 -23.00
CA THR B 275 4.43 31.20 -23.80
C THR B 275 4.57 32.11 -25.01
N ILE B 276 3.69 31.98 -26.00
CA ILE B 276 3.76 32.82 -27.21
C ILE B 276 3.48 34.24 -26.88
N THR B 277 2.54 34.48 -25.97
CA THR B 277 2.18 35.87 -25.59
C THR B 277 3.35 36.56 -24.93
N GLU B 278 4.13 35.80 -24.20
CA GLU B 278 5.26 36.36 -23.53
C GLU B 278 6.35 36.67 -24.59
N PHE B 279 6.53 35.75 -25.51
CA PHE B 279 7.57 35.88 -26.52
C PHE B 279 7.36 37.14 -27.33
N MET B 280 6.13 37.34 -27.81
CA MET B 280 5.79 38.46 -28.62
C MET B 280 5.90 39.77 -27.85
N ASN B 281 5.72 39.74 -26.54
CA ASN B 281 5.86 40.97 -25.73
C ASN B 281 7.32 41.29 -25.41
N HIS B 282 8.21 40.35 -25.65
CA HIS B 282 9.61 40.56 -25.32
C HIS B 282 10.18 41.64 -26.22
N PRO B 283 10.94 42.59 -25.64
CA PRO B 283 11.46 43.75 -26.38
C PRO B 283 12.20 43.43 -27.69
N TRP B 284 13.06 42.44 -27.69
CA TRP B 284 13.76 42.07 -28.92
C TRP B 284 12.78 41.79 -30.05
N ILE B 285 11.67 41.12 -29.75
CA ILE B 285 10.65 40.81 -30.75
C ILE B 285 9.76 42.03 -30.95
N MET B 286 9.31 42.63 -29.86
CA MET B 286 8.40 43.78 -29.92
C MET B 286 9.01 45.01 -30.64
N GLN B 287 10.32 45.17 -30.59
CA GLN B 287 11.05 46.27 -31.23
C GLN B 287 12.00 45.71 -32.31
N SER B 288 11.44 45.03 -33.31
CA SER B 288 12.24 44.53 -34.42
C SER B 288 12.81 45.69 -35.24
N THR B 289 12.10 46.83 -35.21
CA THR B 289 12.55 48.04 -35.90
C THR B 289 13.80 48.69 -35.21
N LYS B 290 13.74 48.87 -33.89
CA LYS B 290 14.77 49.56 -33.10
C LYS B 290 15.78 48.60 -32.43
N VAL B 291 16.39 47.73 -33.24
CA VAL B 291 17.30 46.66 -32.75
C VAL B 291 18.64 46.65 -33.52
N PRO B 292 19.77 46.43 -32.82
CA PRO B 292 21.11 46.45 -33.43
C PRO B 292 21.21 45.69 -34.75
N GLN B 293 22.14 46.10 -35.60
CA GLN B 293 22.41 45.40 -36.86
C GLN B 293 23.66 44.52 -36.78
N THR B 294 24.09 44.27 -35.56
CA THR B 294 25.33 43.55 -35.29
C THR B 294 25.45 42.32 -36.17
N PRO B 295 26.40 42.29 -37.11
CA PRO B 295 26.49 41.17 -38.06
C PRO B 295 26.57 39.78 -37.42
N LEU B 296 26.01 38.79 -38.10
CA LEU B 296 26.06 37.40 -37.65
C LEU B 296 26.81 36.55 -38.64
N HIS B 297 27.34 35.44 -38.13
CA HIS B 297 28.11 34.47 -38.89
C HIS B 297 27.19 33.47 -39.61
N THR B 298 25.89 33.73 -39.58
CA THR B 298 24.88 32.75 -40.04
C THR B 298 25.09 32.33 -41.48
N SER B 299 25.16 33.31 -42.37
CA SER B 299 25.30 33.06 -43.82
C SER B 299 26.58 32.26 -44.14
N ARG B 300 27.68 32.60 -43.47
CA ARG B 300 28.92 31.89 -43.66
C ARG B 300 28.79 30.43 -43.21
N VAL B 301 28.38 30.25 -41.96
CA VAL B 301 28.32 28.92 -41.34
C VAL B 301 27.33 28.00 -42.04
N LEU B 302 26.26 28.63 -42.52
CA LEU B 302 25.19 27.94 -43.20
C LEU B 302 25.70 27.37 -44.53
N LYS B 303 26.65 28.09 -45.14
CA LYS B 303 27.22 27.72 -46.45
C LYS B 303 27.85 26.32 -46.50
N GLU B 304 28.21 25.78 -45.33
CA GLU B 304 28.71 24.41 -45.24
C GLU B 304 27.61 23.37 -45.47
N ASP B 305 27.32 23.09 -46.73
CA ASP B 305 26.33 22.08 -47.14
C ASP B 305 26.85 20.64 -46.94
N LYS B 306 28.17 20.43 -47.15
CA LYS B 306 28.80 19.11 -46.99
C LYS B 306 28.07 18.03 -47.83
N GLU B 307 28.19 18.15 -49.15
CA GLU B 307 27.54 17.24 -50.12
C GLU B 307 28.21 15.87 -50.18
N PHE C 6 1.37 26.58 26.28
CA PHE C 6 0.32 25.62 25.79
C PHE C 6 -0.99 26.30 25.29
N HIS C 7 -0.88 26.98 24.15
CA HIS C 7 -1.96 27.80 23.59
C HIS C 7 -2.98 26.97 22.82
N VAL C 8 -4.11 26.70 23.45
CA VAL C 8 -5.15 25.83 22.92
C VAL C 8 -6.41 26.66 22.83
N LYS C 9 -7.15 26.56 21.73
CA LYS C 9 -8.43 27.21 21.60
C LYS C 9 -9.54 26.17 21.53
N SER C 10 -10.78 26.59 21.61
CA SER C 10 -11.94 25.70 21.67
C SER C 10 -12.16 25.05 20.35
N GLY C 11 -12.65 23.82 20.43
CA GLY C 11 -13.26 23.17 19.32
C GLY C 11 -14.61 23.73 18.92
N LEU C 12 -15.06 23.42 17.71
CA LEU C 12 -16.32 23.86 17.22
C LEU C 12 -17.44 23.14 17.96
N GLN C 13 -18.34 23.90 18.53
CA GLN C 13 -19.53 23.36 19.13
C GLN C 13 -20.78 23.68 18.34
N ILE C 14 -21.47 22.68 17.87
CA ILE C 14 -22.67 22.98 17.11
C ILE C 14 -23.83 22.96 18.10
N LYS C 15 -24.31 24.17 18.43
CA LYS C 15 -25.46 24.35 19.30
C LYS C 15 -26.75 23.83 18.68
N LYS C 16 -27.49 23.02 19.43
CA LYS C 16 -28.79 22.45 19.02
C LYS C 16 -30.01 23.27 19.47
N ASN C 17 -29.81 24.18 20.40
CA ASN C 17 -30.92 25.01 20.89
C ASN C 17 -31.39 26.07 19.89
N ALA C 18 -32.66 26.45 19.96
CA ALA C 18 -33.18 27.42 19.02
C ALA C 18 -32.36 28.69 19.11
N ILE C 19 -31.94 29.22 17.98
CA ILE C 19 -31.14 30.42 17.92
C ILE C 19 -31.88 31.59 18.51
N ILE C 20 -33.19 31.58 18.46
CA ILE C 20 -33.99 32.69 19.00
C ILE C 20 -33.82 32.84 20.54
N ASP C 21 -33.48 31.78 21.24
CA ASP C 21 -33.11 31.87 22.64
C ASP C 21 -31.91 32.77 22.89
N ASP C 22 -30.98 32.85 21.96
CA ASP C 22 -29.73 33.63 22.16
C ASP C 22 -29.66 34.90 21.39
N TYR C 23 -30.42 35.00 20.31
CA TYR C 23 -30.30 36.11 19.38
C TYR C 23 -31.69 36.52 18.98
N LYS C 24 -31.85 37.82 18.68
CA LYS C 24 -33.03 38.41 18.04
C LYS C 24 -32.71 38.46 16.54
N VAL C 25 -33.41 37.64 15.78
CA VAL C 25 -33.18 37.55 14.34
C VAL C 25 -34.12 38.48 13.60
N THR C 26 -33.57 39.53 13.00
CA THR C 26 -34.36 40.51 12.22
C THR C 26 -34.53 40.03 10.81
N SER C 27 -35.37 40.75 10.07
CA SER C 27 -35.58 40.49 8.64
C SER C 27 -34.73 41.46 7.77
N GLN C 28 -33.83 42.22 8.36
CA GLN C 28 -33.00 43.13 7.58
C GLN C 28 -31.96 42.35 6.81
N VAL C 29 -31.97 42.49 5.49
CA VAL C 29 -30.98 41.82 4.63
C VAL C 29 -29.72 42.67 4.50
N LEU C 30 -28.61 42.14 5.00
CA LEU C 30 -27.30 42.83 4.91
C LEU C 30 -26.69 42.68 3.51
N GLY C 31 -26.85 41.49 2.93
CA GLY C 31 -26.40 41.22 1.58
C GLY C 31 -26.94 39.92 1.03
N LEU C 32 -27.31 39.92 -0.24
CA LEU C 32 -27.74 38.71 -0.93
C LEU C 32 -26.48 38.02 -1.49
N GLY C 33 -26.45 36.70 -1.46
CA GLY C 33 -25.26 35.98 -1.88
C GLY C 33 -25.51 34.59 -2.45
N ILE C 34 -24.44 33.79 -2.43
CA ILE C 34 -24.42 32.48 -3.06
C ILE C 34 -25.36 31.52 -2.35
N ASN C 35 -25.06 31.25 -1.09
CA ASN C 35 -25.78 30.24 -0.31
C ASN C 35 -27.09 30.78 0.30
N GLY C 36 -27.32 32.10 0.14
CA GLY C 36 -28.58 32.72 0.58
C GLY C 36 -28.41 34.15 1.03
N LYS C 37 -29.48 34.70 1.58
CA LYS C 37 -29.46 36.02 2.21
C LYS C 37 -28.60 36.03 3.51
N VAL C 38 -27.83 37.09 3.72
CA VAL C 38 -27.15 37.35 4.99
C VAL C 38 -27.97 38.31 5.85
N LEU C 39 -28.55 37.79 6.93
CA LEU C 39 -29.47 38.54 7.79
C LEU C 39 -28.76 39.17 8.98
N GLN C 40 -29.21 40.37 9.37
CA GLN C 40 -28.71 41.06 10.57
C GLN C 40 -29.40 40.53 11.81
N ILE C 41 -28.66 40.26 12.85
CA ILE C 41 -29.22 39.70 14.06
C ILE C 41 -28.55 40.39 15.26
N PHE C 42 -29.19 40.27 16.43
CA PHE C 42 -28.72 40.94 17.65
C PHE C 42 -28.59 39.94 18.79
N ASN C 43 -27.42 39.92 19.45
CA ASN C 43 -27.23 39.10 20.66
C ASN C 43 -28.08 39.64 21.82
N LYS C 44 -29.04 38.84 22.32
CA LYS C 44 -29.97 39.29 23.39
C LYS C 44 -29.25 39.79 24.64
N ARG C 45 -28.22 39.09 25.06
CA ARG C 45 -27.53 39.38 26.26
C ARG C 45 -26.57 40.52 26.11
N THR C 46 -26.09 40.82 24.91
CA THR C 46 -25.06 41.86 24.76
C THR C 46 -25.56 43.01 23.94
N GLN C 47 -26.49 42.74 23.06
CA GLN C 47 -27.15 43.71 22.23
C GLN C 47 -26.26 44.18 21.01
N GLU C 48 -25.21 43.40 20.73
CA GLU C 48 -24.31 43.65 19.60
C GLU C 48 -24.88 43.12 18.27
N LYS C 49 -24.59 43.81 17.17
CA LYS C 49 -24.99 43.37 15.83
C LYS C 49 -24.08 42.19 15.36
N PHE C 50 -24.71 41.16 14.81
CA PHE C 50 -24.04 40.07 14.16
C PHE C 50 -24.73 39.71 12.84
N ALA C 51 -24.01 39.00 11.95
CA ALA C 51 -24.54 38.57 10.65
C ALA C 51 -24.87 37.12 10.73
N LEU C 52 -25.91 36.70 10.04
CA LEU C 52 -26.39 35.34 10.06
C LEU C 52 -26.48 34.81 8.63
N LYS C 53 -25.79 33.70 8.40
CA LYS C 53 -25.83 33.00 7.15
C LYS C 53 -26.51 31.65 7.39
N MET C 54 -27.52 31.32 6.59
CA MET C 54 -28.27 30.06 6.71
C MET C 54 -28.04 29.11 5.55
N LEU C 55 -27.70 27.86 5.85
CA LEU C 55 -27.43 26.86 4.85
C LEU C 55 -28.20 25.63 5.18
N GLN C 56 -28.47 24.81 4.18
CA GLN C 56 -29.13 23.53 4.39
C GLN C 56 -28.05 22.65 5.00
N ASP C 57 -28.40 21.96 6.07
CA ASP C 57 -27.44 21.13 6.81
C ASP C 57 -27.09 19.86 6.08
N CYS C 58 -25.87 19.73 5.62
CA CYS C 58 -25.37 18.53 4.93
C CYS C 58 -23.88 18.42 5.21
N PRO C 59 -23.29 17.24 4.96
CA PRO C 59 -21.87 17.09 5.31
C PRO C 59 -20.95 18.09 4.55
N LYS C 60 -21.31 18.44 3.33
CA LYS C 60 -20.56 19.43 2.57
C LYS C 60 -20.60 20.77 3.32
N ALA C 61 -21.80 21.16 3.78
CA ALA C 61 -22.00 22.40 4.59
C ALA C 61 -21.22 22.33 5.89
N ARG C 62 -21.22 21.17 6.53
CA ARG C 62 -20.58 21.01 7.81
C ARG C 62 -19.07 21.05 7.69
N ARG C 63 -18.59 20.78 6.49
CA ARG C 63 -17.16 20.71 6.29
C ARG C 63 -16.62 22.12 6.08
N GLU C 64 -17.36 22.92 5.35
CA GLU C 64 -16.97 24.28 5.03
C GLU C 64 -16.97 25.12 6.29
N VAL C 65 -18.05 25.00 7.06
CA VAL C 65 -18.20 25.67 8.34
C VAL C 65 -17.05 25.31 9.28
N GLU C 66 -16.61 24.07 9.21
CA GLU C 66 -15.58 23.61 10.05
C GLU C 66 -14.27 24.25 9.63
N LEU C 67 -14.12 24.59 8.36
CA LEU C 67 -12.89 25.19 7.85
C LEU C 67 -12.84 26.63 8.24
N HIS C 68 -13.97 27.31 8.05
CA HIS C 68 -14.14 28.72 8.44
C HIS C 68 -13.89 28.85 9.91
N TRP C 69 -14.39 27.93 10.73
CA TRP C 69 -14.12 27.95 12.16
C TRP C 69 -12.63 27.95 12.47
N ARG C 70 -11.89 27.04 11.83
CA ARG C 70 -10.44 26.95 12.00
C ARG C 70 -9.74 28.23 11.53
N ALA C 71 -10.28 28.85 10.51
CA ALA C 71 -9.72 30.04 9.92
C ALA C 71 -10.03 31.26 10.75
N SER C 72 -11.04 31.16 11.63
CA SER C 72 -11.55 32.37 12.33
C SER C 72 -10.55 33.00 13.30
N GLN C 73 -9.51 32.26 13.65
CA GLN C 73 -8.41 32.76 14.47
C GLN C 73 -7.60 33.82 13.73
N CYS C 74 -7.54 33.74 12.40
CA CYS C 74 -6.82 34.75 11.63
C CYS C 74 -7.47 36.13 11.68
N PRO C 75 -6.71 37.15 12.07
CA PRO C 75 -7.15 38.54 12.05
C PRO C 75 -7.90 39.04 10.82
N HIS C 76 -7.55 38.58 9.62
CA HIS C 76 -8.17 39.10 8.36
C HIS C 76 -9.22 38.15 7.75
N ILE C 77 -9.83 37.31 8.59
CA ILE C 77 -10.89 36.40 8.11
C ILE C 77 -12.11 36.57 9.00
N VAL C 78 -13.27 36.80 8.39
CA VAL C 78 -14.47 37.09 9.12
C VAL C 78 -14.62 36.02 10.15
N ARG C 79 -14.89 36.45 11.41
CA ARG C 79 -14.91 35.55 12.59
C ARG C 79 -16.25 34.88 12.80
N ILE C 80 -16.27 33.55 12.90
CA ILE C 80 -17.51 32.83 13.26
C ILE C 80 -17.62 32.82 14.76
N VAL C 81 -18.69 33.39 15.28
CA VAL C 81 -18.91 33.56 16.73
C VAL C 81 -19.68 32.40 17.35
N ASP C 82 -20.73 31.93 16.70
CA ASP C 82 -21.27 30.62 17.03
C ASP C 82 -22.08 30.01 15.90
N VAL C 83 -22.19 28.67 15.89
CA VAL C 83 -22.88 27.89 14.84
C VAL C 83 -24.06 27.12 15.48
N TYR C 84 -25.20 27.11 14.85
CA TYR C 84 -26.34 26.41 15.35
C TYR C 84 -26.83 25.39 14.30
N GLU C 85 -27.27 24.23 14.75
CA GLU C 85 -28.04 23.28 13.95
C GLU C 85 -29.47 23.23 14.47
N ASN C 86 -30.42 23.76 13.70
CA ASN C 86 -31.85 23.86 14.07
C ASN C 86 -32.67 23.32 12.96
N LEU C 87 -33.97 23.23 13.21
CA LEU C 87 -34.97 22.69 12.30
C LEU C 87 -35.79 23.89 11.82
N TYR C 88 -35.77 24.14 10.53
CA TYR C 88 -36.52 25.23 9.96
C TYR C 88 -37.42 24.67 8.85
N ALA C 89 -38.72 24.78 9.05
CA ALA C 89 -39.74 24.29 8.07
C ALA C 89 -39.64 22.79 7.90
N GLY C 90 -39.30 22.06 8.97
CA GLY C 90 -39.04 20.60 8.85
C GLY C 90 -37.69 20.18 8.19
N ARG C 91 -37.14 21.07 7.34
CA ARG C 91 -35.78 20.90 6.83
C ARG C 91 -34.71 21.23 7.93
N LYS C 92 -33.71 20.37 8.02
CA LYS C 92 -32.60 20.51 8.94
C LYS C 92 -31.64 21.61 8.42
N CYS C 93 -31.48 22.69 9.17
CA CYS C 93 -30.66 23.81 8.72
C CYS C 93 -29.47 24.03 9.59
N LEU C 94 -28.56 24.86 9.11
CA LEU C 94 -27.29 25.08 9.77
C LEU C 94 -27.14 26.58 9.77
N LEU C 95 -27.19 27.20 10.95
CA LEU C 95 -27.19 28.61 11.05
C LEU C 95 -25.84 29.08 11.54
N ILE C 96 -25.17 29.96 10.77
CA ILE C 96 -23.80 30.39 11.05
C ILE C 96 -23.84 31.85 11.45
N VAL C 97 -23.32 32.14 12.65
CA VAL C 97 -23.28 33.51 13.14
C VAL C 97 -21.84 34.04 13.05
N MET C 98 -21.67 35.16 12.35
CA MET C 98 -20.36 35.81 12.22
C MET C 98 -20.44 37.27 12.68
N GLU C 99 -19.25 37.82 12.95
CA GLU C 99 -19.08 39.21 13.20
C GLU C 99 -19.64 40.01 12.02
N CYS C 100 -20.36 41.06 12.34
CA CYS C 100 -21.00 41.89 11.34
C CYS C 100 -19.95 42.87 10.83
N LEU C 101 -19.72 42.82 9.54
CA LEU C 101 -18.78 43.72 8.91
C LEU C 101 -19.60 44.82 8.28
N ASP C 102 -19.47 46.03 8.83
CA ASP C 102 -20.29 47.21 8.42
C ASP C 102 -19.58 48.19 7.49
N GLY C 103 -18.25 48.17 7.47
CA GLY C 103 -17.49 49.07 6.61
C GLY C 103 -17.60 48.93 5.08
N GLY C 104 -18.46 48.04 4.56
CA GLY C 104 -18.64 47.90 3.09
C GLY C 104 -17.50 47.19 2.34
N GLU C 105 -17.75 46.88 1.06
CA GLU C 105 -16.82 46.12 0.22
C GLU C 105 -15.56 46.90 -0.02
N LEU C 106 -14.56 46.25 -0.61
CA LEU C 106 -13.20 46.83 -0.76
C LEU C 106 -13.17 48.10 -1.60
N PHE C 107 -13.69 48.00 -2.82
CA PHE C 107 -13.65 49.10 -3.77
C PHE C 107 -14.65 50.22 -3.47
N SER C 108 -15.67 49.92 -2.67
CA SER C 108 -16.64 50.92 -2.27
C SER C 108 -15.96 51.98 -1.42
N ARG C 109 -15.14 51.54 -0.46
CA ARG C 109 -14.42 52.50 0.39
C ARG C 109 -13.36 53.30 -0.36
N ILE C 110 -12.86 52.75 -1.44
CA ILE C 110 -11.79 53.41 -2.20
C ILE C 110 -12.36 54.60 -2.96
N GLN C 111 -13.50 54.40 -3.62
CA GLN C 111 -14.09 55.47 -4.44
C GLN C 111 -14.77 56.59 -3.61
N ASP C 112 -15.12 56.31 -2.35
CA ASP C 112 -15.73 57.30 -1.48
C ASP C 112 -14.67 58.05 -0.70
N ARG C 113 -13.77 58.70 -1.42
CA ARG C 113 -12.77 59.62 -0.82
C ARG C 113 -12.25 60.63 -1.87
N GLY C 114 -13.18 61.11 -2.70
CA GLY C 114 -12.84 62.00 -3.83
C GLY C 114 -12.52 63.41 -3.40
N ALA C 117 -8.12 60.67 -3.63
CA ALA C 117 -6.65 60.64 -3.65
C ALA C 117 -6.13 59.33 -3.03
N PHE C 118 -5.93 58.32 -3.89
CA PHE C 118 -5.56 56.96 -3.48
C PHE C 118 -4.09 56.65 -3.79
N THR C 119 -3.31 56.40 -2.74
CA THR C 119 -1.87 56.21 -2.87
C THR C 119 -1.44 54.74 -3.05
N GLU C 120 -0.25 54.55 -3.61
CA GLU C 120 0.30 53.24 -3.87
C GLU C 120 0.54 52.51 -2.55
N ARG C 121 1.08 53.24 -1.57
CA ARG C 121 1.37 52.71 -0.24
C ARG C 121 0.14 52.08 0.40
N GLU C 122 -1.02 52.66 0.13
CA GLU C 122 -2.27 52.15 0.68
C GLU C 122 -2.73 50.88 -0.03
N ALA C 123 -2.54 50.83 -1.34
CA ALA C 123 -2.75 49.57 -2.13
C ALA C 123 -1.92 48.37 -1.56
N SER C 124 -0.64 48.63 -1.30
CA SER C 124 0.24 47.64 -0.71
C SER C 124 -0.26 47.12 0.66
N GLU C 125 -0.75 48.02 1.50
CA GLU C 125 -1.23 47.65 2.81
C GLU C 125 -2.51 46.80 2.66
N ILE C 126 -3.30 47.08 1.63
CA ILE C 126 -4.46 46.25 1.35
C ILE C 126 -4.02 44.84 0.91
N MET C 127 -3.11 44.78 -0.05
CA MET C 127 -2.64 43.51 -0.61
C MET C 127 -1.96 42.71 0.48
N LYS C 128 -1.33 43.39 1.41
CA LYS C 128 -0.71 42.69 2.52
C LYS C 128 -1.77 42.10 3.41
N SER C 129 -2.85 42.84 3.59
CA SER C 129 -3.84 42.33 4.52
C SER C 129 -4.52 41.15 3.85
N ILE C 130 -4.88 41.31 2.59
CA ILE C 130 -5.54 40.19 1.85
C ILE C 130 -4.61 38.99 1.81
N GLY C 131 -3.31 39.22 1.63
CA GLY C 131 -2.35 38.14 1.58
C GLY C 131 -2.21 37.35 2.86
N GLU C 132 -2.37 38.01 4.00
CA GLU C 132 -2.30 37.32 5.30
C GLU C 132 -3.48 36.35 5.48
N ALA C 133 -4.60 36.71 4.89
CA ALA C 133 -5.73 35.84 4.96
C ALA C 133 -5.44 34.54 4.16
N ILE C 134 -4.89 34.70 2.96
CA ILE C 134 -4.46 33.56 2.14
C ILE C 134 -3.29 32.82 2.81
N GLN C 135 -2.33 33.55 3.35
CA GLN C 135 -1.22 32.88 3.96
C GLN C 135 -1.67 31.92 5.09
N TYR C 136 -2.64 32.38 5.90
CA TYR C 136 -3.14 31.58 7.02
C TYR C 136 -3.85 30.35 6.48
N LEU C 137 -4.73 30.57 5.53
CA LEU C 137 -5.49 29.48 4.95
C LEU C 137 -4.56 28.44 4.32
N HIS C 138 -3.60 28.91 3.54
CA HIS C 138 -2.73 27.99 2.84
C HIS C 138 -1.85 27.26 3.80
N SER C 139 -1.47 27.93 4.90
CA SER C 139 -0.61 27.32 5.93
C SER C 139 -1.34 26.29 6.77
N ILE C 140 -2.66 26.29 6.76
CA ILE C 140 -3.43 25.18 7.38
C ILE C 140 -4.18 24.40 6.32
N ASN C 141 -3.62 24.35 5.11
CA ASN C 141 -4.08 23.48 4.00
C ASN C 141 -5.50 23.72 3.60
N ILE C 142 -5.90 24.98 3.54
CA ILE C 142 -7.22 25.36 3.10
C ILE C 142 -7.09 26.23 1.87
N ALA C 143 -7.92 25.98 0.87
CA ALA C 143 -7.95 26.81 -0.35
C ALA C 143 -9.30 27.50 -0.46
N HIS C 144 -9.31 28.81 -0.50
CA HIS C 144 -10.56 29.55 -0.49
C HIS C 144 -11.35 29.34 -1.74
N ARG C 145 -10.68 29.49 -2.89
CA ARG C 145 -11.30 29.34 -4.21
C ARG C 145 -12.47 30.30 -4.51
N ASP C 146 -12.50 31.43 -3.82
CA ASP C 146 -13.48 32.44 -4.16
C ASP C 146 -13.06 33.80 -3.63
N VAL C 147 -11.79 34.16 -3.86
CA VAL C 147 -11.24 35.37 -3.37
C VAL C 147 -11.53 36.45 -4.39
N LYS C 148 -12.51 37.29 -4.11
CA LYS C 148 -12.80 38.41 -4.97
C LYS C 148 -13.28 39.52 -4.10
N PRO C 149 -13.38 40.75 -4.64
CA PRO C 149 -13.68 41.92 -3.81
C PRO C 149 -15.04 41.86 -3.14
N GLU C 150 -16.01 41.29 -3.79
CA GLU C 150 -17.30 41.06 -3.18
C GLU C 150 -17.17 40.40 -1.83
N ASN C 151 -16.14 39.56 -1.63
CA ASN C 151 -15.94 38.83 -0.41
C ASN C 151 -14.80 39.41 0.36
N LEU C 152 -14.45 40.67 0.11
CA LEU C 152 -13.56 41.39 1.02
C LEU C 152 -14.23 42.66 1.61
N LEU C 153 -14.59 42.65 2.90
CA LEU C 153 -15.35 43.73 3.57
C LEU C 153 -14.62 44.28 4.78
N TYR C 154 -14.86 45.56 5.05
CA TYR C 154 -14.28 46.22 6.22
C TYR C 154 -15.19 46.05 7.43
N THR C 155 -14.58 46.10 8.61
CA THR C 155 -15.28 45.88 9.86
C THR C 155 -16.18 47.07 10.24
N SER C 156 -15.72 48.28 9.94
CA SER C 156 -16.48 49.51 10.21
C SER C 156 -16.19 50.58 9.18
N LYS C 157 -17.02 51.64 9.17
CA LYS C 157 -16.88 52.81 8.25
C LYS C 157 -15.66 53.63 8.67
N ARG C 158 -15.30 53.50 9.94
CA ARG C 158 -14.02 53.99 10.52
C ARG C 158 -12.81 53.76 9.58
N PRO C 159 -11.90 54.74 9.46
CA PRO C 159 -10.68 54.48 8.60
C PRO C 159 -9.57 53.54 9.23
N ASN C 160 -9.69 53.19 10.51
CA ASN C 160 -8.83 52.17 11.12
C ASN C 160 -9.39 50.76 10.87
N ALA C 161 -10.53 50.65 10.18
CA ALA C 161 -11.19 49.37 9.92
C ALA C 161 -10.19 48.32 9.37
N ILE C 162 -10.30 47.07 9.83
CA ILE C 162 -9.48 46.00 9.27
C ILE C 162 -10.27 45.22 8.22
N LEU C 163 -9.60 44.86 7.12
CA LEU C 163 -10.22 44.18 5.94
C LEU C 163 -10.20 42.67 6.16
N LYS C 164 -11.31 42.03 5.82
CA LYS C 164 -11.53 40.63 6.15
C LYS C 164 -12.16 39.83 5.02
N LEU C 165 -11.72 38.57 4.89
CA LEU C 165 -12.17 37.71 3.81
C LEU C 165 -13.36 36.93 4.26
N THR C 166 -14.34 36.71 3.37
CA THR C 166 -15.59 36.05 3.72
C THR C 166 -15.98 34.98 2.69
N ASP C 167 -17.08 34.29 2.91
CA ASP C 167 -17.66 33.30 1.97
C ASP C 167 -16.75 32.11 1.75
N PHE C 168 -16.86 31.10 2.60
CA PHE C 168 -16.11 29.84 2.50
C PHE C 168 -16.91 28.76 1.79
N GLY C 169 -17.88 29.15 0.97
CA GLY C 169 -18.71 28.20 0.27
C GLY C 169 -18.00 27.33 -0.77
N PHE C 170 -16.89 27.83 -1.34
CA PHE C 170 -16.05 27.07 -2.26
C PHE C 170 -14.74 26.61 -1.59
N ALA C 171 -14.59 26.84 -0.28
CA ALA C 171 -13.35 26.48 0.43
C ALA C 171 -13.21 25.01 0.41
N LYS C 172 -11.98 24.55 0.38
CA LYS C 172 -11.72 23.14 0.24
C LYS C 172 -10.38 22.84 0.88
N GLU C 173 -10.28 21.70 1.56
CA GLU C 173 -9.04 21.30 2.19
C GLU C 173 -8.12 20.67 1.16
N THR C 174 -6.82 20.99 1.26
CA THR C 174 -5.83 20.60 0.26
C THR C 174 -4.98 19.39 0.68
N THR C 175 -5.46 18.61 1.65
CA THR C 175 -4.71 17.49 2.22
C THR C 175 -5.58 16.62 3.12
N SER C 176 -5.12 15.40 3.43
CA SER C 176 -5.87 14.44 4.34
C SER C 176 -5.93 14.87 5.83
N PRO C 187 14.12 13.56 9.32
CA PRO C 187 14.20 13.68 7.86
C PRO C 187 14.03 15.13 7.35
N TYR C 188 15.15 15.81 7.22
CA TYR C 188 15.22 17.21 6.86
C TYR C 188 15.40 17.46 5.37
N TYR C 189 15.49 16.38 4.59
CA TYR C 189 15.82 16.41 3.15
C TYR C 189 14.64 15.99 2.28
N VAL C 190 13.57 15.56 2.92
CA VAL C 190 12.34 15.24 2.22
C VAL C 190 11.79 16.47 1.45
N ALA C 191 11.57 16.29 0.16
CA ALA C 191 11.09 17.36 -0.68
C ALA C 191 9.59 17.55 -0.45
N PRO C 192 9.09 18.76 -0.74
CA PRO C 192 7.68 19.06 -0.57
C PRO C 192 6.73 18.11 -1.30
N GLU C 193 7.16 17.60 -2.46
CA GLU C 193 6.36 16.64 -3.27
C GLU C 193 6.14 15.33 -2.54
N VAL C 194 7.16 14.89 -1.79
CA VAL C 194 7.13 13.61 -1.06
C VAL C 194 6.14 13.67 0.14
N LEU C 195 5.93 14.85 0.71
CA LEU C 195 4.99 15.02 1.83
C LEU C 195 3.55 14.67 1.46
N GLY C 196 3.24 14.68 0.17
CA GLY C 196 1.96 14.19 -0.32
C GLY C 196 1.44 15.03 -1.45
N PRO C 197 0.49 14.48 -2.23
CA PRO C 197 -0.13 15.21 -3.34
C PRO C 197 -1.29 16.14 -2.91
N GLU C 198 -1.35 17.36 -3.46
CA GLU C 198 -2.43 18.31 -3.14
C GLU C 198 -3.60 18.27 -4.16
N ASP C 201 -6.45 22.84 -6.02
CA ASP C 201 -5.22 23.65 -5.96
C ASP C 201 -5.47 25.08 -5.44
N LYS C 202 -4.44 25.61 -4.82
CA LYS C 202 -4.51 26.89 -4.19
C LYS C 202 -3.84 27.98 -5.00
N SER C 203 -3.43 27.68 -6.22
CA SER C 203 -2.86 28.69 -7.10
C SER C 203 -3.90 29.61 -7.59
N CYS C 204 -5.17 29.17 -7.56
CA CYS C 204 -6.28 30.02 -8.03
C CYS C 204 -6.45 31.18 -7.11
N ASP C 205 -6.15 31.00 -5.83
CA ASP C 205 -6.17 32.09 -4.84
C ASP C 205 -5.14 33.15 -5.13
N MET C 206 -3.98 32.73 -5.60
CA MET C 206 -2.94 33.65 -6.04
C MET C 206 -3.27 34.36 -7.38
N TRP C 207 -3.98 33.69 -8.26
CA TRP C 207 -4.39 34.35 -9.47
C TRP C 207 -5.32 35.49 -9.08
N SER C 208 -6.30 35.14 -8.25
CA SER C 208 -7.28 36.10 -7.72
C SER C 208 -6.59 37.27 -7.04
N LEU C 209 -5.55 36.98 -6.29
CA LEU C 209 -4.77 38.03 -5.69
C LEU C 209 -4.17 38.96 -6.76
N GLY C 210 -3.69 38.40 -7.86
CA GLY C 210 -3.16 39.20 -8.97
C GLY C 210 -4.20 40.10 -9.65
N VAL C 211 -5.38 39.55 -9.84
CA VAL C 211 -6.45 40.33 -10.45
C VAL C 211 -6.82 41.51 -9.51
N ILE C 212 -7.02 41.21 -8.24
CA ILE C 212 -7.39 42.23 -7.26
C ILE C 212 -6.34 43.33 -7.24
N MET C 213 -5.06 42.94 -7.26
CA MET C 213 -3.97 43.93 -7.22
C MET C 213 -4.03 44.81 -8.48
N TYR C 214 -4.43 44.23 -9.62
CA TYR C 214 -4.41 44.98 -10.87
C TYR C 214 -5.43 46.07 -10.77
N ILE C 215 -6.67 45.69 -10.45
CA ILE C 215 -7.77 46.63 -10.23
C ILE C 215 -7.45 47.67 -9.13
N LEU C 216 -6.84 47.28 -8.03
CA LEU C 216 -6.48 48.26 -7.03
C LEU C 216 -5.54 49.35 -7.53
N LEU C 217 -4.57 49.00 -8.36
CA LEU C 217 -3.59 49.99 -8.84
C LEU C 217 -4.10 50.84 -9.99
N CYS C 218 -5.20 50.44 -10.66
CA CYS C 218 -5.65 51.16 -11.86
C CYS C 218 -7.13 51.52 -11.82
N GLY C 219 -8.00 50.55 -11.62
CA GLY C 219 -9.43 50.81 -11.43
C GLY C 219 -10.34 49.94 -12.25
N TYR C 220 -9.76 48.98 -12.98
CA TYR C 220 -10.51 48.10 -13.92
C TYR C 220 -9.79 46.76 -14.08
N PRO C 221 -10.53 45.71 -14.45
CA PRO C 221 -9.88 44.42 -14.51
C PRO C 221 -8.77 44.37 -15.54
N PRO C 222 -7.91 43.34 -15.46
CA PRO C 222 -6.99 43.09 -16.54
C PRO C 222 -7.61 42.25 -17.68
N PHE C 223 -8.84 41.79 -17.54
CA PHE C 223 -9.52 41.07 -18.61
C PHE C 223 -11.01 41.47 -18.75
N TYR C 224 -11.27 42.48 -19.61
CA TYR C 224 -12.62 43.07 -19.80
C TYR C 224 -13.53 42.12 -20.63
N SER C 225 -14.63 42.67 -21.15
CA SER C 225 -15.42 42.01 -22.19
C SER C 225 -15.92 42.97 -23.30
N ILE C 231 -14.70 39.60 -27.33
CA ILE C 231 -15.48 40.27 -26.30
C ILE C 231 -15.71 39.30 -25.13
N SER C 232 -16.52 38.24 -25.29
CA SER C 232 -16.73 37.24 -24.19
C SER C 232 -16.04 35.86 -24.37
N PRO C 233 -16.24 35.16 -25.53
CA PRO C 233 -15.32 34.02 -25.83
C PRO C 233 -13.89 34.50 -26.22
N GLY C 234 -13.77 35.79 -26.55
CA GLY C 234 -12.50 36.46 -26.69
C GLY C 234 -11.84 36.79 -25.36
N MET C 235 -12.65 37.06 -24.33
CA MET C 235 -12.14 37.16 -22.95
C MET C 235 -11.69 35.80 -22.38
N LYS C 236 -12.41 34.73 -22.71
CA LYS C 236 -11.90 33.39 -22.37
C LYS C 236 -10.51 33.17 -23.01
N THR C 237 -10.29 33.72 -24.21
CA THR C 237 -9.02 33.56 -24.93
C THR C 237 -7.92 34.33 -24.22
N ARG C 238 -8.15 35.62 -24.05
CA ARG C 238 -7.18 36.51 -23.38
C ARG C 238 -6.67 36.00 -21.98
N ILE C 239 -7.56 35.36 -21.24
CA ILE C 239 -7.20 34.67 -20.01
C ILE C 239 -6.31 33.47 -20.35
N ARG C 240 -6.79 32.55 -21.17
CA ARG C 240 -6.05 31.32 -21.48
C ARG C 240 -4.66 31.64 -22.08
N MET C 241 -4.60 32.71 -22.88
CA MET C 241 -3.35 33.17 -23.55
C MET C 241 -2.43 33.95 -22.58
N GLY C 242 -3.04 34.76 -21.74
CA GLY C 242 -2.33 35.56 -20.78
C GLY C 242 -2.05 36.91 -21.38
N GLN C 243 -3.01 37.46 -22.12
CA GLN C 243 -2.79 38.76 -22.75
C GLN C 243 -3.56 39.84 -22.08
N TYR C 244 -2.81 40.74 -21.46
CA TYR C 244 -3.29 41.92 -20.77
C TYR C 244 -2.20 43.01 -20.88
N GLU C 245 -2.60 44.25 -20.76
CA GLU C 245 -1.72 45.37 -20.92
C GLU C 245 -1.67 46.17 -19.60
N PHE C 246 -0.63 46.99 -19.45
CA PHE C 246 -0.53 48.03 -18.43
C PHE C 246 -0.67 49.45 -19.06
N PRO C 247 -1.86 49.76 -19.59
CA PRO C 247 -1.97 50.95 -20.43
C PRO C 247 -1.79 52.24 -19.66
N ASN C 248 -1.18 53.24 -20.29
CA ASN C 248 -1.16 54.63 -19.77
C ASN C 248 -2.49 55.33 -20.09
N PRO C 249 -2.82 56.37 -19.32
CA PRO C 249 -2.03 57.05 -18.28
C PRO C 249 -2.15 56.44 -16.91
N GLU C 250 -2.94 55.36 -16.79
CA GLU C 250 -3.16 54.71 -15.49
C GLU C 250 -1.85 54.15 -14.89
N TRP C 251 -1.04 53.50 -15.72
CA TRP C 251 0.11 52.70 -15.28
C TRP C 251 1.48 53.35 -15.47
N SER C 252 1.51 54.50 -16.12
CA SER C 252 2.78 55.17 -16.47
C SER C 252 3.66 55.46 -15.24
N GLU C 253 3.02 56.00 -14.19
CA GLU C 253 3.68 56.35 -12.94
C GLU C 253 3.96 55.13 -12.02
N VAL C 254 3.36 53.96 -12.33
CA VAL C 254 3.57 52.70 -11.56
C VAL C 254 4.85 51.97 -11.93
N SER C 255 5.57 51.52 -10.91
CA SER C 255 6.93 51.00 -11.11
C SER C 255 6.99 49.69 -11.81
N GLU C 256 8.19 49.35 -12.26
CA GLU C 256 8.46 48.07 -12.94
C GLU C 256 8.41 46.86 -11.96
N GLU C 257 8.81 47.12 -10.73
CA GLU C 257 8.71 46.17 -9.62
C GLU C 257 7.28 45.74 -9.40
N VAL C 258 6.36 46.67 -9.34
CA VAL C 258 4.96 46.36 -9.10
C VAL C 258 4.35 45.60 -10.28
N LYS C 259 4.68 46.01 -11.48
CA LYS C 259 4.18 45.35 -12.69
C LYS C 259 4.71 43.93 -12.76
N MET C 260 5.95 43.77 -12.30
CA MET C 260 6.60 42.46 -12.28
C MET C 260 5.89 41.53 -11.30
N LEU C 261 5.45 42.08 -10.18
CA LEU C 261 4.70 41.32 -9.19
C LEU C 261 3.34 40.87 -9.72
N ILE C 262 2.63 41.77 -10.37
CA ILE C 262 1.41 41.36 -11.03
C ILE C 262 1.68 40.26 -12.05
N ARG C 263 2.77 40.40 -12.81
CA ARG C 263 3.08 39.45 -13.89
C ARG C 263 3.34 38.03 -13.35
N ASN C 264 3.99 37.95 -12.19
CA ASN C 264 4.21 36.66 -11.57
C ASN C 264 2.94 36.07 -10.95
N LEU C 265 1.98 36.92 -10.60
CA LEU C 265 0.71 36.43 -10.05
C LEU C 265 -0.21 35.95 -11.16
N LEU C 266 -0.17 36.65 -12.29
CA LEU C 266 -1.03 36.35 -13.42
C LEU C 266 -0.36 35.39 -14.41
N LYS C 267 0.53 34.53 -13.95
CA LYS C 267 1.11 33.50 -14.78
C LYS C 267 0.03 32.54 -15.18
N THR C 268 -0.10 32.25 -16.45
CA THR C 268 -1.06 31.29 -16.96
C THR C 268 -0.90 29.90 -16.34
N GLU C 269 0.34 29.49 -16.19
CA GLU C 269 0.59 28.13 -15.72
C GLU C 269 0.64 28.14 -14.19
N PRO C 270 -0.18 27.30 -13.55
CA PRO C 270 -0.24 27.36 -12.10
C PRO C 270 1.07 27.04 -11.39
N THR C 271 1.84 26.10 -11.90
CA THR C 271 3.12 25.73 -11.28
C THR C 271 4.14 26.85 -11.42
N GLN C 272 4.05 27.67 -12.46
CA GLN C 272 4.93 28.86 -12.60
C GLN C 272 4.57 29.99 -11.69
N ARG C 273 3.31 30.06 -11.28
CA ARG C 273 2.79 31.21 -10.55
C ARG C 273 3.39 31.35 -9.20
N MET C 274 3.30 32.54 -8.65
CA MET C 274 3.91 32.87 -7.36
C MET C 274 3.16 32.20 -6.21
N THR C 275 3.88 31.70 -5.23
CA THR C 275 3.26 31.13 -4.04
C THR C 275 2.97 32.22 -3.02
N ILE C 276 2.16 31.92 -2.00
CA ILE C 276 1.81 32.94 -1.00
C ILE C 276 3.01 33.33 -0.19
N THR C 277 3.85 32.36 0.13
CA THR C 277 5.05 32.65 0.92
C THR C 277 5.96 33.58 0.16
N GLU C 278 5.97 33.44 -1.14
CA GLU C 278 6.86 34.22 -1.95
C GLU C 278 6.29 35.64 -2.05
N PHE C 279 4.99 35.72 -2.17
CA PHE C 279 4.31 37.00 -2.29
C PHE C 279 4.59 37.85 -1.05
N MET C 280 4.45 37.26 0.13
CA MET C 280 4.57 37.98 1.37
C MET C 280 6.02 38.36 1.65
N ASN C 281 6.96 37.65 1.07
CA ASN C 281 8.37 38.03 1.23
C ASN C 281 8.80 39.13 0.26
N HIS C 282 7.98 39.40 -0.72
CA HIS C 282 8.33 40.39 -1.71
C HIS C 282 8.36 41.76 -1.06
N PRO C 283 9.42 42.55 -1.30
CA PRO C 283 9.62 43.87 -0.65
C PRO C 283 8.43 44.84 -0.67
N TRP C 284 7.74 44.96 -1.79
CA TRP C 284 6.56 45.83 -1.87
C TRP C 284 5.53 45.48 -0.80
N ILE C 285 5.39 44.20 -0.50
CA ILE C 285 4.46 43.74 0.53
C ILE C 285 5.16 43.81 1.89
N MET C 286 6.34 43.21 1.98
CA MET C 286 7.11 43.19 3.23
C MET C 286 7.35 44.61 3.82
N GLN C 287 7.57 45.60 2.94
CA GLN C 287 7.80 46.99 3.35
C GLN C 287 6.61 47.87 2.93
N SER C 288 5.42 47.54 3.45
CA SER C 288 4.22 48.32 3.16
C SER C 288 4.29 49.69 3.79
N THR C 289 5.10 49.82 4.84
CA THR C 289 5.29 51.10 5.51
C THR C 289 6.28 52.03 4.72
N LYS C 290 7.41 51.48 4.27
CA LYS C 290 8.45 52.25 3.56
C LYS C 290 8.30 52.19 2.03
N VAL C 291 7.10 52.53 1.55
CA VAL C 291 6.73 52.44 0.10
C VAL C 291 6.18 53.78 -0.43
N PRO C 292 6.57 54.16 -1.67
CA PRO C 292 6.10 55.42 -2.28
C PRO C 292 4.62 55.72 -2.10
N GLN C 293 4.26 57.01 -2.14
CA GLN C 293 2.85 57.43 -2.06
C GLN C 293 2.34 57.92 -3.40
N THR C 294 2.93 57.44 -4.48
CA THR C 294 2.64 57.95 -5.81
C THR C 294 1.15 57.83 -6.14
N PRO C 295 0.43 58.96 -6.32
CA PRO C 295 -1.02 58.89 -6.52
C PRO C 295 -1.45 57.90 -7.60
N LEU C 296 -2.62 57.30 -7.41
CA LEU C 296 -3.23 56.40 -8.38
C LEU C 296 -4.53 56.98 -8.90
N HIS C 297 -4.87 56.56 -10.12
CA HIS C 297 -6.09 56.99 -10.80
C HIS C 297 -7.30 56.14 -10.36
N THR C 298 -7.10 55.30 -9.34
CA THR C 298 -8.09 54.26 -8.99
C THR C 298 -9.44 54.86 -8.62
N SER C 299 -9.40 55.79 -7.66
CA SER C 299 -10.61 56.43 -7.15
C SER C 299 -11.40 57.09 -8.29
N ARG C 300 -10.68 57.78 -9.17
CA ARG C 300 -11.31 58.45 -10.32
C ARG C 300 -11.93 57.41 -11.26
N VAL C 301 -11.11 56.45 -11.68
CA VAL C 301 -11.51 55.48 -12.70
C VAL C 301 -12.65 54.59 -12.20
N LEU C 302 -12.61 54.32 -10.90
CA LEU C 302 -13.57 53.47 -10.23
C LEU C 302 -14.96 54.12 -10.23
N LYS C 303 -14.97 55.44 -10.14
CA LYS C 303 -16.20 56.24 -10.07
C LYS C 303 -17.18 55.99 -11.23
N GLU C 304 -16.66 55.59 -12.39
CA GLU C 304 -17.52 55.28 -13.54
C GLU C 304 -18.35 54.00 -13.30
N ASP C 305 -19.47 54.16 -12.60
CA ASP C 305 -20.41 53.06 -12.35
C ASP C 305 -21.22 52.70 -13.61
N LYS C 306 -21.54 53.70 -14.44
CA LYS C 306 -22.34 53.51 -15.67
C LYS C 306 -23.65 52.76 -15.37
N GLU C 307 -24.56 53.45 -14.66
CA GLU C 307 -25.84 52.86 -14.20
C GLU C 307 -26.85 52.73 -15.35
N PHE D 6 32.56 -16.08 10.01
CA PHE D 6 31.89 -15.64 8.74
C PHE D 6 31.70 -16.78 7.69
N HIS D 7 30.72 -17.66 7.95
CA HIS D 7 30.50 -18.88 7.15
C HIS D 7 29.65 -18.61 5.92
N VAL D 8 30.30 -18.55 4.76
CA VAL D 8 29.66 -18.23 3.50
C VAL D 8 29.91 -19.39 2.58
N LYS D 9 28.91 -19.82 1.81
CA LYS D 9 29.13 -20.81 0.77
C LYS D 9 28.95 -20.17 -0.61
N SER D 10 29.35 -20.87 -1.66
CA SER D 10 29.27 -20.41 -3.05
C SER D 10 27.85 -20.29 -3.48
N GLY D 11 27.62 -19.27 -4.29
CA GLY D 11 26.42 -19.19 -5.05
C GLY D 11 26.36 -20.18 -6.19
N LEU D 12 25.19 -20.38 -6.74
CA LEU D 12 24.99 -21.25 -7.86
C LEU D 12 25.62 -20.67 -9.12
N GLN D 13 26.50 -21.43 -9.74
CA GLN D 13 27.08 -21.07 -11.00
C GLN D 13 26.59 -21.94 -12.13
N ILE D 14 25.89 -21.37 -13.08
CA ILE D 14 25.40 -22.20 -14.16
C ILE D 14 26.48 -22.25 -15.25
N LYS D 15 27.11 -23.41 -15.38
CA LYS D 15 28.17 -23.61 -16.34
C LYS D 15 27.62 -23.67 -17.74
N LYS D 16 28.22 -22.92 -18.65
CA LYS D 16 27.82 -22.88 -20.09
C LYS D 16 28.62 -23.84 -20.99
N ASN D 17 29.75 -24.32 -20.52
CA ASN D 17 30.57 -25.21 -21.32
C ASN D 17 29.96 -26.59 -21.51
N ALA D 18 30.27 -27.26 -22.61
CA ALA D 18 29.68 -28.57 -22.84
C ALA D 18 30.02 -29.46 -21.71
N ILE D 19 29.03 -30.16 -21.18
CA ILE D 19 29.22 -31.07 -20.04
C ILE D 19 30.23 -32.15 -20.34
N ILE D 20 30.29 -32.60 -21.59
CA ILE D 20 31.23 -33.64 -21.99
C ILE D 20 32.71 -33.26 -21.72
N ASP D 21 33.03 -31.96 -21.71
CA ASP D 21 34.36 -31.51 -21.32
C ASP D 21 34.75 -31.99 -19.93
N ASP D 22 33.79 -32.04 -19.02
CA ASP D 22 34.04 -32.35 -17.58
C ASP D 22 33.66 -33.74 -17.17
N TYR D 23 32.75 -34.37 -17.91
CA TYR D 23 32.13 -35.62 -17.48
C TYR D 23 32.01 -36.52 -18.67
N LYS D 24 32.06 -37.83 -18.42
CA LYS D 24 31.77 -38.88 -19.40
C LYS D 24 30.32 -39.29 -19.15
N VAL D 25 29.45 -38.93 -20.09
CA VAL D 25 28.02 -39.20 -19.92
C VAL D 25 27.70 -40.52 -20.57
N THR D 26 27.29 -41.50 -19.79
CA THR D 26 26.90 -42.84 -20.29
C THR D 26 25.44 -42.89 -20.62
N SER D 27 25.03 -43.98 -21.24
CA SER D 27 23.62 -44.21 -21.56
C SER D 27 22.94 -45.10 -20.50
N GLN D 28 23.65 -45.46 -19.44
CA GLN D 28 23.06 -46.31 -18.41
C GLN D 28 22.02 -45.54 -17.61
N VAL D 29 20.78 -45.99 -17.66
CA VAL D 29 19.68 -45.37 -16.90
C VAL D 29 19.64 -45.86 -15.45
N LEU D 30 19.79 -44.94 -14.52
CA LEU D 30 19.73 -45.25 -13.09
C LEU D 30 18.27 -45.32 -12.61
N GLY D 31 17.41 -44.53 -13.24
CA GLY D 31 16.01 -44.51 -12.89
C GLY D 31 15.17 -43.64 -13.78
N LEU D 32 13.98 -44.12 -14.11
CA LEU D 32 13.02 -43.34 -14.91
C LEU D 32 12.15 -42.53 -13.93
N GLY D 33 11.81 -41.30 -14.29
CA GLY D 33 11.13 -40.41 -13.38
C GLY D 33 10.25 -39.35 -14.03
N ILE D 34 9.93 -38.34 -13.22
CA ILE D 34 8.97 -37.30 -13.60
C ILE D 34 9.48 -36.46 -14.77
N ASN D 35 10.60 -35.78 -14.54
CA ASN D 35 11.18 -34.87 -15.52
C ASN D 35 11.98 -35.61 -16.63
N GLY D 36 12.22 -36.92 -16.45
CA GLY D 36 12.93 -37.71 -17.45
C GLY D 36 13.80 -38.79 -16.84
N LYS D 37 14.58 -39.45 -17.71
CA LYS D 37 15.54 -40.49 -17.31
C LYS D 37 16.69 -39.89 -16.46
N VAL D 38 17.11 -40.58 -15.41
CA VAL D 38 18.32 -40.23 -14.65
C VAL D 38 19.52 -41.09 -15.07
N LEU D 39 20.49 -40.45 -15.74
CA LEU D 39 21.64 -41.15 -16.33
C LEU D 39 22.85 -41.15 -15.41
N GLN D 40 23.62 -42.24 -15.47
CA GLN D 40 24.89 -42.36 -14.73
C GLN D 40 26.03 -41.71 -15.52
N ILE D 41 26.82 -40.87 -14.87
CA ILE D 41 27.90 -40.16 -15.54
C ILE D 41 29.15 -40.26 -14.66
N PHE D 42 30.30 -39.97 -15.28
CA PHE D 42 31.58 -40.07 -14.59
C PHE D 42 32.38 -38.76 -14.71
N ASN D 43 32.83 -38.23 -13.57
CA ASN D 43 33.76 -37.11 -13.57
C ASN D 43 35.13 -37.49 -14.19
N LYS D 44 35.50 -36.87 -15.32
CA LYS D 44 36.74 -37.22 -16.06
C LYS D 44 37.99 -37.14 -15.17
N ARG D 45 38.06 -36.12 -14.35
CA ARG D 45 39.22 -35.81 -13.57
C ARG D 45 39.29 -36.66 -12.35
N THR D 46 38.15 -37.09 -11.80
CA THR D 46 38.17 -37.85 -10.52
C THR D 46 37.77 -39.28 -10.69
N GLN D 47 37.03 -39.52 -11.73
CA GLN D 47 36.57 -40.84 -12.11
C GLN D 47 35.43 -41.40 -11.20
N GLU D 48 34.82 -40.50 -10.41
CA GLU D 48 33.70 -40.82 -9.51
C GLU D 48 32.35 -40.85 -10.24
N LYS D 49 31.46 -41.75 -9.81
CA LYS D 49 30.12 -41.87 -10.36
C LYS D 49 29.21 -40.70 -9.86
N PHE D 50 28.44 -40.12 -10.77
CA PHE D 50 27.46 -39.11 -10.46
C PHE D 50 26.18 -39.35 -11.27
N ALA D 51 25.06 -38.78 -10.80
CA ALA D 51 23.77 -38.92 -11.48
C ALA D 51 23.51 -37.65 -12.24
N LEU D 52 22.86 -37.77 -13.38
CA LEU D 52 22.57 -36.64 -14.24
C LEU D 52 21.07 -36.60 -14.55
N LYS D 53 20.46 -35.45 -14.29
CA LYS D 53 19.09 -35.20 -14.60
C LYS D 53 18.98 -34.06 -15.63
N MET D 54 18.25 -34.27 -16.71
CA MET D 54 18.07 -33.26 -17.76
C MET D 54 16.67 -32.69 -17.83
N LEU D 55 16.57 -31.36 -17.89
CA LEU D 55 15.30 -30.68 -17.98
C LEU D 55 15.39 -29.65 -19.06
N GLN D 56 14.26 -29.31 -19.65
CA GLN D 56 14.17 -28.23 -20.61
C GLN D 56 14.38 -26.95 -19.82
N ASP D 57 15.23 -26.08 -20.32
CA ASP D 57 15.61 -24.85 -19.63
C ASP D 57 14.55 -23.77 -19.72
N CYS D 58 13.90 -23.48 -18.60
CA CYS D 58 12.86 -22.47 -18.51
C CYS D 58 12.89 -21.88 -17.12
N PRO D 59 12.21 -20.74 -16.91
CA PRO D 59 12.36 -20.11 -15.59
C PRO D 59 11.87 -21.02 -14.43
N LYS D 60 10.80 -21.78 -14.68
CA LYS D 60 10.32 -22.72 -13.68
C LYS D 60 11.40 -23.77 -13.34
N ALA D 61 12.09 -24.27 -14.37
CA ALA D 61 13.22 -25.22 -14.19
C ALA D 61 14.34 -24.59 -13.40
N ARG D 62 14.67 -23.34 -13.72
CA ARG D 62 15.79 -22.66 -13.10
C ARG D 62 15.48 -22.34 -11.67
N ARG D 63 14.21 -22.25 -11.34
CA ARG D 63 13.82 -21.83 -10.00
C ARG D 63 13.92 -23.01 -9.05
N GLU D 64 13.52 -24.18 -9.54
CA GLU D 64 13.56 -25.40 -8.77
C GLU D 64 14.99 -25.81 -8.50
N VAL D 65 15.81 -25.72 -9.53
CA VAL D 65 17.24 -25.99 -9.42
C VAL D 65 17.89 -25.09 -8.37
N GLU D 66 17.41 -23.87 -8.30
CA GLU D 66 18.00 -22.91 -7.44
C GLU D 66 17.62 -23.29 -6.03
N LEU D 67 16.46 -23.90 -5.85
CA LEU D 67 15.97 -24.25 -4.52
C LEU D 67 16.71 -25.44 -4.02
N HIS D 68 16.89 -26.42 -4.90
CA HIS D 68 17.68 -27.64 -4.61
C HIS D 68 19.09 -27.24 -4.29
N TRP D 69 19.67 -26.31 -5.04
CA TRP D 69 21.02 -25.82 -4.73
C TRP D 69 21.15 -25.36 -3.28
N ARG D 70 20.23 -24.50 -2.86
CA ARG D 70 20.20 -23.98 -1.49
C ARG D 70 20.02 -25.10 -0.48
N ALA D 71 19.23 -26.09 -0.85
CA ALA D 71 18.93 -27.22 -0.01
C ALA D 71 20.10 -28.16 0.13
N SER D 72 21.06 -28.10 -0.82
CA SER D 72 22.08 -29.16 -0.93
C SER D 72 23.06 -29.18 0.24
N GLN D 73 23.03 -28.11 1.04
CA GLN D 73 23.86 -28.00 2.24
C GLN D 73 23.39 -28.96 3.31
N CYS D 74 22.10 -29.29 3.31
CA CYS D 74 21.57 -30.25 4.29
C CYS D 74 22.09 -31.68 4.07
N PRO D 75 22.68 -32.27 5.10
CA PRO D 75 23.08 -33.67 5.11
C PRO D 75 22.12 -34.69 4.51
N HIS D 76 20.81 -34.53 4.69
CA HIS D 76 19.82 -35.53 4.21
C HIS D 76 19.09 -35.14 2.91
N ILE D 77 19.70 -34.26 2.11
CA ILE D 77 19.13 -33.88 0.79
C ILE D 77 20.16 -34.15 -0.28
N VAL D 78 19.77 -34.85 -1.33
CA VAL D 78 20.70 -35.22 -2.36
C VAL D 78 21.41 -33.99 -2.85
N ARG D 79 22.76 -34.10 -2.94
CA ARG D 79 23.64 -32.96 -3.18
C ARG D 79 23.81 -32.60 -4.66
N ILE D 80 23.55 -31.35 -5.05
CA ILE D 80 23.83 -30.91 -6.44
C ILE D 80 25.26 -30.47 -6.49
N VAL D 81 26.05 -31.13 -7.31
CA VAL D 81 27.50 -30.90 -7.43
C VAL D 81 27.85 -29.86 -8.50
N ASP D 82 27.27 -29.97 -9.69
CA ASP D 82 27.28 -28.82 -10.58
C ASP D 82 26.13 -28.84 -11.58
N VAL D 83 25.76 -27.67 -12.09
CA VAL D 83 24.62 -27.48 -13.03
C VAL D 83 25.15 -26.87 -14.33
N TYR D 84 24.68 -27.33 -15.46
CA TYR D 84 25.12 -26.82 -16.74
C TYR D 84 23.89 -26.35 -17.54
N GLU D 85 24.07 -25.31 -18.34
CA GLU D 85 23.12 -24.91 -19.35
C GLU D 85 23.75 -25.09 -20.73
N ASN D 86 23.33 -26.10 -21.47
CA ASN D 86 23.89 -26.46 -22.78
C ASN D 86 22.78 -26.56 -23.77
N LEU D 87 23.12 -26.81 -25.02
CA LEU D 87 22.21 -26.83 -26.14
C LEU D 87 22.14 -28.29 -26.59
N TYR D 88 20.98 -28.87 -26.52
CA TYR D 88 20.79 -30.24 -26.92
C TYR D 88 19.70 -30.30 -27.97
N ALA D 89 20.10 -30.65 -29.20
CA ALA D 89 19.17 -30.77 -30.33
C ALA D 89 18.55 -29.43 -30.65
N GLY D 90 19.32 -28.34 -30.55
CA GLY D 90 18.75 -26.97 -30.77
C GLY D 90 17.81 -26.43 -29.66
N ARG D 91 17.16 -27.36 -28.94
CA ARG D 91 16.49 -27.00 -27.69
C ARG D 91 17.53 -26.70 -26.54
N LYS D 92 17.29 -25.58 -25.85
CA LYS D 92 18.09 -25.11 -24.73
C LYS D 92 17.78 -25.97 -23.48
N CYS D 93 18.73 -26.78 -23.05
CA CYS D 93 18.53 -27.68 -21.91
C CYS D 93 19.30 -27.28 -20.67
N LEU D 94 18.99 -27.96 -19.57
CA LEU D 94 19.52 -27.62 -18.27
C LEU D 94 19.93 -28.95 -17.65
N LEU D 95 21.23 -29.14 -17.40
CA LEU D 95 21.72 -30.42 -17.00
C LEU D 95 22.15 -30.34 -15.56
N ILE D 96 21.58 -31.19 -14.70
CA ILE D 96 21.79 -31.10 -13.27
C ILE D 96 22.59 -32.32 -12.84
N VAL D 97 23.76 -32.09 -12.24
CA VAL D 97 24.60 -33.19 -11.81
C VAL D 97 24.51 -33.30 -10.27
N MET D 98 24.18 -34.51 -9.79
CA MET D 98 24.04 -34.77 -8.36
C MET D 98 24.90 -35.93 -7.92
N GLU D 99 25.16 -35.94 -6.63
CA GLU D 99 25.77 -37.06 -6.00
C GLU D 99 24.90 -38.24 -6.33
N CYS D 100 25.53 -39.35 -6.60
CA CYS D 100 24.85 -40.56 -7.00
C CYS D 100 24.52 -41.41 -5.79
N LEU D 101 23.26 -41.79 -5.71
CA LEU D 101 22.83 -42.52 -4.56
C LEU D 101 22.67 -43.94 -5.01
N ASP D 102 23.53 -44.81 -4.47
CA ASP D 102 23.59 -46.23 -4.89
C ASP D 102 22.83 -47.19 -3.97
N GLY D 103 22.67 -46.83 -2.70
CA GLY D 103 22.03 -47.75 -1.73
C GLY D 103 20.57 -48.17 -1.95
N GLY D 104 19.91 -47.71 -3.02
CA GLY D 104 18.49 -48.09 -3.29
C GLY D 104 17.45 -47.34 -2.46
N GLU D 105 16.17 -47.48 -2.86
CA GLU D 105 15.03 -46.79 -2.22
C GLU D 105 14.87 -47.22 -0.79
N LEU D 106 14.06 -46.48 -0.04
CA LEU D 106 13.92 -46.68 1.43
C LEU D 106 13.43 -48.10 1.79
N PHE D 107 12.29 -48.49 1.23
CA PHE D 107 11.66 -49.76 1.55
C PHE D 107 12.36 -50.95 0.93
N SER D 108 13.13 -50.72 -0.13
CA SER D 108 13.89 -51.80 -0.76
C SER D 108 14.95 -52.32 0.20
N ARG D 109 15.66 -51.44 0.88
CA ARG D 109 16.67 -51.87 1.86
C ARG D 109 16.06 -52.56 3.06
N ILE D 110 14.85 -52.18 3.42
CA ILE D 110 14.20 -52.69 4.61
C ILE D 110 13.88 -54.17 4.44
N GLN D 111 13.28 -54.53 3.31
CA GLN D 111 12.84 -55.92 3.09
C GLN D 111 14.00 -56.91 2.86
N ASP D 112 15.16 -56.43 2.44
CA ASP D 112 16.31 -57.28 2.17
C ASP D 112 17.10 -57.55 3.44
N ARG D 113 16.44 -58.19 4.41
CA ARG D 113 17.06 -58.63 5.66
C ARG D 113 16.09 -59.60 6.39
N ALA D 117 13.82 -58.75 10.32
CA ALA D 117 14.46 -58.41 11.60
C ALA D 117 14.51 -56.88 11.82
N PHE D 118 13.35 -56.21 11.68
CA PHE D 118 13.26 -54.73 11.66
C PHE D 118 12.68 -54.13 12.95
N THR D 119 13.50 -53.39 13.68
CA THR D 119 13.12 -52.84 14.99
C THR D 119 12.44 -51.46 14.92
N GLU D 120 11.77 -51.08 16.00
CA GLU D 120 11.05 -49.81 16.09
C GLU D 120 12.09 -48.68 16.10
N ARG D 121 13.13 -48.85 16.90
CA ARG D 121 14.23 -47.88 17.04
C ARG D 121 14.77 -47.47 15.69
N GLU D 122 14.85 -48.43 14.77
CA GLU D 122 15.37 -48.17 13.43
C GLU D 122 14.40 -47.36 12.57
N ALA D 123 13.10 -47.57 12.77
CA ALA D 123 12.06 -46.71 12.15
C ALA D 123 12.16 -45.21 12.55
N SER D 124 12.32 -44.99 13.85
CA SER D 124 12.53 -43.67 14.42
C SER D 124 13.78 -42.95 13.86
N GLU D 125 14.86 -43.69 13.64
CA GLU D 125 16.07 -43.09 13.12
C GLU D 125 15.85 -42.70 11.68
N ILE D 126 15.05 -43.49 10.95
CA ILE D 126 14.68 -43.15 9.59
C ILE D 126 13.81 -41.89 9.60
N MET D 127 12.78 -41.89 10.43
CA MET D 127 11.85 -40.78 10.49
C MET D 127 12.56 -39.52 10.95
N LYS D 128 13.52 -39.65 11.84
CA LYS D 128 14.32 -38.50 12.24
C LYS D 128 15.14 -37.99 11.07
N SER D 129 15.66 -38.91 10.26
CA SER D 129 16.53 -38.44 9.20
C SER D 129 15.66 -37.76 8.18
N ILE D 130 14.52 -38.38 7.86
CA ILE D 130 13.62 -37.79 6.85
C ILE D 130 13.10 -36.44 7.33
N GLY D 131 12.87 -36.30 8.63
CA GLY D 131 12.36 -35.07 9.19
C GLY D 131 13.33 -33.92 9.17
N GLU D 132 14.62 -34.23 9.28
CA GLU D 132 15.67 -33.21 9.19
C GLU D 132 15.71 -32.60 7.80
N ALA D 133 15.39 -33.40 6.80
CA ALA D 133 15.36 -32.88 5.48
C ALA D 133 14.22 -31.86 5.35
N ILE D 134 13.05 -32.19 5.88
CA ILE D 134 11.90 -31.28 5.88
C ILE D 134 12.18 -30.06 6.78
N GLN D 135 12.78 -30.28 7.93
CA GLN D 135 13.07 -29.19 8.81
C GLN D 135 13.97 -28.12 8.11
N TYR D 136 14.99 -28.57 7.39
CA TYR D 136 15.89 -27.65 6.69
C TYR D 136 15.12 -26.88 5.63
N LEU D 137 14.33 -27.61 4.85
CA LEU D 137 13.59 -27.02 3.77
C LEU D 137 12.59 -25.99 4.29
N HIS D 138 11.88 -26.38 5.35
CA HIS D 138 10.87 -25.50 5.89
C HIS D 138 11.53 -24.32 6.54
N SER D 139 12.69 -24.53 7.13
CA SER D 139 13.40 -23.43 7.80
C SER D 139 13.98 -22.43 6.80
N ILE D 140 14.12 -22.80 5.54
CA ILE D 140 14.49 -21.83 4.50
C ILE D 140 13.35 -21.62 3.54
N ASN D 141 12.12 -21.80 4.02
CA ASN D 141 10.87 -21.46 3.29
C ASN D 141 10.71 -22.16 1.98
N ILE D 142 11.02 -23.46 1.97
CA ILE D 142 10.84 -24.30 0.79
C ILE D 142 9.90 -25.45 1.16
N ALA D 143 8.95 -25.73 0.28
CA ALA D 143 8.04 -26.86 0.47
C ALA D 143 8.28 -27.87 -0.63
N HIS D 144 8.60 -29.09 -0.26
CA HIS D 144 8.98 -30.12 -1.22
C HIS D 144 7.84 -30.57 -2.07
N ARG D 145 6.71 -30.89 -1.45
CA ARG D 145 5.47 -31.29 -2.14
C ARG D 145 5.61 -32.58 -2.98
N ASP D 146 6.58 -33.40 -2.64
CA ASP D 146 6.66 -34.70 -3.27
C ASP D 146 7.48 -35.63 -2.43
N VAL D 147 7.26 -35.62 -1.12
CA VAL D 147 8.00 -36.45 -0.23
C VAL D 147 7.36 -37.83 -0.22
N LYS D 148 7.94 -38.77 -0.92
CA LYS D 148 7.46 -40.15 -0.90
C LYS D 148 8.65 -41.07 -1.00
N PRO D 149 8.46 -42.37 -0.70
CA PRO D 149 9.58 -43.31 -0.61
C PRO D 149 10.41 -43.40 -1.88
N GLU D 150 9.76 -43.33 -3.02
CA GLU D 150 10.44 -43.27 -4.29
C GLU D 150 11.54 -42.20 -4.30
N ASN D 151 11.36 -41.12 -3.56
CA ASN D 151 12.30 -40.03 -3.56
C ASN D 151 13.07 -40.05 -2.26
N LEU D 152 13.18 -41.20 -1.63
CA LEU D 152 14.11 -41.32 -0.52
C LEU D 152 15.10 -42.48 -0.72
N LEU D 153 16.34 -42.18 -1.12
CA LEU D 153 17.35 -43.19 -1.48
C LEU D 153 18.57 -43.13 -0.55
N TYR D 154 19.18 -44.31 -0.31
CA TYR D 154 20.43 -44.38 0.44
C TYR D 154 21.65 -44.10 -0.44
N THR D 155 22.74 -43.63 0.19
CA THR D 155 23.94 -43.23 -0.54
C THR D 155 24.77 -44.43 -1.01
N SER D 156 24.74 -45.50 -0.21
CA SER D 156 25.45 -46.74 -0.55
C SER D 156 24.74 -47.94 0.04
N LYS D 157 25.08 -49.13 -0.48
CA LYS D 157 24.52 -50.44 -0.02
C LYS D 157 25.04 -50.73 1.39
N ARG D 158 26.17 -50.13 1.73
CA ARG D 158 26.73 -50.09 3.11
C ARG D 158 25.64 -49.83 4.18
N PRO D 159 25.72 -50.46 5.36
CA PRO D 159 24.66 -50.19 6.39
C PRO D 159 24.82 -48.83 7.19
N ASN D 160 25.93 -48.13 6.99
CA ASN D 160 26.11 -46.77 7.55
C ASN D 160 25.56 -45.70 6.59
N ALA D 161 25.03 -46.13 5.44
CA ALA D 161 24.50 -45.23 4.42
C ALA D 161 23.56 -44.16 5.03
N ILE D 162 23.69 -42.90 4.61
CA ILE D 162 22.77 -41.87 5.05
C ILE D 162 21.64 -41.71 4.03
N LEU D 163 20.41 -41.57 4.53
CA LEU D 163 19.16 -41.46 3.69
C LEU D 163 18.92 -40.02 3.26
N LYS D 164 18.58 -39.83 1.99
CA LYS D 164 18.56 -38.54 1.36
C LYS D 164 17.32 -38.29 0.52
N LEU D 165 16.79 -37.07 0.56
CA LEU D 165 15.59 -36.74 -0.18
C LEU D 165 15.94 -36.24 -1.55
N THR D 166 15.14 -36.60 -2.55
CA THR D 166 15.43 -36.21 -3.94
C THR D 166 14.18 -35.69 -4.66
N ASP D 167 14.32 -35.30 -5.91
CA ASP D 167 13.20 -34.81 -6.76
C ASP D 167 12.58 -33.53 -6.24
N PHE D 168 13.11 -32.38 -6.66
CA PHE D 168 12.57 -31.06 -6.33
C PHE D 168 11.71 -30.50 -7.42
N GLY D 169 11.09 -31.36 -8.21
CA GLY D 169 10.27 -30.95 -9.37
C GLY D 169 8.96 -30.27 -9.00
N PHE D 170 8.44 -30.54 -7.81
CA PHE D 170 7.25 -29.86 -7.26
C PHE D 170 7.62 -28.92 -6.11
N ALA D 171 8.92 -28.73 -5.85
CA ALA D 171 9.38 -27.83 -4.78
C ALA D 171 8.96 -26.44 -5.12
N LYS D 172 8.62 -25.68 -4.11
CA LYS D 172 8.07 -24.35 -4.29
C LYS D 172 8.40 -23.53 -3.08
N GLU D 173 8.71 -22.26 -3.27
CA GLU D 173 9.11 -21.38 -2.18
C GLU D 173 7.87 -20.82 -1.54
N THR D 174 7.89 -20.74 -0.20
CA THR D 174 6.70 -20.38 0.61
C THR D 174 6.65 -18.91 1.06
N THR D 175 7.47 -18.04 0.44
CA THR D 175 7.57 -16.65 0.84
C THR D 175 8.38 -15.83 -0.16
N SER D 176 8.27 -14.48 -0.10
CA SER D 176 8.99 -13.56 -1.03
C SER D 176 10.53 -13.50 -0.82
N PRO D 187 10.93 -5.74 17.73
CA PRO D 187 9.57 -6.32 17.81
C PRO D 187 9.57 -7.81 18.12
N TYR D 188 9.49 -8.13 19.41
CA TYR D 188 9.53 -9.49 19.90
C TYR D 188 8.17 -10.14 20.09
N TYR D 189 7.11 -9.35 19.91
CA TYR D 189 5.72 -9.78 20.16
C TYR D 189 4.91 -9.98 18.87
N VAL D 190 5.54 -9.67 17.75
CA VAL D 190 4.95 -9.91 16.43
C VAL D 190 4.63 -11.43 16.26
N ALA D 191 3.38 -11.72 15.95
CA ALA D 191 2.94 -13.08 15.80
C ALA D 191 3.34 -13.55 14.43
N PRO D 192 3.51 -14.88 14.27
CA PRO D 192 3.94 -15.44 13.01
C PRO D 192 3.05 -15.11 11.83
N GLU D 193 1.77 -14.84 12.06
CA GLU D 193 0.81 -14.47 10.99
C GLU D 193 1.16 -13.11 10.40
N VAL D 194 1.65 -12.20 11.24
CA VAL D 194 1.97 -10.83 10.83
C VAL D 194 3.24 -10.81 9.92
N LEU D 195 4.15 -11.77 10.11
CA LEU D 195 5.37 -11.84 9.29
C LEU D 195 5.08 -12.01 7.81
N GLY D 196 3.89 -12.52 7.48
CA GLY D 196 3.43 -12.55 6.10
C GLY D 196 2.58 -13.77 5.83
N PRO D 197 1.80 -13.74 4.74
CA PRO D 197 1.01 -14.91 4.33
C PRO D 197 1.85 -15.97 3.55
N GLU D 198 1.58 -17.26 3.79
CA GLU D 198 2.24 -18.35 3.06
C GLU D 198 1.34 -18.99 1.99
N ASP D 201 1.32 -24.57 0.61
CA ASP D 201 1.41 -25.00 2.02
C ASP D 201 2.44 -26.14 2.19
N LYS D 202 3.08 -26.13 3.33
CA LYS D 202 4.06 -27.13 3.68
C LYS D 202 3.50 -28.22 4.57
N SER D 203 2.21 -28.17 4.88
CA SER D 203 1.55 -29.19 5.67
C SER D 203 1.49 -30.46 4.90
N CYS D 204 1.50 -30.38 3.58
CA CYS D 204 1.45 -31.58 2.73
C CYS D 204 2.68 -32.45 2.94
N ASP D 205 3.82 -31.81 3.18
CA ASP D 205 5.05 -32.52 3.54
C ASP D 205 4.91 -33.27 4.83
N MET D 206 4.22 -32.69 5.79
CA MET D 206 3.95 -33.39 7.06
C MET D 206 2.90 -34.52 6.92
N TRP D 207 1.93 -34.35 6.05
CA TRP D 207 1.01 -35.43 5.81
C TRP D 207 1.78 -36.60 5.23
N SER D 208 2.61 -36.31 4.24
CA SER D 208 3.49 -37.31 3.62
C SER D 208 4.36 -37.99 4.67
N LEU D 209 4.88 -37.23 5.60
CA LEU D 209 5.71 -37.77 6.65
C LEU D 209 4.90 -38.79 7.49
N GLY D 210 3.60 -38.52 7.68
CA GLY D 210 2.74 -39.42 8.43
C GLY D 210 2.44 -40.72 7.71
N VAL D 211 2.24 -40.63 6.41
CA VAL D 211 2.01 -41.82 5.61
C VAL D 211 3.29 -42.72 5.62
N ILE D 212 4.45 -42.12 5.41
CA ILE D 212 5.71 -42.85 5.37
C ILE D 212 5.92 -43.56 6.71
N MET D 213 5.59 -42.88 7.80
CA MET D 213 5.78 -43.48 9.14
C MET D 213 4.83 -44.67 9.32
N TYR D 214 3.65 -44.58 8.70
CA TYR D 214 2.64 -45.64 8.87
C TYR D 214 3.17 -46.89 8.22
N ILE D 215 3.52 -46.76 6.95
CA ILE D 215 4.14 -47.85 6.20
C ILE D 215 5.42 -48.36 6.86
N LEU D 216 6.25 -47.51 7.40
CA LEU D 216 7.44 -48.01 8.04
C LEU D 216 7.14 -48.93 9.21
N LEU D 217 6.16 -48.57 10.03
CA LEU D 217 5.88 -49.35 11.26
C LEU D 217 5.11 -50.63 10.99
N CYS D 218 4.44 -50.74 9.83
CA CYS D 218 3.55 -51.87 9.57
C CYS D 218 3.88 -52.57 8.27
N GLY D 219 3.88 -51.85 7.16
CA GLY D 219 4.30 -52.41 5.88
C GLY D 219 3.35 -52.15 4.74
N TYR D 220 2.35 -51.31 4.97
CA TYR D 220 1.31 -50.98 3.96
C TYR D 220 0.68 -49.62 4.25
N PRO D 221 0.12 -48.98 3.22
CA PRO D 221 -0.40 -47.65 3.44
C PRO D 221 -1.51 -47.60 4.47
N PRO D 222 -1.78 -46.42 5.01
CA PRO D 222 -2.99 -46.25 5.77
C PRO D 222 -4.22 -46.02 4.88
N PHE D 223 -4.05 -45.84 3.57
CA PHE D 223 -5.19 -45.69 2.66
C PHE D 223 -5.03 -46.54 1.37
N TYR D 224 -5.53 -47.79 1.40
CA TYR D 224 -5.40 -48.75 0.28
C TYR D 224 -6.38 -48.39 -0.87
N SER D 225 -6.53 -49.31 -1.83
CA SER D 225 -7.64 -49.24 -2.80
C SER D 225 -8.50 -50.52 -2.85
N ILE D 231 -13.30 -48.48 -3.07
CA ILE D 231 -12.06 -48.98 -3.65
C ILE D 231 -11.16 -47.79 -4.04
N SER D 232 -11.44 -47.10 -5.16
CA SER D 232 -10.65 -45.90 -5.58
C SER D 232 -11.31 -44.51 -5.33
N PRO D 233 -12.58 -44.29 -5.75
CA PRO D 233 -13.30 -43.08 -5.24
C PRO D 233 -13.73 -43.23 -3.76
N GLY D 234 -13.68 -44.47 -3.26
CA GLY D 234 -13.78 -44.77 -1.85
C GLY D 234 -12.52 -44.38 -1.08
N MET D 235 -11.37 -44.59 -1.71
CA MET D 235 -10.08 -44.12 -1.16
C MET D 235 -10.00 -42.59 -1.14
N LYS D 236 -10.51 -41.93 -2.15
CA LYS D 236 -10.65 -40.47 -2.06
C LYS D 236 -11.45 -40.07 -0.81
N THR D 237 -12.46 -40.88 -0.46
CA THR D 237 -13.35 -40.59 0.68
C THR D 237 -12.61 -40.81 1.98
N ARG D 238 -12.08 -42.01 2.15
CA ARG D 238 -11.31 -42.34 3.35
C ARG D 238 -10.20 -41.32 3.75
N ILE D 239 -9.54 -40.74 2.75
CA ILE D 239 -8.61 -39.64 2.92
C ILE D 239 -9.38 -38.42 3.39
N ARG D 240 -10.41 -37.99 2.66
CA ARG D 240 -11.14 -36.74 2.97
C ARG D 240 -11.76 -36.84 4.39
N MET D 241 -12.27 -38.02 4.72
CA MET D 241 -12.89 -38.31 6.02
C MET D 241 -11.82 -38.46 7.14
N GLY D 242 -10.69 -39.06 6.78
CA GLY D 242 -9.63 -39.30 7.72
C GLY D 242 -9.86 -40.63 8.39
N GLN D 243 -10.38 -41.61 7.65
CA GLN D 243 -10.63 -42.93 8.23
C GLN D 243 -9.61 -43.96 7.84
N TYR D 244 -8.90 -44.45 8.85
CA TYR D 244 -7.87 -45.47 8.75
C TYR D 244 -7.76 -46.18 10.12
N GLU D 245 -7.11 -47.32 10.15
CA GLU D 245 -7.00 -48.07 11.36
C GLU D 245 -5.56 -48.44 11.67
N PHE D 246 -5.32 -48.82 12.95
CA PHE D 246 -4.11 -49.50 13.39
C PHE D 246 -4.35 -51.02 13.66
N PRO D 247 -4.65 -51.81 12.61
CA PRO D 247 -5.10 -53.17 12.85
C PRO D 247 -4.03 -54.07 13.45
N ASN D 248 -4.47 -55.09 14.20
CA ASN D 248 -3.58 -56.18 14.66
C ASN D 248 -3.50 -57.30 13.62
N PRO D 249 -2.41 -58.08 13.62
CA PRO D 249 -1.32 -58.14 14.62
C PRO D 249 -0.18 -57.20 14.36
N GLU D 250 -0.28 -56.38 13.30
CA GLU D 250 0.80 -55.44 12.95
C GLU D 250 1.05 -54.42 14.05
N TRP D 251 -0.02 -53.80 14.54
CA TRP D 251 0.05 -52.63 15.42
C TRP D 251 -0.10 -52.91 16.92
N SER D 252 -0.39 -54.16 17.25
CA SER D 252 -0.72 -54.55 18.64
C SER D 252 0.41 -54.23 19.64
N GLU D 253 1.64 -54.54 19.23
CA GLU D 253 2.84 -54.33 20.06
C GLU D 253 3.39 -52.87 19.98
N VAL D 254 2.80 -52.05 19.09
CA VAL D 254 3.19 -50.61 18.92
C VAL D 254 2.48 -49.67 19.89
N SER D 255 3.24 -48.76 20.50
CA SER D 255 2.76 -47.97 21.64
C SER D 255 1.69 -46.98 21.28
N GLU D 256 1.03 -46.46 22.31
CA GLU D 256 0.01 -45.41 22.14
C GLU D 256 0.63 -44.06 21.74
N GLU D 257 1.87 -43.84 22.19
CA GLU D 257 2.65 -42.67 21.82
C GLU D 257 2.89 -42.61 20.32
N VAL D 258 3.34 -43.70 19.76
CA VAL D 258 3.64 -43.75 18.35
C VAL D 258 2.38 -43.62 17.49
N LYS D 259 1.30 -44.21 17.94
CA LYS D 259 0.03 -44.13 17.22
C LYS D 259 -0.50 -42.71 17.28
N MET D 260 -0.28 -42.08 18.43
CA MET D 260 -0.71 -40.71 18.63
C MET D 260 0.03 -39.78 17.67
N LEU D 261 1.32 -40.06 17.44
CA LEU D 261 2.16 -39.26 16.54
C LEU D 261 1.68 -39.40 15.09
N ILE D 262 1.38 -40.62 14.68
CA ILE D 262 0.81 -40.78 13.37
C ILE D 262 -0.50 -39.99 13.26
N ARG D 263 -1.30 -40.00 14.32
CA ARG D 263 -2.61 -39.37 14.33
C ARG D 263 -2.51 -37.85 14.15
N ASN D 264 -1.51 -37.24 14.78
CA ASN D 264 -1.32 -35.82 14.65
C ASN D 264 -0.76 -35.46 13.28
N LEU D 265 -0.07 -36.37 12.61
CA LEU D 265 0.45 -36.12 11.26
C LEU D 265 -0.66 -36.26 10.25
N LEU D 266 -1.56 -37.21 10.49
CA LEU D 266 -2.59 -37.53 9.54
C LEU D 266 -3.88 -36.76 9.82
N LYS D 267 -3.79 -35.61 10.47
CA LYS D 267 -4.94 -34.76 10.64
C LYS D 267 -5.41 -34.30 9.30
N THR D 268 -6.71 -34.35 9.08
CA THR D 268 -7.33 -33.90 7.83
C THR D 268 -7.11 -32.41 7.59
N GLU D 269 -7.31 -31.64 8.63
CA GLU D 269 -7.26 -30.19 8.47
C GLU D 269 -5.79 -29.75 8.58
N PRO D 270 -5.29 -29.07 7.53
CA PRO D 270 -3.88 -28.72 7.55
C PRO D 270 -3.46 -27.86 8.74
N THR D 271 -4.32 -26.95 9.16
CA THR D 271 -3.98 -26.08 10.29
C THR D 271 -3.92 -26.85 11.60
N GLN D 272 -4.70 -27.91 11.73
CA GLN D 272 -4.59 -28.80 12.93
C GLN D 272 -3.34 -29.65 12.95
N ARG D 273 -2.80 -29.95 11.79
CA ARG D 273 -1.72 -30.94 11.67
C ARG D 273 -0.46 -30.50 12.34
N MET D 274 0.39 -31.45 12.63
CA MET D 274 1.66 -31.18 13.32
C MET D 274 2.63 -30.42 12.41
N THR D 275 3.34 -29.45 12.97
CA THR D 275 4.41 -28.77 12.26
C THR D 275 5.72 -29.55 12.35
N ILE D 276 6.70 -29.23 11.52
CA ILE D 276 7.99 -29.97 11.52
C ILE D 276 8.72 -29.76 12.82
N THR D 277 8.64 -28.56 13.36
CA THR D 277 9.37 -28.25 14.63
C THR D 277 8.78 -29.05 15.74
N GLU D 278 7.49 -29.27 15.71
CA GLU D 278 6.85 -30.04 16.75
C GLU D 278 7.23 -31.55 16.61
N PHE D 279 7.23 -32.02 15.40
CA PHE D 279 7.61 -33.40 15.11
C PHE D 279 9.01 -33.71 15.65
N MET D 280 9.98 -32.85 15.34
CA MET D 280 11.34 -33.08 15.73
C MET D 280 11.51 -32.97 17.24
N ASN D 281 10.73 -32.15 17.91
CA ASN D 281 10.81 -32.06 19.38
C ASN D 281 10.17 -33.25 20.08
N HIS D 282 9.35 -33.99 19.37
CA HIS D 282 8.64 -35.10 19.99
C HIS D 282 9.62 -36.17 20.43
N PRO D 283 9.47 -36.71 21.66
CA PRO D 283 10.44 -37.65 22.27
C PRO D 283 10.81 -38.87 21.44
N TRP D 284 9.83 -39.52 20.84
CA TRP D 284 10.13 -40.66 19.99
C TRP D 284 11.16 -40.32 18.92
N ILE D 285 11.11 -39.12 18.37
CA ILE D 285 12.08 -38.67 17.35
C ILE D 285 13.31 -38.13 18.07
N MET D 286 13.10 -37.22 19.03
CA MET D 286 14.17 -36.59 19.79
C MET D 286 15.10 -37.59 20.53
N GLN D 287 14.56 -38.74 20.92
CA GLN D 287 15.32 -39.81 21.56
C GLN D 287 15.30 -41.07 20.68
N SER D 288 15.88 -40.97 19.49
CA SER D 288 15.97 -42.12 18.60
C SER D 288 16.91 -43.15 19.17
N THR D 289 17.87 -42.69 19.97
CA THR D 289 18.83 -43.59 20.61
C THR D 289 18.19 -44.41 21.77
N LYS D 290 17.46 -43.74 22.66
CA LYS D 290 16.84 -44.38 23.85
C LYS D 290 15.40 -44.85 23.63
N VAL D 291 15.20 -45.65 22.58
CA VAL D 291 13.84 -46.11 22.17
C VAL D 291 13.77 -47.66 22.01
N PRO D 292 12.66 -48.27 22.45
CA PRO D 292 12.48 -49.73 22.37
C PRO D 292 12.91 -50.36 21.05
N GLN D 293 13.31 -51.63 21.09
CA GLN D 293 13.67 -52.39 19.89
C GLN D 293 12.57 -53.37 19.49
N THR D 294 11.34 -53.08 19.90
CA THR D 294 10.24 -54.02 19.73
C THR D 294 10.08 -54.38 18.25
N PRO D 295 10.25 -55.67 17.89
CA PRO D 295 10.20 -56.04 16.48
C PRO D 295 8.97 -55.56 15.75
N LEU D 296 9.12 -55.34 14.44
CA LEU D 296 8.02 -54.95 13.57
C LEU D 296 7.86 -55.97 12.47
N HIS D 297 6.64 -56.08 11.96
CA HIS D 297 6.28 -57.01 10.90
C HIS D 297 6.57 -56.42 9.51
N THR D 298 7.33 -55.33 9.49
CA THR D 298 7.51 -54.54 8.26
C THR D 298 8.20 -55.35 7.17
N SER D 299 9.36 -55.90 7.52
CA SER D 299 10.18 -56.66 6.57
C SER D 299 9.38 -57.82 5.97
N ARG D 300 8.60 -58.51 6.81
CA ARG D 300 7.78 -59.62 6.37
C ARG D 300 6.66 -59.14 5.44
N VAL D 301 5.88 -58.18 5.92
CA VAL D 301 4.69 -57.70 5.21
C VAL D 301 5.05 -57.03 3.87
N LEU D 302 6.20 -56.37 3.89
CA LEU D 302 6.70 -55.66 2.74
C LEU D 302 7.05 -56.65 1.63
N LYS D 303 7.61 -57.80 2.05
CA LYS D 303 8.03 -58.87 1.13
C LYS D 303 6.96 -59.28 0.09
N GLU D 304 5.68 -59.13 0.44
CA GLU D 304 4.59 -59.38 -0.52
C GLU D 304 4.60 -58.40 -1.70
N ASP D 305 5.37 -58.77 -2.74
CA ASP D 305 5.50 -57.96 -3.95
C ASP D 305 4.27 -58.10 -4.87
N LYS D 306 3.75 -59.34 -5.03
CA LYS D 306 2.61 -59.62 -5.92
C LYS D 306 2.89 -59.16 -7.35
N GLU D 307 3.80 -59.90 -8.03
CA GLU D 307 4.28 -59.56 -9.38
C GLU D 307 3.24 -59.86 -10.46
N PHE E 6 -31.27 -1.97 36.14
CA PHE E 6 -30.99 -1.26 34.84
C PHE E 6 -29.64 -0.45 34.86
N HIS E 7 -28.55 -1.20 34.69
CA HIS E 7 -27.19 -0.67 34.81
C HIS E 7 -26.68 -0.06 33.50
N VAL E 8 -26.82 1.24 33.37
CA VAL E 8 -26.44 2.01 32.20
C VAL E 8 -25.31 2.95 32.59
N LYS E 9 -24.32 3.14 31.73
CA LYS E 9 -23.29 4.13 31.95
C LYS E 9 -23.40 5.23 30.89
N SER E 10 -22.67 6.33 31.05
CA SER E 10 -22.70 7.47 30.16
C SER E 10 -22.10 7.16 28.85
N GLY E 11 -22.64 7.78 27.81
CA GLY E 11 -21.99 7.82 26.54
C GLY E 11 -20.79 8.73 26.53
N LEU E 12 -19.96 8.63 25.50
CA LEU E 12 -18.78 9.44 25.37
C LEU E 12 -19.20 10.86 24.97
N GLN E 13 -18.83 11.82 25.79
CA GLN E 13 -18.99 13.21 25.45
C GLN E 13 -17.67 13.84 25.01
N ILE E 14 -17.62 14.33 23.80
CA ILE E 14 -16.41 15.01 23.37
C ILE E 14 -16.58 16.51 23.70
N LYS E 15 -15.87 16.96 24.72
CA LYS E 15 -15.89 18.33 25.17
C LYS E 15 -15.21 19.21 24.19
N LYS E 16 -15.85 20.33 23.84
CA LYS E 16 -15.31 21.34 22.90
C LYS E 16 -14.59 22.50 23.60
N ASN E 17 -14.82 22.69 24.88
CA ASN E 17 -14.18 23.76 25.61
C ASN E 17 -12.66 23.61 25.83
N ALA E 18 -11.94 24.71 25.93
CA ALA E 18 -10.50 24.64 26.03
C ALA E 18 -10.18 23.79 27.23
N ILE E 19 -9.32 22.80 27.06
CA ILE E 19 -8.93 21.91 28.16
C ILE E 19 -8.35 22.69 29.33
N ILE E 20 -7.69 23.80 29.05
CA ILE E 20 -7.07 24.63 30.10
C ILE E 20 -8.11 25.19 31.10
N ASP E 21 -9.39 25.26 30.69
CA ASP E 21 -10.46 25.65 31.60
C ASP E 21 -10.59 24.67 32.75
N ASP E 22 -10.32 23.40 32.50
CA ASP E 22 -10.57 22.33 33.50
C ASP E 22 -9.34 21.75 34.10
N TYR E 23 -8.21 21.86 33.40
CA TYR E 23 -6.97 21.21 33.82
C TYR E 23 -5.85 22.18 33.65
N LYS E 24 -4.82 21.99 34.46
CA LYS E 24 -3.53 22.69 34.37
C LYS E 24 -2.62 21.70 33.62
N VAL E 25 -2.27 22.04 32.39
CA VAL E 25 -1.42 21.20 31.57
C VAL E 25 0.04 21.56 31.73
N THR E 26 0.83 20.68 32.33
CA THR E 26 2.27 20.93 32.52
C THR E 26 3.06 20.46 31.31
N SER E 27 4.35 20.76 31.31
CA SER E 27 5.26 20.33 30.25
C SER E 27 6.03 19.04 30.66
N GLN E 28 5.66 18.43 31.78
CA GLN E 28 6.37 17.27 32.26
C GLN E 28 5.96 16.05 31.47
N VAL E 29 6.93 15.44 30.79
CA VAL E 29 6.71 14.26 29.96
C VAL E 29 6.75 13.00 30.80
N LEU E 30 5.63 12.30 30.88
CA LEU E 30 5.54 11.05 31.63
C LEU E 30 6.12 9.90 30.83
N GLY E 31 5.92 9.94 29.52
CA GLY E 31 6.46 8.94 28.62
C GLY E 31 6.33 9.32 27.17
N LEU E 32 7.35 9.00 26.37
CA LEU E 32 7.31 9.19 24.92
C LEU E 32 6.72 7.90 24.28
N GLY E 33 5.82 8.07 23.33
CA GLY E 33 5.11 6.94 22.78
C GLY E 33 4.89 6.98 21.28
N ILE E 34 3.95 6.13 20.84
CA ILE E 34 3.62 5.97 19.43
C ILE E 34 3.00 7.24 18.85
N ASN E 35 1.91 7.67 19.48
CA ASN E 35 1.11 8.78 18.97
C ASN E 35 1.63 10.15 19.46
N GLY E 36 2.59 10.12 20.39
CA GLY E 36 3.21 11.35 20.90
C GLY E 36 3.66 11.27 22.35
N LYS E 37 4.04 12.42 22.89
CA LYS E 37 4.43 12.55 24.31
C LYS E 37 3.17 12.41 25.19
N VAL E 38 3.27 11.63 26.26
CA VAL E 38 2.26 11.60 27.32
C VAL E 38 2.61 12.62 28.40
N LEU E 39 1.82 13.69 28.50
CA LEU E 39 2.06 14.80 29.43
C LEU E 39 1.27 14.64 30.70
N GLN E 40 1.85 15.09 31.82
CA GLN E 40 1.17 15.13 33.14
C GLN E 40 0.34 16.40 33.27
N ILE E 41 -0.90 16.27 33.70
CA ILE E 41 -1.79 17.41 33.86
C ILE E 41 -2.49 17.30 35.20
N PHE E 42 -3.07 18.42 35.64
CA PHE E 42 -3.72 18.47 36.96
C PHE E 42 -5.15 19.00 36.85
N ASN E 43 -6.11 18.28 37.43
CA ASN E 43 -7.50 18.74 37.49
C ASN E 43 -7.64 19.96 38.42
N LYS E 44 -8.00 21.13 37.87
CA LYS E 44 -8.06 22.41 38.63
C LYS E 44 -8.95 22.32 39.88
N ARG E 45 -10.10 21.69 39.73
CA ARG E 45 -11.09 21.58 40.76
C ARG E 45 -10.74 20.57 41.82
N THR E 46 -10.01 19.53 41.50
CA THR E 46 -9.70 18.45 42.46
C THR E 46 -8.25 18.39 42.81
N GLN E 47 -7.40 18.84 41.91
CA GLN E 47 -5.97 18.86 42.08
C GLN E 47 -5.26 17.47 41.94
N GLU E 48 -6.01 16.46 41.47
CA GLU E 48 -5.47 15.12 41.17
C GLU E 48 -4.59 15.14 39.92
N LYS E 49 -3.63 14.21 39.86
CA LYS E 49 -2.75 14.05 38.71
C LYS E 49 -3.43 13.14 37.64
N PHE E 50 -3.42 13.59 36.40
CA PHE E 50 -3.91 12.80 35.27
C PHE E 50 -2.91 12.83 34.14
N ALA E 51 -2.97 11.84 33.24
CA ALA E 51 -2.13 11.77 32.05
C ALA E 51 -2.90 12.29 30.87
N LEU E 52 -2.22 12.96 29.97
CA LEU E 52 -2.82 13.52 28.77
C LEU E 52 -2.12 12.98 27.53
N LYS E 53 -2.90 12.48 26.59
CA LYS E 53 -2.41 12.02 25.32
C LYS E 53 -3.05 12.84 24.23
N MET E 54 -2.25 13.46 23.37
CA MET E 54 -2.76 14.25 22.22
C MET E 54 -2.63 13.57 20.87
N LEU E 55 -3.69 13.61 20.07
CA LEU E 55 -3.73 13.04 18.74
C LEU E 55 -4.29 14.03 17.78
N GLN E 56 -3.96 13.90 16.51
CA GLN E 56 -4.55 14.72 15.46
C GLN E 56 -5.94 14.16 15.29
N ASP E 57 -6.92 15.03 15.22
CA ASP E 57 -8.33 14.63 15.17
C ASP E 57 -8.78 14.17 13.79
N CYS E 58 -8.98 12.88 13.66
CA CYS E 58 -9.44 12.26 12.42
C CYS E 58 -10.41 11.14 12.78
N PRO E 59 -11.15 10.62 11.80
CA PRO E 59 -12.11 9.57 12.14
C PRO E 59 -11.42 8.32 12.72
N LYS E 60 -10.22 8.01 12.23
CA LYS E 60 -9.48 6.87 12.75
C LYS E 60 -9.17 7.09 14.24
N ALA E 61 -8.71 8.31 14.57
CA ALA E 61 -8.41 8.70 15.99
C ALA E 61 -9.68 8.62 16.83
N ARG E 62 -10.79 9.06 16.26
CA ARG E 62 -12.06 9.08 16.97
C ARG E 62 -12.59 7.69 17.19
N ARG E 63 -12.14 6.77 16.38
CA ARG E 63 -12.66 5.42 16.46
C ARG E 63 -12.00 4.66 17.60
N GLU E 64 -10.71 4.91 17.77
CA GLU E 64 -9.90 4.23 18.76
C GLU E 64 -10.28 4.69 20.16
N VAL E 65 -10.39 6.00 20.31
CA VAL E 65 -10.82 6.62 21.52
C VAL E 65 -12.17 6.11 21.97
N GLU E 66 -13.03 5.84 21.02
CA GLU E 66 -14.33 5.40 21.32
C GLU E 66 -14.23 4.00 21.86
N LEU E 67 -13.26 3.24 21.39
CA LEU E 67 -13.12 1.83 21.79
C LEU E 67 -12.56 1.80 23.17
N HIS E 68 -11.52 2.59 23.38
CA HIS E 68 -10.90 2.76 24.69
C HIS E 68 -11.93 3.22 25.69
N TRP E 69 -12.76 4.19 25.34
CA TRP E 69 -13.86 4.61 26.21
C TRP E 69 -14.77 3.45 26.65
N ARG E 70 -15.25 2.65 25.70
CA ARG E 70 -16.06 1.49 26.01
C ARG E 70 -15.33 0.52 26.91
N ALA E 71 -14.02 0.44 26.73
CA ALA E 71 -13.17 -0.47 27.47
C ALA E 71 -12.86 0.02 28.87
N SER E 72 -13.10 1.32 29.12
CA SER E 72 -12.59 1.93 30.36
C SER E 72 -13.34 1.46 31.62
N GLN E 73 -14.46 0.79 31.41
CA GLN E 73 -15.21 0.16 32.49
C GLN E 73 -14.43 -1.00 33.09
N CYS E 74 -13.59 -1.65 32.29
CA CYS E 74 -12.79 -2.78 32.79
C CYS E 74 -11.73 -2.37 33.83
N PRO E 75 -11.77 -3.01 35.00
CA PRO E 75 -10.77 -2.80 36.05
C PRO E 75 -9.31 -2.78 35.61
N HIS E 76 -8.92 -3.61 34.64
CA HIS E 76 -7.50 -3.72 34.22
C HIS E 76 -7.18 -3.01 32.90
N ILE E 77 -7.96 -1.98 32.58
CA ILE E 77 -7.66 -1.13 31.40
C ILE E 77 -7.60 0.33 31.81
N VAL E 78 -6.55 1.03 31.43
CA VAL E 78 -6.38 2.42 31.81
C VAL E 78 -7.64 3.17 31.47
N ARG E 79 -8.13 3.93 32.47
CA ARG E 79 -9.44 4.58 32.42
C ARG E 79 -9.42 5.94 31.76
N ILE E 80 -10.24 6.14 30.71
CA ILE E 80 -10.35 7.47 30.06
C ILE E 80 -11.33 8.28 30.87
N VAL E 81 -10.89 9.39 31.39
CA VAL E 81 -11.69 10.24 32.31
C VAL E 81 -12.45 11.35 31.60
N ASP E 82 -11.78 12.10 30.72
CA ASP E 82 -12.55 12.87 29.76
C ASP E 82 -11.78 13.14 28.48
N VAL E 83 -12.50 13.37 27.37
CA VAL E 83 -11.91 13.60 26.02
C VAL E 83 -12.28 15.03 25.52
N TYR E 84 -11.34 15.74 24.95
CA TYR E 84 -11.60 17.06 24.40
C TYR E 84 -11.27 17.09 22.89
N GLU E 85 -12.06 17.82 22.12
CA GLU E 85 -11.72 18.22 20.78
C GLU E 85 -11.48 19.73 20.75
N ASN E 86 -10.23 20.13 20.62
CA ASN E 86 -9.80 21.55 20.67
C ASN E 86 -9.00 21.83 19.44
N LEU E 87 -8.62 23.09 19.28
CA LEU E 87 -7.87 23.58 18.15
C LEU E 87 -6.48 23.95 18.68
N TYR E 88 -5.48 23.26 18.20
CA TYR E 88 -4.10 23.54 18.57
C TYR E 88 -3.28 23.85 17.31
N ALA E 89 -2.86 25.10 17.20
CA ALA E 89 -2.00 25.57 16.08
C ALA E 89 -2.78 25.50 14.78
N GLY E 90 -4.07 25.85 14.82
CA GLY E 90 -4.95 25.73 13.62
C GLY E 90 -5.31 24.27 13.21
N ARG E 91 -4.41 23.33 13.53
CA ARG E 91 -4.74 21.91 13.43
C ARG E 91 -5.77 21.47 14.52
N LYS E 92 -6.83 20.80 14.07
CA LYS E 92 -7.87 20.24 14.92
C LYS E 92 -7.32 19.00 15.66
N CYS E 93 -7.17 19.09 16.97
CA CYS E 93 -6.60 18.01 17.77
C CYS E 93 -7.60 17.32 18.67
N LEU E 94 -7.19 16.19 19.20
CA LEU E 94 -8.05 15.36 20.05
C LEU E 94 -7.27 15.08 21.31
N LEU E 95 -7.74 15.58 22.45
CA LEU E 95 -6.96 15.51 23.65
C LEU E 95 -7.62 14.52 24.56
N ILE E 96 -6.89 13.46 24.97
CA ILE E 96 -7.43 12.35 25.73
C ILE E 96 -6.89 12.35 27.16
N VAL E 97 -7.76 12.49 28.15
CA VAL E 97 -7.32 12.50 29.54
C VAL E 97 -7.57 11.14 30.22
N MET E 98 -6.53 10.55 30.80
CA MET E 98 -6.65 9.24 31.44
C MET E 98 -6.12 9.31 32.85
N GLU E 99 -6.60 8.35 33.63
CA GLU E 99 -6.06 8.13 34.92
C GLU E 99 -4.57 7.99 34.76
N CYS E 100 -3.86 8.45 35.75
CA CYS E 100 -2.41 8.47 35.72
C CYS E 100 -1.84 7.29 36.43
N LEU E 101 -1.04 6.52 35.71
CA LEU E 101 -0.49 5.32 36.26
C LEU E 101 0.93 5.64 36.66
N ASP E 102 1.15 5.69 37.98
CA ASP E 102 2.47 6.08 38.55
C ASP E 102 3.38 4.91 38.93
N GLY E 103 2.80 3.72 39.12
CA GLY E 103 3.56 2.55 39.54
C GLY E 103 4.60 1.95 38.60
N GLY E 104 4.81 2.53 37.41
CA GLY E 104 5.84 2.02 36.48
C GLY E 104 5.46 0.75 35.73
N GLU E 105 6.26 0.42 34.72
CA GLU E 105 5.98 -0.70 33.79
C GLU E 105 6.04 -2.02 34.51
N LEU E 106 5.59 -3.08 33.83
CA LEU E 106 5.43 -4.42 34.46
C LEU E 106 6.75 -4.99 34.98
N PHE E 107 7.75 -5.05 34.10
CA PHE E 107 9.03 -5.66 34.45
C PHE E 107 9.88 -4.81 35.39
N SER E 108 9.68 -3.48 35.32
CA SER E 108 10.41 -2.55 36.18
C SER E 108 10.17 -2.85 37.64
N ARG E 109 8.92 -3.13 38.00
CA ARG E 109 8.58 -3.43 39.39
C ARG E 109 9.17 -4.77 39.83
N ILE E 110 9.14 -5.75 38.94
CA ILE E 110 9.55 -7.10 39.28
C ILE E 110 11.03 -7.12 39.65
N GLN E 111 11.87 -6.39 38.90
CA GLN E 111 13.30 -6.40 39.19
C GLN E 111 13.65 -5.64 40.48
N ASP E 112 12.95 -4.52 40.73
CA ASP E 112 13.22 -3.70 41.90
C ASP E 112 12.63 -4.34 43.15
N ARG E 113 13.19 -5.48 43.53
CA ARG E 113 12.81 -6.14 44.79
C ARG E 113 13.90 -7.12 45.25
N GLN E 116 14.31 -9.39 47.18
CA GLN E 116 13.53 -10.62 47.32
C GLN E 116 13.44 -11.41 46.00
N ALA E 117 12.94 -12.64 46.12
CA ALA E 117 12.71 -13.52 44.98
C ALA E 117 11.30 -13.31 44.43
N PHE E 118 11.10 -13.81 43.21
CA PHE E 118 9.82 -13.67 42.48
C PHE E 118 9.16 -15.04 42.34
N THR E 119 7.99 -15.21 42.95
CA THR E 119 7.31 -16.51 42.97
C THR E 119 6.40 -16.79 41.76
N GLU E 120 6.21 -18.08 41.46
CA GLU E 120 5.33 -18.53 40.37
C GLU E 120 3.90 -18.03 40.61
N ARG E 121 3.44 -18.11 41.86
CA ARG E 121 2.09 -17.66 42.25
C ARG E 121 1.83 -16.22 41.86
N GLU E 122 2.87 -15.39 41.92
CA GLU E 122 2.73 -13.99 41.60
C GLU E 122 2.67 -13.75 40.08
N ALA E 123 3.46 -14.51 39.33
CA ALA E 123 3.39 -14.48 37.84
C ALA E 123 1.97 -14.80 37.31
N SER E 124 1.37 -15.85 37.87
CA SER E 124 0.01 -16.22 37.57
C SER E 124 -0.99 -15.09 37.86
N GLU E 125 -0.80 -14.38 38.95
CA GLU E 125 -1.71 -13.33 39.31
C GLU E 125 -1.56 -12.22 38.28
N ILE E 126 -0.33 -11.99 37.81
CA ILE E 126 -0.12 -11.00 36.78
C ILE E 126 -0.81 -11.44 35.48
N MET E 127 -0.61 -12.69 35.11
CA MET E 127 -1.19 -13.22 33.87
C MET E 127 -2.71 -13.23 33.95
N LYS E 128 -3.26 -13.46 35.14
CA LYS E 128 -4.69 -13.38 35.31
C LYS E 128 -5.18 -11.94 35.13
N SER E 129 -4.39 -11.00 35.60
CA SER E 129 -4.87 -9.63 35.53
C SER E 129 -4.79 -9.21 34.08
N ILE E 130 -3.73 -9.60 33.39
CA ILE E 130 -3.59 -9.20 31.98
C ILE E 130 -4.66 -9.91 31.15
N GLY E 131 -5.00 -11.12 31.52
CA GLY E 131 -6.00 -11.87 30.80
C GLY E 131 -7.40 -11.31 30.89
N GLU E 132 -7.73 -10.73 32.04
CA GLU E 132 -9.03 -10.10 32.23
C GLU E 132 -9.19 -8.86 31.36
N ALA E 133 -8.09 -8.20 31.08
CA ALA E 133 -8.13 -7.08 30.19
C ALA E 133 -8.47 -7.56 28.77
N ILE E 134 -7.80 -8.63 28.32
CA ILE E 134 -8.06 -9.23 27.02
C ILE E 134 -9.50 -9.82 27.00
N GLN E 135 -9.90 -10.45 28.08
CA GLN E 135 -11.17 -11.08 28.07
C GLN E 135 -12.27 -10.04 27.86
N TYR E 136 -12.12 -8.86 28.46
CA TYR E 136 -13.14 -7.81 28.36
C TYR E 136 -13.19 -7.29 26.95
N LEU E 137 -12.03 -6.98 26.41
CA LEU E 137 -11.92 -6.43 25.08
C LEU E 137 -12.48 -7.42 24.03
N HIS E 138 -12.09 -8.68 24.16
CA HIS E 138 -12.51 -9.66 23.18
C HIS E 138 -14.01 -9.92 23.30
N SER E 139 -14.52 -9.85 24.52
CA SER E 139 -15.97 -10.04 24.75
C SER E 139 -16.79 -8.88 24.23
N ILE E 140 -16.20 -7.72 23.98
CA ILE E 140 -16.94 -6.62 23.32
C ILE E 140 -16.34 -6.36 21.96
N ASN E 141 -15.78 -7.42 21.36
CA ASN E 141 -15.31 -7.43 19.95
C ASN E 141 -14.28 -6.40 19.67
N ILE E 142 -13.35 -6.22 20.59
CA ILE E 142 -12.21 -5.35 20.39
C ILE E 142 -10.92 -6.17 20.45
N ALA E 143 -10.04 -5.94 19.49
CA ALA E 143 -8.71 -6.58 19.48
C ALA E 143 -7.68 -5.49 19.69
N HIS E 144 -6.87 -5.63 20.72
CA HIS E 144 -5.92 -4.60 21.10
C HIS E 144 -4.80 -4.46 20.12
N ARG E 145 -4.19 -5.58 19.74
CA ARG E 145 -3.10 -5.64 18.73
C ARG E 145 -1.81 -4.91 19.15
N ASP E 146 -1.61 -4.70 20.42
CA ASP E 146 -0.38 -4.11 20.86
C ASP E 146 -0.19 -4.36 22.34
N VAL E 147 -0.39 -5.59 22.77
CA VAL E 147 -0.26 -5.97 24.14
C VAL E 147 1.19 -6.32 24.34
N LYS E 148 1.95 -5.43 24.97
CA LYS E 148 3.33 -5.72 25.34
C LYS E 148 3.61 -5.02 26.63
N PRO E 149 4.75 -5.36 27.30
CA PRO E 149 5.03 -4.85 28.65
C PRO E 149 5.09 -3.34 28.73
N GLU E 150 5.58 -2.69 27.70
CA GLU E 150 5.58 -1.25 27.66
C GLU E 150 4.19 -0.67 27.89
N ASN E 151 3.14 -1.42 27.54
CA ASN E 151 1.79 -0.99 27.65
C ASN E 151 1.11 -1.67 28.79
N LEU E 152 1.87 -2.23 29.71
CA LEU E 152 1.29 -2.68 30.97
C LEU E 152 1.90 -1.97 32.21
N LEU E 153 1.18 -1.02 32.80
CA LEU E 153 1.68 -0.14 33.89
C LEU E 153 0.86 -0.32 35.16
N TYR E 154 1.50 -0.10 36.30
CA TYR E 154 0.81 -0.15 37.59
C TYR E 154 0.31 1.23 37.97
N THR E 155 -0.77 1.26 38.74
CA THR E 155 -1.43 2.49 39.11
C THR E 155 -0.60 3.31 40.09
N SER E 156 0.00 2.63 41.07
CA SER E 156 0.86 3.28 42.06
C SER E 156 2.07 2.42 42.39
N LYS E 157 3.07 3.04 43.06
CA LYS E 157 4.33 2.36 43.53
C LYS E 157 4.01 1.44 44.72
N ARG E 158 2.85 1.65 45.34
CA ARG E 158 2.24 0.71 46.31
C ARG E 158 2.25 -0.77 45.84
N PRO E 159 2.50 -1.74 46.73
CA PRO E 159 2.41 -3.18 46.29
C PRO E 159 0.94 -3.76 46.15
N ASN E 160 -0.07 -2.98 46.51
CA ASN E 160 -1.48 -3.35 46.21
C ASN E 160 -1.92 -2.81 44.83
N ALA E 161 -1.00 -2.16 44.11
CA ALA E 161 -1.30 -1.53 42.82
C ALA E 161 -1.96 -2.55 41.84
N ILE E 162 -2.97 -2.09 41.08
CA ILE E 162 -3.57 -2.93 40.06
C ILE E 162 -2.92 -2.65 38.71
N LEU E 163 -2.65 -3.71 37.93
CA LEU E 163 -1.97 -3.63 36.60
C LEU E 163 -2.98 -3.34 35.51
N LYS E 164 -2.64 -2.40 34.65
CA LYS E 164 -3.57 -1.88 33.68
C LYS E 164 -3.01 -1.79 32.27
N LEU E 165 -3.84 -2.14 31.28
CA LEU E 165 -3.42 -2.11 29.88
C LEU E 165 -3.61 -0.73 29.29
N THR E 166 -2.75 -0.32 28.37
CA THR E 166 -2.80 1.03 27.80
C THR E 166 -2.52 1.01 26.29
N ASP E 167 -2.59 2.16 25.64
CA ASP E 167 -2.25 2.33 24.22
C ASP E 167 -3.19 1.56 23.30
N PHE E 168 -4.31 2.21 22.93
CA PHE E 168 -5.29 1.65 22.00
C PHE E 168 -5.10 2.15 20.61
N GLY E 169 -3.88 2.51 20.25
CA GLY E 169 -3.58 3.05 18.92
C GLY E 169 -3.70 2.07 17.77
N PHE E 170 -3.50 0.78 18.05
CA PHE E 170 -3.69 -0.31 17.08
C PHE E 170 -5.01 -1.07 17.33
N ALA E 171 -5.81 -0.65 18.31
CA ALA E 171 -7.07 -1.34 18.65
C ALA E 171 -7.98 -1.30 17.46
N LYS E 172 -8.77 -2.33 17.29
CA LYS E 172 -9.61 -2.44 16.13
C LYS E 172 -10.83 -3.31 16.48
N GLU E 173 -11.99 -2.95 15.96
CA GLU E 173 -13.22 -3.68 16.23
C GLU E 173 -13.29 -4.88 15.31
N THR E 174 -13.69 -6.02 15.88
CA THR E 174 -13.64 -7.31 15.19
C THR E 174 -14.97 -7.74 14.56
N THR E 175 -15.94 -6.81 14.49
CA THR E 175 -17.26 -7.13 13.94
C THR E 175 -18.09 -5.87 13.81
N SER E 176 -19.11 -5.92 12.93
CA SER E 176 -20.04 -4.77 12.68
C SER E 176 -20.85 -4.38 13.95
N PRO E 187 -32.84 -19.94 18.32
CA PRO E 187 -31.75 -20.64 17.60
C PRO E 187 -30.48 -20.80 18.44
N TYR E 188 -30.40 -21.93 19.13
CA TYR E 188 -29.33 -22.25 20.05
C TYR E 188 -28.25 -23.15 19.45
N TYR E 189 -28.44 -23.55 18.19
CA TYR E 189 -27.55 -24.49 17.50
C TYR E 189 -26.70 -23.80 16.43
N VAL E 190 -26.91 -22.50 16.30
CA VAL E 190 -26.09 -21.65 15.44
C VAL E 190 -24.61 -21.67 15.89
N ALA E 191 -23.74 -22.07 14.98
CA ALA E 191 -22.34 -22.19 15.28
C ALA E 191 -21.72 -20.80 15.27
N PRO E 192 -20.60 -20.62 15.99
CA PRO E 192 -19.92 -19.34 16.01
C PRO E 192 -19.58 -18.78 14.63
N GLU E 193 -19.24 -19.65 13.68
CA GLU E 193 -18.89 -19.24 12.30
C GLU E 193 -20.04 -18.52 11.63
N VAL E 194 -21.26 -19.03 11.86
CA VAL E 194 -22.48 -18.49 11.26
C VAL E 194 -22.81 -17.08 11.80
N LEU E 195 -22.45 -16.79 13.04
CA LEU E 195 -22.70 -15.45 13.63
C LEU E 195 -22.05 -14.32 12.83
N GLY E 196 -20.96 -14.63 12.14
CA GLY E 196 -20.38 -13.67 11.20
C GLY E 196 -18.88 -13.82 11.08
N PRO E 197 -18.31 -13.20 10.04
CA PRO E 197 -16.85 -13.22 9.84
C PRO E 197 -16.12 -12.16 10.72
N GLU E 198 -14.91 -12.50 11.19
CA GLU E 198 -14.08 -11.56 11.98
C GLU E 198 -12.87 -10.99 11.21
N ASP E 201 -7.82 -9.85 13.36
CA ASP E 201 -7.77 -11.03 14.24
C ASP E 201 -7.27 -10.72 15.66
N LYS E 202 -7.83 -11.45 16.60
CA LYS E 202 -7.53 -11.24 17.99
C LYS E 202 -6.73 -12.38 18.59
N SER E 203 -6.24 -13.27 17.75
CA SER E 203 -5.33 -14.31 18.20
C SER E 203 -3.98 -13.72 18.47
N CYS E 204 -3.67 -12.57 17.87
CA CYS E 204 -2.36 -11.95 18.09
C CYS E 204 -2.22 -11.49 19.52
N ASP E 205 -3.31 -11.09 20.14
CA ASP E 205 -3.35 -10.75 21.57
C ASP E 205 -3.00 -11.92 22.46
N MET E 206 -3.41 -13.11 22.07
CA MET E 206 -3.03 -14.32 22.78
C MET E 206 -1.56 -14.75 22.54
N TRP E 207 -1.04 -14.49 21.35
CA TRP E 207 0.36 -14.76 21.13
C TRP E 207 1.17 -13.87 22.07
N SER E 208 0.77 -12.60 22.12
CA SER E 208 1.39 -11.61 23.00
C SER E 208 1.32 -12.04 24.46
N LEU E 209 0.19 -12.60 24.85
CA LEU E 209 0.04 -13.10 26.17
C LEU E 209 1.06 -14.22 26.44
N GLY E 210 1.33 -15.04 25.43
CA GLY E 210 2.29 -16.15 25.57
C GLY E 210 3.72 -15.66 25.75
N VAL E 211 4.06 -14.64 24.99
CA VAL E 211 5.41 -14.08 25.08
C VAL E 211 5.60 -13.45 26.47
N ILE E 212 4.62 -12.68 26.92
CA ILE E 212 4.70 -12.02 28.22
C ILE E 212 4.85 -13.06 29.33
N MET E 213 4.07 -14.13 29.25
CA MET E 213 4.14 -15.20 30.28
C MET E 213 5.53 -15.85 30.24
N TYR E 214 6.14 -15.94 29.06
CA TYR E 214 7.44 -16.59 28.95
C TYR E 214 8.45 -15.78 29.69
N ILE E 215 8.53 -14.50 29.35
CA ILE E 215 9.41 -13.54 30.03
C ILE E 215 9.13 -13.43 31.53
N LEU E 216 7.90 -13.47 31.96
CA LEU E 216 7.63 -13.42 33.38
C LEU E 216 8.19 -14.60 34.13
N LEU E 217 8.14 -15.78 33.53
CA LEU E 217 8.61 -16.99 34.25
C LEU E 217 10.14 -17.16 34.25
N CYS E 218 10.84 -16.46 33.35
CA CYS E 218 12.27 -16.72 33.17
C CYS E 218 13.10 -15.45 33.16
N GLY E 219 12.78 -14.50 32.30
CA GLY E 219 13.38 -13.16 32.33
C GLY E 219 13.93 -12.71 31.01
N TYR E 220 13.53 -13.39 29.93
CA TYR E 220 14.02 -13.07 28.57
C TYR E 220 13.06 -13.64 27.54
N PRO E 221 13.02 -13.06 26.34
CA PRO E 221 12.03 -13.51 25.40
C PRO E 221 12.23 -14.94 24.98
N PRO E 222 11.21 -15.55 24.38
CA PRO E 222 11.41 -16.82 23.75
C PRO E 222 12.00 -16.69 22.33
N PHE E 223 12.11 -15.48 21.80
CA PHE E 223 12.76 -15.28 20.51
C PHE E 223 13.75 -14.11 20.55
N TYR E 224 15.02 -14.42 20.88
CA TYR E 224 16.12 -13.42 20.96
C TYR E 224 16.52 -12.94 19.57
N SER E 225 17.56 -12.10 19.50
CA SER E 225 18.20 -11.74 18.21
C SER E 225 19.75 -11.85 18.21
N ILE E 231 20.09 -14.53 13.08
CA ILE E 231 19.81 -13.84 14.33
C ILE E 231 18.84 -12.64 14.22
N SER E 232 18.47 -12.22 13.01
CA SER E 232 17.37 -11.24 12.81
C SER E 232 16.41 -11.61 11.65
N PRO E 233 16.93 -11.90 10.44
CA PRO E 233 16.11 -12.71 9.48
C PRO E 233 16.01 -14.18 9.94
N GLY E 234 16.95 -14.59 10.79
CA GLY E 234 16.90 -15.87 11.51
C GLY E 234 16.00 -15.86 12.74
N MET E 235 15.75 -14.68 13.30
CA MET E 235 14.71 -14.51 14.32
C MET E 235 13.31 -14.51 13.69
N LYS E 236 13.16 -13.89 12.52
CA LYS E 236 11.92 -14.05 11.75
C LYS E 236 11.62 -15.56 11.49
N THR E 237 12.67 -16.36 11.30
CA THR E 237 12.51 -17.80 11.03
C THR E 237 12.02 -18.54 12.26
N ARG E 238 12.78 -18.41 13.35
CA ARG E 238 12.39 -19.02 14.62
C ARG E 238 10.92 -18.78 15.07
N ILE E 239 10.39 -17.61 14.76
CA ILE E 239 8.98 -17.26 14.97
C ILE E 239 8.14 -18.06 13.99
N ARG E 240 8.35 -17.88 12.68
CA ARG E 240 7.53 -18.53 11.64
C ARG E 240 7.48 -20.07 11.86
N MET E 241 8.64 -20.64 12.21
CA MET E 241 8.80 -22.10 12.46
C MET E 241 8.17 -22.51 13.81
N GLY E 242 8.38 -21.68 14.82
CA GLY E 242 7.83 -21.92 16.13
C GLY E 242 8.87 -22.61 16.98
N GLN E 243 10.12 -22.17 16.89
CA GLN E 243 11.20 -22.83 17.62
C GLN E 243 11.75 -22.01 18.72
N TYR E 244 11.61 -22.54 19.93
CA TYR E 244 12.00 -21.91 21.20
C TYR E 244 12.18 -23.03 22.22
N GLU E 245 12.97 -22.79 23.25
CA GLU E 245 13.23 -23.77 24.25
C GLU E 245 12.80 -23.27 25.61
N PHE E 246 12.72 -24.21 26.56
CA PHE E 246 12.62 -23.91 27.98
C PHE E 246 13.93 -24.24 28.72
N PRO E 247 15.02 -23.49 28.44
CA PRO E 247 16.32 -23.94 28.91
C PRO E 247 16.50 -23.86 30.41
N ASN E 248 17.23 -24.82 30.96
CA ASN E 248 17.68 -24.76 32.36
C ASN E 248 18.90 -23.87 32.50
N PRO E 249 19.14 -23.33 33.71
CA PRO E 249 18.49 -23.61 34.99
C PRO E 249 17.30 -22.72 35.28
N GLU E 250 16.87 -21.95 34.27
CA GLU E 250 15.70 -21.07 34.44
C GLU E 250 14.39 -21.88 34.56
N TRP E 251 14.21 -22.88 33.71
CA TRP E 251 12.94 -23.58 33.54
C TRP E 251 12.82 -24.93 34.24
N SER E 252 13.93 -25.40 34.80
CA SER E 252 14.04 -26.77 35.35
C SER E 252 13.01 -27.07 36.43
N GLU E 253 12.78 -26.07 37.29
CA GLU E 253 11.85 -26.19 38.40
C GLU E 253 10.38 -25.85 37.99
N VAL E 254 10.19 -25.26 36.81
CA VAL E 254 8.82 -24.90 36.29
C VAL E 254 8.07 -26.10 35.74
N SER E 255 6.81 -26.24 36.11
CA SER E 255 6.05 -27.46 35.84
C SER E 255 5.74 -27.67 34.39
N GLU E 256 5.42 -28.91 34.06
CA GLU E 256 5.03 -29.30 32.70
C GLU E 256 3.68 -28.65 32.29
N GLU E 257 2.83 -28.39 33.28
CA GLU E 257 1.55 -27.71 33.09
C GLU E 257 1.75 -26.30 32.59
N VAL E 258 2.63 -25.56 33.25
CA VAL E 258 2.91 -24.20 32.86
C VAL E 258 3.55 -24.13 31.47
N LYS E 259 4.44 -25.06 31.18
CA LYS E 259 5.13 -25.08 29.92
C LYS E 259 4.13 -25.38 28.81
N MET E 260 3.19 -26.26 29.14
CA MET E 260 2.15 -26.67 28.20
C MET E 260 1.25 -25.48 27.86
N LEU E 261 0.92 -24.68 28.85
CA LEU E 261 0.14 -23.45 28.65
C LEU E 261 0.85 -22.46 27.75
N ILE E 262 2.14 -22.27 27.97
CA ILE E 262 2.91 -21.45 27.03
C ILE E 262 2.85 -21.99 25.59
N ARG E 263 3.00 -23.30 25.46
CA ARG E 263 3.04 -23.96 24.15
C ARG E 263 1.72 -23.78 23.38
N ASN E 264 0.61 -23.72 24.10
CA ASN E 264 -0.69 -23.48 23.47
C ASN E 264 -0.88 -22.01 23.07
N LEU E 265 -0.24 -21.11 23.80
CA LEU E 265 -0.34 -19.70 23.44
C LEU E 265 0.57 -19.43 22.25
N LEU E 266 1.72 -20.12 22.20
CA LEU E 266 2.72 -19.83 21.21
C LEU E 266 2.57 -20.74 19.97
N LYS E 267 1.36 -21.16 19.70
CA LYS E 267 1.06 -21.92 18.52
C LYS E 267 1.23 -21.05 17.33
N THR E 268 1.97 -21.53 16.34
CA THR E 268 2.22 -20.84 15.08
C THR E 268 0.93 -20.52 14.35
N GLU E 269 0.08 -21.52 14.24
CA GLU E 269 -1.14 -21.37 13.46
C GLU E 269 -2.22 -20.73 14.35
N PRO E 270 -2.75 -19.58 13.92
CA PRO E 270 -3.63 -18.83 14.80
C PRO E 270 -4.90 -19.60 15.19
N THR E 271 -5.49 -20.32 14.27
CA THR E 271 -6.67 -21.14 14.59
C THR E 271 -6.35 -22.22 15.61
N GLN E 272 -5.11 -22.69 15.67
CA GLN E 272 -4.73 -23.68 16.70
C GLN E 272 -4.56 -23.09 18.09
N ARG E 273 -4.34 -21.79 18.16
CA ARG E 273 -3.92 -21.14 19.38
C ARG E 273 -5.03 -21.09 20.36
N MET E 274 -4.67 -20.91 21.61
CA MET E 274 -5.66 -20.83 22.71
C MET E 274 -6.47 -19.52 22.61
N THR E 275 -7.75 -19.65 22.86
CA THR E 275 -8.62 -18.48 22.99
C THR E 275 -8.56 -17.91 24.42
N ILE E 276 -9.01 -16.68 24.61
CA ILE E 276 -8.98 -16.02 25.93
C ILE E 276 -9.86 -16.74 26.91
N THR E 277 -11.01 -17.20 26.45
CA THR E 277 -11.95 -17.90 27.35
C THR E 277 -11.33 -19.20 27.85
N GLU E 278 -10.55 -19.84 27.03
CA GLU E 278 -9.92 -21.06 27.42
C GLU E 278 -8.79 -20.75 28.39
N PHE E 279 -8.06 -19.70 28.11
CA PHE E 279 -6.92 -19.32 28.95
C PHE E 279 -7.36 -19.10 30.40
N MET E 280 -8.47 -18.39 30.57
CA MET E 280 -8.95 -17.98 31.86
C MET E 280 -9.55 -19.16 32.57
N ASN E 281 -10.05 -20.13 31.86
CA ASN E 281 -10.56 -21.36 32.53
C ASN E 281 -9.46 -22.32 32.96
N HIS E 282 -8.26 -22.11 32.46
CA HIS E 282 -7.16 -22.99 32.78
C HIS E 282 -6.83 -22.86 34.26
N PRO E 283 -6.63 -23.99 34.96
CA PRO E 283 -6.38 -24.02 36.42
C PRO E 283 -5.26 -23.11 36.93
N TRP E 284 -4.14 -23.09 36.25
CA TRP E 284 -3.08 -22.19 36.68
C TRP E 284 -3.56 -20.76 36.80
N ILE E 285 -4.41 -20.31 35.88
CA ILE E 285 -4.93 -18.96 35.94
C ILE E 285 -6.11 -18.92 36.91
N MET E 286 -7.07 -19.83 36.70
CA MET E 286 -8.27 -19.92 37.53
C MET E 286 -7.99 -20.08 39.05
N GLN E 287 -6.90 -20.75 39.40
CA GLN E 287 -6.47 -20.92 40.79
C GLN E 287 -5.13 -20.18 41.04
N SER E 288 -5.15 -18.86 40.93
CA SER E 288 -3.99 -18.03 41.22
C SER E 288 -3.69 -18.02 42.70
N THR E 289 -4.72 -18.25 43.52
CA THR E 289 -4.56 -18.31 44.97
C THR E 289 -3.90 -19.64 45.41
N LYS E 290 -4.40 -20.77 44.89
CA LYS E 290 -3.94 -22.13 45.28
C LYS E 290 -2.80 -22.72 44.39
N VAL E 291 -1.74 -21.92 44.20
CA VAL E 291 -0.65 -22.25 43.25
C VAL E 291 0.75 -22.12 43.91
N PRO E 292 1.66 -23.07 43.61
CA PRO E 292 3.00 -23.09 44.19
C PRO E 292 3.67 -21.73 44.23
N GLN E 293 4.61 -21.55 45.17
CA GLN E 293 5.41 -20.32 45.25
C GLN E 293 6.84 -20.53 44.78
N THR E 294 7.05 -21.59 44.01
CA THR E 294 8.38 -21.99 43.58
C THR E 294 9.20 -20.81 43.00
N PRO E 295 10.25 -20.35 43.71
CA PRO E 295 10.96 -19.14 43.27
C PRO E 295 11.39 -19.16 41.81
N LEU E 296 11.38 -17.99 41.17
CA LEU E 296 11.84 -17.85 39.79
C LEU E 296 13.11 -17.01 39.74
N HIS E 297 13.86 -17.18 38.66
CA HIS E 297 15.11 -16.47 38.41
C HIS E 297 14.84 -15.13 37.70
N THR E 298 13.57 -14.76 37.61
CA THR E 298 13.16 -13.60 36.79
C THR E 298 13.83 -12.32 37.23
N SER E 299 13.73 -12.05 38.53
CA SER E 299 14.26 -10.82 39.13
C SER E 299 15.77 -10.70 38.90
N ARG E 300 16.49 -11.80 39.09
CA ARG E 300 17.93 -11.86 38.83
C ARG E 300 18.23 -11.61 37.35
N VAL E 301 17.61 -12.40 36.48
CA VAL E 301 17.92 -12.40 35.04
C VAL E 301 17.55 -11.05 34.38
N LEU E 302 16.50 -10.46 34.93
CA LEU E 302 15.97 -9.23 34.40
C LEU E 302 16.93 -8.09 34.71
N LYS E 303 17.63 -8.18 35.84
CA LYS E 303 18.61 -7.17 36.30
C LYS E 303 19.71 -6.86 35.26
N GLU E 304 20.03 -7.83 34.41
CA GLU E 304 20.97 -7.59 33.30
C GLU E 304 20.42 -6.59 32.27
N ASP E 305 20.68 -5.31 32.54
CA ASP E 305 20.28 -4.22 31.65
C ASP E 305 21.23 -4.07 30.43
N LYS E 306 22.54 -4.24 30.66
CA LYS E 306 23.56 -4.10 29.60
C LYS E 306 23.50 -2.71 28.96
N GLU E 307 23.88 -1.68 29.73
CA GLU E 307 23.73 -0.27 29.34
C GLU E 307 24.52 0.13 28.07
N PHE F 6 -22.13 -57.21 -6.58
CA PHE F 6 -22.47 -55.97 -7.36
C PHE F 6 -23.79 -55.33 -6.86
N HIS F 7 -23.67 -54.59 -5.74
CA HIS F 7 -24.81 -54.01 -5.01
C HIS F 7 -25.19 -52.62 -5.52
N VAL F 8 -26.25 -52.57 -6.31
CA VAL F 8 -26.70 -51.36 -6.94
C VAL F 8 -28.09 -51.10 -6.41
N LYS F 9 -28.45 -49.85 -6.12
CA LYS F 9 -29.81 -49.51 -5.72
C LYS F 9 -30.40 -48.65 -6.81
N SER F 10 -31.66 -48.29 -6.72
CA SER F 10 -32.39 -47.61 -7.78
C SER F 10 -32.06 -46.16 -7.77
N GLY F 11 -32.10 -45.59 -8.95
CA GLY F 11 -32.12 -44.16 -9.10
C GLY F 11 -33.42 -43.54 -8.64
N LEU F 12 -33.42 -42.23 -8.42
CA LEU F 12 -34.59 -41.51 -8.06
C LEU F 12 -35.53 -41.37 -9.28
N GLN F 13 -36.75 -41.82 -9.11
CA GLN F 13 -37.75 -41.61 -10.12
C GLN F 13 -38.77 -40.59 -9.69
N ILE F 14 -38.89 -39.50 -10.41
CA ILE F 14 -39.90 -38.54 -10.07
C ILE F 14 -41.19 -38.91 -10.82
N LYS F 15 -42.20 -39.38 -10.09
CA LYS F 15 -43.46 -39.79 -10.66
C LYS F 15 -44.26 -38.58 -11.06
N LYS F 16 -44.82 -38.62 -12.27
CA LYS F 16 -45.66 -37.53 -12.82
C LYS F 16 -47.15 -37.74 -12.61
N ASN F 17 -47.56 -38.97 -12.33
CA ASN F 17 -48.96 -39.26 -12.11
C ASN F 17 -49.54 -38.66 -10.82
N ALA F 18 -50.84 -38.42 -10.80
CA ALA F 18 -51.43 -37.74 -9.64
C ALA F 18 -51.19 -38.61 -8.44
N ILE F 19 -50.68 -38.03 -7.37
CA ILE F 19 -50.41 -38.76 -6.13
C ILE F 19 -51.66 -39.47 -5.59
N ILE F 20 -52.83 -38.90 -5.81
CA ILE F 20 -54.07 -39.49 -5.31
C ILE F 20 -54.35 -40.89 -5.95
N ASP F 21 -53.79 -41.20 -7.11
CA ASP F 21 -53.86 -42.55 -7.65
C ASP F 21 -53.26 -43.61 -6.74
N ASP F 22 -52.21 -43.27 -6.00
CA ASP F 22 -51.43 -44.25 -5.20
C ASP F 22 -51.65 -44.11 -3.73
N TYR F 23 -52.07 -42.94 -3.27
CA TYR F 23 -52.13 -42.65 -1.84
C TYR F 23 -53.42 -41.93 -1.59
N LYS F 24 -53.97 -42.13 -0.39
CA LYS F 24 -55.11 -41.38 0.16
C LYS F 24 -54.50 -40.30 1.01
N VAL F 25 -54.64 -39.05 0.57
CA VAL F 25 -54.04 -37.91 1.28
C VAL F 25 -55.06 -37.29 2.20
N THR F 26 -54.80 -37.32 3.49
CA THR F 26 -55.68 -36.75 4.51
C THR F 26 -55.28 -35.32 4.81
N SER F 27 -56.11 -34.66 5.61
CA SER F 27 -55.84 -33.29 6.03
C SER F 27 -55.25 -33.26 7.46
N GLN F 28 -54.85 -34.41 7.99
CA GLN F 28 -54.28 -34.44 9.33
C GLN F 28 -52.86 -33.92 9.32
N VAL F 29 -52.60 -32.86 10.09
CA VAL F 29 -51.27 -32.25 10.13
C VAL F 29 -50.41 -32.92 11.18
N LEU F 30 -49.38 -33.64 10.74
CA LEU F 30 -48.48 -34.35 11.67
C LEU F 30 -47.53 -33.37 12.36
N GLY F 31 -47.13 -32.32 11.63
CA GLY F 31 -46.24 -31.31 12.14
C GLY F 31 -46.08 -30.15 11.19
N LEU F 32 -46.07 -28.93 11.72
CA LEU F 32 -45.83 -27.71 10.94
C LEU F 32 -44.31 -27.49 10.88
N GLY F 33 -43.78 -27.08 9.74
CA GLY F 33 -42.34 -26.95 9.59
C GLY F 33 -41.88 -25.78 8.73
N ILE F 34 -40.61 -25.87 8.32
CA ILE F 34 -39.95 -24.83 7.55
C ILE F 34 -40.60 -24.70 6.17
N ASN F 35 -40.61 -25.79 5.42
CA ASN F 35 -41.07 -25.77 4.03
C ASN F 35 -42.59 -25.96 3.91
N GLY F 36 -43.29 -26.08 5.05
CA GLY F 36 -44.75 -26.22 5.06
C GLY F 36 -45.24 -27.32 5.99
N LYS F 37 -46.55 -27.56 5.94
CA LYS F 37 -47.22 -28.58 6.77
C LYS F 37 -46.80 -30.02 6.34
N VAL F 38 -46.56 -30.89 7.32
CA VAL F 38 -46.33 -32.32 7.06
C VAL F 38 -47.62 -33.14 7.26
N LEU F 39 -48.20 -33.61 6.15
CA LEU F 39 -49.51 -34.28 6.17
C LEU F 39 -49.39 -35.79 6.25
N GLN F 40 -50.32 -36.41 6.98
CA GLN F 40 -50.43 -37.90 7.05
C GLN F 40 -51.19 -38.44 5.86
N ILE F 41 -50.65 -39.44 5.18
CA ILE F 41 -51.26 -40.01 4.00
C ILE F 41 -51.21 -41.54 4.14
N PHE F 42 -52.01 -42.21 3.30
CA PHE F 42 -52.14 -43.67 3.35
C PHE F 42 -51.93 -44.32 1.95
N ASN F 43 -51.06 -45.35 1.90
CA ASN F 43 -50.81 -46.09 0.66
C ASN F 43 -52.08 -46.91 0.34
N LYS F 44 -52.73 -46.61 -0.80
CA LYS F 44 -54.00 -47.28 -1.16
C LYS F 44 -53.86 -48.80 -1.18
N ARG F 45 -52.75 -49.29 -1.71
CA ARG F 45 -52.57 -50.68 -1.99
C ARG F 45 -52.09 -51.43 -0.79
N THR F 46 -51.53 -50.75 0.20
CA THR F 46 -50.93 -51.44 1.37
C THR F 46 -51.59 -51.01 2.63
N GLN F 47 -52.13 -49.82 2.63
CA GLN F 47 -52.86 -49.25 3.74
C GLN F 47 -51.98 -48.71 4.91
N GLU F 48 -50.64 -48.67 4.69
CA GLU F 48 -49.66 -48.13 5.65
C GLU F 48 -49.70 -46.59 5.72
N LYS F 49 -49.39 -46.05 6.90
CA LYS F 49 -49.27 -44.61 7.11
C LYS F 49 -47.88 -44.10 6.60
N PHE F 50 -47.90 -42.97 5.89
CA PHE F 50 -46.72 -42.28 5.44
C PHE F 50 -46.89 -40.78 5.63
N ALA F 51 -45.77 -40.05 5.75
CA ALA F 51 -45.75 -38.60 5.87
C ALA F 51 -45.55 -38.00 4.52
N LEU F 52 -46.14 -36.85 4.28
CA LEU F 52 -46.05 -36.16 3.01
C LEU F 52 -45.60 -34.74 3.25
N LYS F 53 -44.54 -34.34 2.54
CA LYS F 53 -44.04 -32.98 2.58
C LYS F 53 -44.19 -32.39 1.19
N MET F 54 -44.75 -31.20 1.09
CA MET F 54 -44.97 -30.52 -0.19
C MET F 54 -44.15 -29.27 -0.39
N LEU F 55 -43.47 -29.13 -1.53
CA LEU F 55 -42.61 -28.01 -1.80
C LEU F 55 -42.90 -27.49 -3.17
N GLN F 56 -42.63 -26.21 -3.39
CA GLN F 56 -42.74 -25.61 -4.71
C GLN F 56 -41.58 -26.22 -5.52
N ASP F 57 -41.87 -26.72 -6.70
CA ASP F 57 -40.90 -27.39 -7.55
C ASP F 57 -39.95 -26.45 -8.27
N CYS F 58 -38.72 -26.39 -7.80
CA CYS F 58 -37.66 -25.57 -8.36
C CYS F 58 -36.35 -26.35 -8.30
N PRO F 59 -35.30 -25.88 -9.00
CA PRO F 59 -34.08 -26.69 -9.00
C PRO F 59 -33.47 -26.84 -7.59
N LYS F 60 -33.66 -25.84 -6.75
CA LYS F 60 -33.16 -25.92 -5.39
C LYS F 60 -33.88 -27.06 -4.65
N ALA F 61 -35.22 -27.12 -4.79
CA ALA F 61 -36.05 -28.19 -4.19
C ALA F 61 -35.65 -29.55 -4.75
N ARG F 62 -35.39 -29.61 -6.05
CA ARG F 62 -35.04 -30.86 -6.70
C ARG F 62 -33.69 -31.34 -6.28
N ARG F 63 -32.87 -30.41 -5.80
CA ARG F 63 -31.50 -30.74 -5.45
C ARG F 63 -31.45 -31.35 -4.04
N GLU F 64 -32.25 -30.79 -3.14
CA GLU F 64 -32.31 -31.23 -1.75
C GLU F 64 -32.91 -32.64 -1.67
N VAL F 65 -34.04 -32.82 -2.35
CA VAL F 65 -34.71 -34.09 -2.48
C VAL F 65 -33.77 -35.17 -3.01
N GLU F 66 -32.92 -34.81 -3.93
CA GLU F 66 -32.03 -35.73 -4.52
C GLU F 66 -31.00 -36.11 -3.49
N LEU F 67 -30.67 -35.20 -2.59
CA LEU F 67 -29.65 -35.48 -1.57
C LEU F 67 -30.22 -36.39 -0.52
N HIS F 68 -31.45 -36.08 -0.09
CA HIS F 68 -32.22 -36.91 0.83
C HIS F 68 -32.41 -38.29 0.28
N TRP F 69 -32.76 -38.41 -0.98
CA TRP F 69 -32.87 -39.73 -1.61
C TRP F 69 -31.60 -40.60 -1.44
N ARG F 70 -30.45 -40.01 -1.77
CA ARG F 70 -29.16 -40.70 -1.64
C ARG F 70 -28.91 -41.08 -0.19
N ALA F 71 -29.36 -40.23 0.71
CA ALA F 71 -29.20 -40.41 2.12
C ALA F 71 -30.12 -41.48 2.69
N SER F 72 -31.18 -41.83 1.96
CA SER F 72 -32.26 -42.65 2.55
C SER F 72 -31.88 -44.11 2.81
N GLN F 73 -30.74 -44.51 2.25
CA GLN F 73 -30.18 -45.84 2.49
C GLN F 73 -29.70 -45.95 3.93
N CYS F 74 -29.28 -44.84 4.52
CA CYS F 74 -28.79 -44.86 5.90
C CYS F 74 -29.90 -45.18 6.92
N PRO F 75 -29.70 -46.22 7.73
CA PRO F 75 -30.60 -46.58 8.80
C PRO F 75 -31.12 -45.44 9.69
N HIS F 76 -30.33 -44.41 9.96
CA HIS F 76 -30.75 -43.33 10.89
C HIS F 76 -31.22 -42.04 10.19
N ILE F 77 -31.62 -42.16 8.93
CA ILE F 77 -32.16 -41.01 8.18
C ILE F 77 -33.55 -41.32 7.64
N VAL F 78 -34.51 -40.45 7.87
CA VAL F 78 -35.86 -40.69 7.43
C VAL F 78 -35.85 -41.06 5.96
N ARG F 79 -36.56 -42.16 5.67
CA ARG F 79 -36.56 -42.80 4.34
C ARG F 79 -37.55 -42.19 3.37
N ILE F 80 -37.08 -41.77 2.19
CA ILE F 80 -37.98 -41.25 1.15
C ILE F 80 -38.43 -42.44 0.38
N VAL F 81 -39.73 -42.70 0.40
CA VAL F 81 -40.35 -43.88 -0.25
C VAL F 81 -40.76 -43.61 -1.70
N ASP F 82 -41.37 -42.47 -1.98
CA ASP F 82 -41.39 -42.01 -3.37
C ASP F 82 -41.66 -40.54 -3.48
N VAL F 83 -41.34 -39.95 -4.66
CA VAL F 83 -41.42 -38.49 -4.91
C VAL F 83 -42.29 -38.25 -6.14
N TYR F 84 -43.19 -37.29 -6.06
CA TYR F 84 -44.05 -36.98 -7.17
C TYR F 84 -43.86 -35.52 -7.57
N GLU F 85 -43.90 -35.23 -8.88
CA GLU F 85 -44.03 -33.90 -9.42
C GLU F 85 -45.42 -33.76 -10.03
N ASN F 86 -46.30 -33.05 -9.36
CA ASN F 86 -47.68 -32.78 -9.81
C ASN F 86 -47.95 -31.30 -9.86
N LEU F 87 -49.14 -30.96 -10.34
CA LEU F 87 -49.59 -29.60 -10.56
C LEU F 87 -50.64 -29.33 -9.50
N TYR F 88 -50.40 -28.33 -8.69
CA TYR F 88 -51.35 -27.96 -7.67
C TYR F 88 -51.64 -26.47 -7.78
N ALA F 89 -52.91 -26.15 -8.08
CA ALA F 89 -53.36 -24.76 -8.17
C ALA F 89 -52.71 -24.06 -9.33
N GLY F 90 -52.37 -24.82 -10.39
CA GLY F 90 -51.56 -24.25 -11.51
C GLY F 90 -50.05 -24.08 -11.21
N ARG F 91 -49.71 -23.97 -9.93
CA ARG F 91 -48.31 -23.99 -9.51
C ARG F 91 -47.73 -25.45 -9.54
N LYS F 92 -46.54 -25.59 -10.09
CA LYS F 92 -45.85 -26.86 -10.23
C LYS F 92 -45.25 -27.24 -8.85
N CYS F 93 -45.76 -28.28 -8.23
CA CYS F 93 -45.31 -28.68 -6.89
C CYS F 93 -44.58 -29.98 -6.89
N LEU F 94 -43.90 -30.27 -5.78
CA LEU F 94 -43.03 -31.42 -5.66
C LEU F 94 -43.46 -32.12 -4.37
N LEU F 95 -44.00 -33.32 -4.48
CA LEU F 95 -44.58 -33.99 -3.34
C LEU F 95 -43.66 -35.10 -2.91
N ILE F 96 -43.19 -35.07 -1.66
CA ILE F 96 -42.19 -35.99 -1.14
C ILE F 96 -42.85 -36.88 -0.13
N VAL F 97 -42.79 -38.19 -0.35
CA VAL F 97 -43.43 -39.13 0.57
C VAL F 97 -42.37 -39.90 1.39
N MET F 98 -42.46 -39.82 2.71
CA MET F 98 -41.48 -40.45 3.59
C MET F 98 -42.11 -41.44 4.54
N GLU F 99 -41.26 -42.34 5.03
CA GLU F 99 -41.63 -43.18 6.13
C GLU F 99 -42.13 -42.28 7.22
N CYS F 100 -43.12 -42.74 7.90
CA CYS F 100 -43.76 -41.98 8.97
C CYS F 100 -43.17 -42.28 10.31
N LEU F 101 -42.72 -41.23 10.97
CA LEU F 101 -42.08 -41.41 12.22
C LEU F 101 -43.07 -41.02 13.28
N ASP F 102 -43.53 -42.04 14.02
CA ASP F 102 -44.61 -41.88 15.04
C ASP F 102 -44.14 -41.77 16.49
N GLY F 103 -42.93 -42.23 16.78
CA GLY F 103 -42.40 -42.18 18.14
C GLY F 103 -42.10 -40.83 18.80
N GLY F 104 -42.37 -39.69 18.14
CA GLY F 104 -42.13 -38.36 18.75
C GLY F 104 -40.68 -37.90 18.74
N GLU F 105 -40.47 -36.61 19.04
CA GLU F 105 -39.13 -35.95 18.98
C GLU F 105 -38.24 -36.52 20.03
N LEU F 106 -36.96 -36.13 20.01
CA LEU F 106 -35.91 -36.81 20.82
C LEU F 106 -36.18 -36.65 22.32
N PHE F 107 -36.26 -35.40 22.74
CA PHE F 107 -36.40 -35.07 24.14
C PHE F 107 -37.79 -35.39 24.71
N SER F 108 -38.80 -35.45 23.85
CA SER F 108 -40.16 -35.78 24.27
C SER F 108 -40.24 -37.20 24.83
N ARG F 109 -39.53 -38.15 24.22
CA ARG F 109 -39.48 -39.51 24.75
C ARG F 109 -38.69 -39.61 26.05
N ILE F 110 -37.67 -38.79 26.17
CA ILE F 110 -36.77 -38.85 27.32
C ILE F 110 -37.54 -38.43 28.58
N GLN F 111 -38.26 -37.31 28.50
CA GLN F 111 -38.96 -36.80 29.68
C GLN F 111 -40.14 -37.69 30.11
N ASP F 112 -40.80 -38.35 29.16
CA ASP F 112 -41.93 -39.21 29.43
C ASP F 112 -41.46 -40.61 29.82
N ARG F 113 -40.80 -40.73 30.95
CA ARG F 113 -40.44 -42.03 31.51
C ARG F 113 -40.29 -41.97 33.04
N GLN F 116 -38.84 -43.41 35.22
CA GLN F 116 -37.50 -43.97 35.44
C GLN F 116 -36.41 -42.90 35.25
N ALA F 117 -35.19 -43.29 35.63
CA ALA F 117 -34.00 -42.45 35.47
C ALA F 117 -33.42 -42.62 34.07
N PHE F 118 -32.75 -41.56 33.61
CA PHE F 118 -32.07 -41.56 32.31
C PHE F 118 -30.57 -41.79 32.51
N THR F 119 -30.07 -42.89 31.98
CA THR F 119 -28.68 -43.31 32.17
C THR F 119 -27.68 -42.74 31.15
N GLU F 120 -26.42 -42.63 31.54
CA GLU F 120 -25.35 -42.13 30.66
C GLU F 120 -25.24 -43.04 29.41
N ARG F 121 -25.25 -44.35 29.65
CA ARG F 121 -25.17 -45.37 28.60
C ARG F 121 -26.17 -45.13 27.50
N GLU F 122 -27.35 -44.64 27.87
CA GLU F 122 -28.41 -44.42 26.90
C GLU F 122 -28.23 -43.11 26.15
N ALA F 123 -27.63 -42.12 26.79
CA ALA F 123 -27.21 -40.88 26.10
C ALA F 123 -26.18 -41.20 24.97
N SER F 124 -25.21 -42.03 25.32
CA SER F 124 -24.22 -42.50 24.37
C SER F 124 -24.85 -43.21 23.14
N GLU F 125 -25.81 -44.08 23.40
CA GLU F 125 -26.43 -44.83 22.32
C GLU F 125 -27.18 -43.89 21.40
N ILE F 126 -27.76 -42.84 21.97
CA ILE F 126 -28.40 -41.83 21.16
C ILE F 126 -27.36 -41.09 20.31
N MET F 127 -26.30 -40.63 20.94
CA MET F 127 -25.28 -39.86 20.23
C MET F 127 -24.62 -40.70 19.13
N LYS F 128 -24.49 -41.99 19.37
CA LYS F 128 -23.94 -42.88 18.35
C LYS F 128 -24.87 -42.97 17.16
N SER F 129 -26.17 -42.96 17.44
CA SER F 129 -27.09 -43.16 16.35
C SER F 129 -27.14 -41.85 15.59
N ILE F 130 -27.23 -40.74 16.30
CA ILE F 130 -27.21 -39.43 15.61
C ILE F 130 -25.92 -39.30 14.82
N GLY F 131 -24.82 -39.78 15.39
CA GLY F 131 -23.52 -39.66 14.74
C GLY F 131 -23.37 -40.45 13.46
N GLU F 132 -24.08 -41.58 13.38
CA GLU F 132 -24.08 -42.43 12.19
C GLU F 132 -24.82 -41.73 11.05
N ALA F 133 -25.81 -40.95 11.41
CA ALA F 133 -26.50 -40.21 10.40
C ALA F 133 -25.59 -39.17 9.76
N ILE F 134 -24.79 -38.51 10.60
CA ILE F 134 -23.82 -37.52 10.15
C ILE F 134 -22.67 -38.22 9.42
N GLN F 135 -22.23 -39.36 9.94
CA GLN F 135 -21.11 -40.00 9.30
C GLN F 135 -21.46 -40.39 7.83
N TYR F 136 -22.66 -40.90 7.62
CA TYR F 136 -23.13 -41.29 6.27
C TYR F 136 -23.17 -40.07 5.37
N LEU F 137 -23.80 -39.02 5.84
CA LEU F 137 -23.92 -37.81 5.07
C LEU F 137 -22.55 -37.23 4.70
N HIS F 138 -21.66 -37.17 5.69
CA HIS F 138 -20.37 -36.54 5.48
C HIS F 138 -19.54 -37.40 4.57
N SER F 139 -19.73 -38.71 4.66
CA SER F 139 -18.98 -39.65 3.83
C SER F 139 -19.48 -39.65 2.39
N ILE F 140 -20.61 -39.01 2.11
CA ILE F 140 -21.05 -38.85 0.71
C ILE F 140 -21.17 -37.38 0.41
N ASN F 141 -20.37 -36.58 1.10
CA ASN F 141 -20.21 -35.13 0.84
C ASN F 141 -21.48 -34.37 0.91
N ILE F 142 -22.27 -34.65 1.94
CA ILE F 142 -23.48 -33.91 2.20
C ILE F 142 -23.41 -33.31 3.61
N ALA F 143 -23.75 -32.04 3.71
CA ALA F 143 -23.78 -31.33 4.99
C ALA F 143 -25.21 -30.99 5.29
N HIS F 144 -25.69 -31.44 6.44
CA HIS F 144 -27.10 -31.29 6.78
C HIS F 144 -27.45 -29.87 7.11
N ARG F 145 -26.63 -29.23 7.94
CA ARG F 145 -26.81 -27.81 8.34
C ARG F 145 -28.15 -27.48 9.05
N ASP F 146 -28.80 -28.48 9.60
CA ASP F 146 -29.94 -28.22 10.42
C ASP F 146 -30.22 -29.39 11.36
N VAL F 147 -29.15 -29.85 12.01
CA VAL F 147 -29.24 -30.93 12.93
C VAL F 147 -29.63 -30.37 14.28
N LYS F 148 -30.89 -30.56 14.66
CA LYS F 148 -31.36 -30.14 15.97
C LYS F 148 -32.44 -31.10 16.39
N PRO F 149 -32.86 -31.06 17.67
CA PRO F 149 -33.78 -32.08 18.21
C PRO F 149 -35.14 -32.12 17.51
N GLU F 150 -35.61 -30.97 17.08
CA GLU F 150 -36.82 -30.92 16.35
C GLU F 150 -36.78 -31.84 15.14
N ASN F 151 -35.57 -32.13 14.61
CA ASN F 151 -35.41 -32.89 13.40
C ASN F 151 -34.84 -34.23 13.73
N LEU F 152 -34.92 -34.63 14.98
CA LEU F 152 -34.60 -36.04 15.33
C LEU F 152 -35.80 -36.79 15.97
N LEU F 153 -36.51 -37.61 15.20
CA LEU F 153 -37.73 -38.32 15.67
C LEU F 153 -37.57 -39.85 15.68
N TYR F 154 -38.35 -40.48 16.56
CA TYR F 154 -38.36 -41.94 16.64
C TYR F 154 -39.41 -42.52 15.71
N THR F 155 -39.15 -43.76 15.27
CA THR F 155 -40.00 -44.42 14.28
C THR F 155 -41.34 -44.82 14.92
N SER F 156 -41.27 -45.41 16.11
CA SER F 156 -42.47 -45.81 16.85
C SER F 156 -42.37 -45.45 18.33
N LYS F 157 -43.52 -45.45 19.03
CA LYS F 157 -43.61 -45.17 20.51
C LYS F 157 -42.97 -46.33 21.28
N ARG F 158 -42.93 -47.49 20.63
CA ARG F 158 -42.12 -48.66 21.05
C ARG F 158 -40.71 -48.28 21.61
N PRO F 159 -40.22 -48.97 22.64
CA PRO F 159 -38.85 -48.65 23.15
C PRO F 159 -37.64 -49.23 22.28
N ASN F 160 -37.95 -50.05 21.29
CA ASN F 160 -36.93 -50.53 20.33
C ASN F 160 -36.82 -49.58 19.15
N ALA F 161 -37.59 -48.47 19.18
CA ALA F 161 -37.62 -47.49 18.09
C ALA F 161 -36.20 -47.07 17.66
N ILE F 162 -35.97 -46.89 16.35
CA ILE F 162 -34.69 -46.36 15.87
C ILE F 162 -34.85 -44.84 15.63
N LEU F 163 -33.85 -44.07 16.03
CA LEU F 163 -33.85 -42.58 15.91
C LEU F 163 -33.36 -42.15 14.55
N LYS F 164 -34.07 -41.22 13.94
CA LYS F 164 -33.87 -40.84 12.56
C LYS F 164 -33.82 -39.32 12.31
N LEU F 165 -32.91 -38.90 11.42
CA LEU F 165 -32.76 -37.47 11.15
C LEU F 165 -33.65 -37.05 10.02
N THR F 166 -34.20 -35.85 10.08
CA THR F 166 -35.15 -35.36 9.08
C THR F 166 -34.84 -33.92 8.64
N ASP F 167 -35.63 -33.39 7.71
CA ASP F 167 -35.55 -31.99 7.24
C ASP F 167 -34.24 -31.70 6.55
N PHE F 168 -34.19 -31.95 5.23
CA PHE F 168 -33.02 -31.70 4.41
C PHE F 168 -33.13 -30.38 3.69
N GLY F 169 -33.89 -29.45 4.24
CA GLY F 169 -34.13 -28.16 3.61
C GLY F 169 -32.92 -27.27 3.51
N PHE F 170 -31.96 -27.44 4.42
CA PHE F 170 -30.69 -26.70 4.40
C PHE F 170 -29.51 -27.58 3.94
N ALA F 171 -29.81 -28.82 3.54
CA ALA F 171 -28.76 -29.77 3.13
C ALA F 171 -28.07 -29.22 1.93
N LYS F 172 -26.79 -29.46 1.83
CA LYS F 172 -25.97 -28.91 0.77
C LYS F 172 -24.82 -29.85 0.50
N GLU F 173 -24.44 -30.00 -0.75
CA GLU F 173 -23.34 -30.86 -1.14
C GLU F 173 -22.03 -30.11 -0.95
N THR F 174 -20.99 -30.84 -0.54
CA THR F 174 -19.71 -30.24 -0.16
C THR F 174 -18.60 -30.43 -1.20
N THR F 175 -18.99 -30.77 -2.45
CA THR F 175 -18.03 -31.06 -3.50
C THR F 175 -18.71 -31.11 -4.87
N SER F 176 -17.93 -31.15 -5.96
CA SER F 176 -18.46 -31.25 -7.37
C SER F 176 -19.09 -32.63 -7.74
N PRO F 187 -1.36 -42.80 -6.20
CA PRO F 187 -1.03 -41.63 -5.35
C PRO F 187 -1.65 -41.71 -3.95
N TYR F 188 -0.91 -42.33 -3.04
CA TYR F 188 -1.36 -42.60 -1.69
C TYR F 188 -0.91 -41.54 -0.71
N TYR F 189 -0.16 -40.55 -1.20
CA TYR F 189 0.44 -39.48 -0.37
C TYR F 189 -0.26 -38.13 -0.52
N VAL F 190 -1.22 -38.08 -1.45
CA VAL F 190 -2.05 -36.89 -1.63
C VAL F 190 -2.79 -36.55 -0.31
N ALA F 191 -2.66 -35.30 0.09
CA ALA F 191 -3.26 -34.84 1.31
C ALA F 191 -4.71 -34.50 1.02
N PRO F 192 -5.55 -34.50 2.07
CA PRO F 192 -6.95 -34.16 1.94
C PRO F 192 -7.21 -32.83 1.27
N GLU F 193 -6.37 -31.83 1.53
CA GLU F 193 -6.51 -30.49 0.92
C GLU F 193 -6.41 -30.52 -0.60
N VAL F 194 -5.47 -31.32 -1.11
CA VAL F 194 -5.19 -31.45 -2.54
C VAL F 194 -6.39 -32.06 -3.32
N LEU F 195 -7.12 -32.97 -2.70
CA LEU F 195 -8.33 -33.57 -3.31
C LEU F 195 -9.35 -32.53 -3.77
N GLY F 196 -9.42 -31.41 -3.04
CA GLY F 196 -10.23 -30.29 -3.49
C GLY F 196 -10.74 -29.42 -2.37
N PRO F 197 -11.23 -28.22 -2.70
CA PRO F 197 -11.82 -27.32 -1.71
C PRO F 197 -13.31 -27.63 -1.40
N GLU F 198 -13.67 -27.60 -0.12
CA GLU F 198 -15.06 -27.81 0.30
C GLU F 198 -15.81 -26.49 0.59
N ASP F 201 -19.15 -25.52 4.74
CA ASP F 201 -18.48 -26.33 5.76
C ASP F 201 -19.51 -27.17 6.57
N LYS F 202 -19.13 -28.40 6.82
CA LYS F 202 -19.94 -29.33 7.57
C LYS F 202 -19.53 -29.49 9.01
N SER F 203 -18.69 -28.60 9.51
CA SER F 203 -18.34 -28.58 10.93
C SER F 203 -19.50 -28.09 11.74
N CYS F 204 -20.44 -27.40 11.11
CA CYS F 204 -21.61 -26.90 11.83
C CYS F 204 -22.45 -28.05 12.34
N ASP F 205 -22.44 -29.17 11.61
CA ASP F 205 -23.11 -30.40 12.04
C ASP F 205 -22.53 -30.95 13.32
N MET F 206 -21.22 -30.84 13.46
CA MET F 206 -20.54 -31.29 14.68
C MET F 206 -20.74 -30.31 15.85
N TRP F 207 -20.88 -29.04 15.56
CA TRP F 207 -21.24 -28.12 16.60
C TRP F 207 -22.58 -28.55 17.17
N SER F 208 -23.53 -28.71 16.27
CA SER F 208 -24.89 -29.18 16.62
C SER F 208 -24.87 -30.48 17.41
N LEU F 209 -24.01 -31.38 17.02
CA LEU F 209 -23.85 -32.60 17.77
C LEU F 209 -23.44 -32.30 19.23
N GLY F 210 -22.53 -31.35 19.42
CA GLY F 210 -22.08 -31.02 20.76
C GLY F 210 -23.17 -30.40 21.61
N VAL F 211 -23.94 -29.52 21.01
CA VAL F 211 -25.06 -28.91 21.71
C VAL F 211 -26.05 -30.04 22.14
N ILE F 212 -26.39 -30.91 21.20
CA ILE F 212 -27.37 -31.96 21.48
C ILE F 212 -26.85 -32.86 22.61
N MET F 213 -25.57 -33.20 22.56
CA MET F 213 -24.94 -34.00 23.65
C MET F 213 -25.02 -33.25 24.98
N TYR F 214 -24.92 -31.92 24.94
CA TYR F 214 -24.90 -31.14 26.17
C TYR F 214 -26.24 -31.28 26.83
N ILE F 215 -27.28 -30.93 26.08
CA ILE F 215 -28.67 -31.07 26.52
C ILE F 215 -29.03 -32.52 26.93
N LEU F 216 -28.53 -33.52 26.25
CA LEU F 216 -28.83 -34.88 26.65
C LEU F 216 -28.28 -35.24 28.02
N LEU F 217 -27.09 -34.75 28.36
CA LEU F 217 -26.43 -35.14 29.63
C LEU F 217 -26.93 -34.35 30.82
N CYS F 218 -27.54 -33.18 30.58
CA CYS F 218 -27.96 -32.31 31.67
C CYS F 218 -29.43 -31.97 31.60
N GLY F 219 -29.88 -31.41 30.48
CA GLY F 219 -31.31 -31.14 30.26
C GLY F 219 -31.61 -29.73 29.81
N TYR F 220 -30.58 -28.98 29.46
CA TYR F 220 -30.71 -27.57 29.03
C TYR F 220 -29.52 -27.14 28.18
N PRO F 221 -29.69 -26.11 27.36
CA PRO F 221 -28.62 -25.77 26.44
C PRO F 221 -27.33 -25.35 27.14
N PRO F 222 -26.23 -25.36 26.41
CA PRO F 222 -25.05 -24.72 26.92
C PRO F 222 -25.04 -23.22 26.66
N PHE F 223 -26.01 -22.70 25.92
CA PHE F 223 -26.11 -21.25 25.72
C PHE F 223 -27.56 -20.76 25.81
N TYR F 224 -27.98 -20.37 27.03
CA TYR F 224 -29.37 -19.88 27.29
C TYR F 224 -29.52 -18.44 26.78
N SER F 225 -30.65 -17.81 27.08
CA SER F 225 -30.82 -16.36 26.92
C SER F 225 -31.09 -15.64 28.27
N ILE F 231 -27.75 -11.47 27.66
CA ILE F 231 -29.13 -11.97 27.62
C ILE F 231 -29.48 -12.50 26.22
N SER F 232 -29.32 -11.70 25.16
CA SER F 232 -29.53 -12.16 23.75
C SER F 232 -28.46 -11.70 22.73
N PRO F 233 -28.14 -10.38 22.68
CA PRO F 233 -26.85 -10.00 22.04
C PRO F 233 -25.63 -10.45 22.87
N GLY F 234 -25.86 -10.71 24.16
CA GLY F 234 -24.90 -11.37 25.05
C GLY F 234 -24.83 -12.88 24.88
N MET F 235 -25.90 -13.49 24.39
CA MET F 235 -25.88 -14.91 23.98
C MET F 235 -25.08 -15.10 22.68
N LYS F 236 -25.18 -14.15 21.76
CA LYS F 236 -24.31 -14.18 20.59
C LYS F 236 -22.82 -14.08 21.04
N THR F 237 -22.55 -13.36 22.13
CA THR F 237 -21.19 -13.21 22.65
C THR F 237 -20.68 -14.51 23.25
N ARG F 238 -21.46 -15.06 24.18
CA ARG F 238 -21.10 -16.35 24.79
C ARG F 238 -20.80 -17.51 23.80
N ILE F 239 -21.45 -17.49 22.66
CA ILE F 239 -21.18 -18.41 21.55
C ILE F 239 -19.88 -18.00 20.90
N ARG F 240 -19.75 -16.74 20.48
CA ARG F 240 -18.55 -16.28 19.73
C ARG F 240 -17.29 -16.51 20.60
N MET F 241 -17.42 -16.23 21.90
CA MET F 241 -16.33 -16.38 22.89
C MET F 241 -16.09 -17.87 23.30
N GLY F 242 -17.15 -18.65 23.28
CA GLY F 242 -17.07 -20.05 23.66
C GLY F 242 -17.16 -20.19 25.16
N GLN F 243 -17.99 -19.38 25.80
CA GLN F 243 -18.13 -19.46 27.26
C GLN F 243 -19.39 -20.16 27.71
N TYR F 244 -19.19 -21.30 28.35
CA TYR F 244 -20.24 -22.16 28.88
C TYR F 244 -19.65 -22.95 30.05
N GLU F 245 -20.52 -23.49 30.88
CA GLU F 245 -20.10 -24.16 32.09
C GLU F 245 -20.68 -25.58 32.13
N PHE F 246 -20.07 -26.44 32.96
CA PHE F 246 -20.59 -27.74 33.35
C PHE F 246 -21.05 -27.71 34.83
N PRO F 247 -22.10 -26.94 35.12
CA PRO F 247 -22.42 -26.67 36.52
C PRO F 247 -22.97 -27.86 37.27
N ASN F 248 -22.62 -27.96 38.55
CA ASN F 248 -23.22 -28.94 39.46
C ASN F 248 -24.58 -28.42 39.94
N PRO F 249 -25.47 -29.35 40.35
CA PRO F 249 -25.27 -30.79 40.56
C PRO F 249 -25.56 -31.63 39.34
N GLU F 250 -25.87 -31.00 38.21
CA GLU F 250 -26.19 -31.73 36.98
C GLU F 250 -24.98 -32.51 36.45
N TRP F 251 -23.81 -31.87 36.46
CA TRP F 251 -22.60 -32.39 35.82
C TRP F 251 -21.58 -33.06 36.74
N SER F 252 -21.81 -32.94 38.04
CA SER F 252 -20.83 -33.37 39.08
C SER F 252 -20.41 -34.84 38.94
N GLU F 253 -21.40 -35.68 38.63
CA GLU F 253 -21.22 -37.12 38.50
C GLU F 253 -20.77 -37.55 37.07
N VAL F 254 -20.79 -36.59 36.12
CA VAL F 254 -20.36 -36.83 34.72
C VAL F 254 -18.86 -36.69 34.54
N SER F 255 -18.27 -37.67 33.85
CA SER F 255 -16.81 -37.82 33.82
C SER F 255 -16.12 -36.72 33.09
N GLU F 256 -14.81 -36.64 33.28
CA GLU F 256 -13.94 -35.69 32.57
C GLU F 256 -13.82 -36.04 31.07
N GLU F 257 -13.85 -37.32 30.75
CA GLU F 257 -13.86 -37.82 29.38
C GLU F 257 -15.04 -37.28 28.60
N VAL F 258 -16.22 -37.37 29.19
CA VAL F 258 -17.42 -36.88 28.53
C VAL F 258 -17.40 -35.37 28.35
N LYS F 259 -16.92 -34.65 29.34
CA LYS F 259 -16.85 -33.21 29.26
C LYS F 259 -15.82 -32.80 28.22
N MET F 260 -14.79 -33.64 28.09
CA MET F 260 -13.71 -33.38 27.14
C MET F 260 -14.22 -33.53 25.71
N LEU F 261 -15.11 -34.48 25.52
CA LEU F 261 -15.74 -34.72 24.22
C LEU F 261 -16.64 -33.57 23.85
N ILE F 262 -17.44 -33.10 24.80
CA ILE F 262 -18.23 -31.92 24.53
C ILE F 262 -17.34 -30.73 24.16
N ARG F 263 -16.26 -30.55 24.91
CA ARG F 263 -15.35 -29.43 24.71
C ARG F 263 -14.72 -29.43 23.29
N ASN F 264 -14.38 -30.62 22.79
CA ASN F 264 -13.87 -30.74 21.44
C ASN F 264 -14.95 -30.52 20.35
N LEU F 265 -16.21 -30.78 20.68
CA LEU F 265 -17.29 -30.51 19.72
C LEU F 265 -17.64 -29.03 19.71
N LEU F 266 -17.56 -28.40 20.88
CA LEU F 266 -17.94 -27.00 21.01
C LEU F 266 -16.74 -26.05 20.84
N LYS F 267 -15.75 -26.43 20.05
CA LYS F 267 -14.64 -25.58 19.74
C LYS F 267 -15.18 -24.46 18.92
N THR F 268 -14.82 -23.25 19.24
CA THR F 268 -15.26 -22.06 18.49
C THR F 268 -14.76 -22.10 17.04
N GLU F 269 -13.54 -22.54 16.87
CA GLU F 269 -12.91 -22.44 15.57
C GLU F 269 -13.25 -23.75 14.84
N PRO F 270 -13.85 -23.64 13.65
CA PRO F 270 -14.28 -24.84 12.94
C PRO F 270 -13.13 -25.80 12.57
N THR F 271 -11.99 -25.27 12.21
CA THR F 271 -10.85 -26.14 11.89
C THR F 271 -10.35 -26.89 13.10
N GLN F 272 -10.53 -26.34 14.29
CA GLN F 272 -10.10 -27.04 15.52
C GLN F 272 -11.05 -28.10 15.99
N ARG F 273 -12.31 -27.98 15.56
CA ARG F 273 -13.37 -28.84 16.04
C ARG F 273 -13.20 -30.26 15.62
N MET F 274 -13.85 -31.15 16.33
CA MET F 274 -13.76 -32.59 16.07
C MET F 274 -14.51 -32.96 14.76
N THR F 275 -13.92 -33.86 13.98
CA THR F 275 -14.56 -34.38 12.79
C THR F 275 -15.45 -35.57 13.15
N ILE F 276 -16.33 -35.98 12.26
CA ILE F 276 -17.27 -37.09 12.54
C ILE F 276 -16.53 -38.37 12.75
N THR F 277 -15.49 -38.59 11.95
CA THR F 277 -14.70 -39.84 12.03
C THR F 277 -14.03 -39.92 13.37
N GLU F 278 -13.57 -38.79 13.87
CA GLU F 278 -12.92 -38.78 15.15
C GLU F 278 -13.96 -39.07 16.24
N PHE F 279 -15.14 -38.50 16.07
CA PHE F 279 -16.20 -38.64 17.07
C PHE F 279 -16.63 -40.09 17.22
N MET F 280 -16.83 -40.77 16.11
CA MET F 280 -17.31 -42.13 16.12
C MET F 280 -16.22 -43.05 16.65
N ASN F 281 -14.96 -42.70 16.47
CA ASN F 281 -13.87 -43.54 16.99
C ASN F 281 -13.68 -43.35 18.50
N HIS F 282 -14.26 -42.33 19.05
CA HIS F 282 -14.06 -42.02 20.46
C HIS F 282 -14.68 -43.13 21.30
N PRO F 283 -13.93 -43.62 22.32
CA PRO F 283 -14.35 -44.71 23.18
C PRO F 283 -15.76 -44.61 23.78
N TRP F 284 -16.15 -43.44 24.25
CA TRP F 284 -17.51 -43.29 24.79
C TRP F 284 -18.59 -43.60 23.74
N ILE F 285 -18.34 -43.29 22.48
CA ILE F 285 -19.27 -43.60 21.40
C ILE F 285 -18.99 -45.03 20.96
N MET F 286 -17.73 -45.33 20.67
CA MET F 286 -17.33 -46.65 20.17
C MET F 286 -17.79 -47.82 21.08
N GLN F 287 -17.85 -47.60 22.40
CA GLN F 287 -18.28 -48.61 23.38
C GLN F 287 -19.56 -48.16 24.08
N SER F 288 -20.63 -47.98 23.31
CA SER F 288 -21.93 -47.62 23.87
C SER F 288 -22.47 -48.75 24.73
N THR F 289 -22.06 -49.98 24.41
CA THR F 289 -22.46 -51.14 25.20
C THR F 289 -21.76 -51.16 26.60
N LYS F 290 -20.43 -51.04 26.61
CA LYS F 290 -19.60 -51.16 27.82
C LYS F 290 -19.31 -49.80 28.51
N VAL F 291 -20.38 -49.09 28.90
CA VAL F 291 -20.29 -47.72 29.47
C VAL F 291 -21.18 -47.53 30.72
N PRO F 292 -20.67 -46.83 31.75
CA PRO F 292 -21.39 -46.63 33.01
C PRO F 292 -22.88 -46.29 32.84
N GLN F 293 -23.69 -46.67 33.83
CA GLN F 293 -25.13 -46.33 33.84
C GLN F 293 -25.45 -45.21 34.82
N THR F 294 -24.45 -44.39 35.10
CA THR F 294 -24.58 -43.35 36.10
C THR F 294 -25.78 -42.45 35.79
N PRO F 295 -26.77 -42.39 36.68
CA PRO F 295 -27.99 -41.63 36.39
C PRO F 295 -27.77 -40.17 36.02
N LEU F 296 -28.67 -39.64 35.19
CA LEU F 296 -28.64 -38.24 34.81
C LEU F 296 -29.92 -37.55 35.28
N HIS F 297 -29.81 -36.23 35.46
CA HIS F 297 -30.92 -35.39 35.90
C HIS F 297 -31.77 -34.95 34.69
N THR F 298 -31.44 -35.46 33.50
CA THR F 298 -32.04 -34.97 32.24
C THR F 298 -33.55 -35.01 32.28
N SER F 299 -34.08 -36.17 32.65
CA SER F 299 -35.52 -36.40 32.69
C SER F 299 -36.23 -35.40 33.61
N ARG F 300 -35.65 -35.16 34.78
CA ARG F 300 -36.19 -34.21 35.74
C ARG F 300 -36.12 -32.79 35.20
N VAL F 301 -34.91 -32.36 34.84
CA VAL F 301 -34.67 -30.97 34.43
C VAL F 301 -35.48 -30.58 33.20
N LEU F 302 -35.64 -31.55 32.31
CA LEU F 302 -36.33 -31.34 31.07
C LEU F 302 -37.81 -31.08 31.35
N LYS F 303 -38.31 -31.74 32.40
CA LYS F 303 -39.74 -31.66 32.78
C LYS F 303 -40.27 -30.23 32.97
N GLU F 304 -39.37 -29.27 33.21
CA GLU F 304 -39.75 -27.86 33.31
C GLU F 304 -40.17 -27.26 31.95
N ASP F 305 -41.44 -27.44 31.62
CA ASP F 305 -42.04 -26.91 30.37
C ASP F 305 -42.25 -25.38 30.40
N LYS F 306 -42.54 -24.82 31.58
CA LYS F 306 -42.78 -23.37 31.76
C LYS F 306 -43.74 -22.85 30.69
N GLU F 307 -45.02 -23.25 30.81
CA GLU F 307 -46.09 -22.89 29.85
C GLU F 307 -46.47 -21.40 29.85
N19 YRZ G . 29.03 4.14 5.84
C6 YRZ G . 27.67 4.38 5.41
C11 YRZ G . 26.64 3.75 6.32
C10 YRZ G . 25.28 3.96 5.70
C9 YRZ G . 25.03 5.43 5.41
N8 YRZ G . 26.14 6.11 4.79
C7 YRZ G . 27.42 5.89 5.38
C17 YRZ G . 30.01 3.89 4.96
C1 YRZ G . 31.41 3.97 5.39
C5 YRZ G . 31.99 4.34 6.72
C4 YRZ G . 33.49 4.33 6.40
N3 YRZ G . 33.64 3.88 5.03
N18 YRZ G . 29.79 3.52 3.68
C13 YRZ G . 30.86 3.27 2.86
C14 YRZ G . 30.90 2.90 1.49
C15 YRZ G . 32.22 2.77 1.08
N16 YRZ G . 33.04 3.06 2.12
N12 YRZ G . 32.14 3.35 3.18
C2 YRZ G . 32.45 3.68 4.44
N19 YRZ H . 6.78 22.20 -50.02
C6 YRZ H . 6.67 21.55 -48.73
C11 YRZ H . 6.92 20.06 -48.79
C10 YRZ H . 6.66 19.46 -47.42
C9 YRZ H . 7.46 20.20 -46.34
N8 YRZ H . 7.45 21.63 -46.46
C7 YRZ H . 7.66 22.18 -47.77
C17 YRZ H . 5.97 23.21 -50.35
C1 YRZ H . 6.36 24.11 -51.46
C5 YRZ H . 7.61 24.11 -52.29
C4 YRZ H . 7.39 25.39 -53.10
N3 YRZ H . 6.06 25.89 -52.82
N18 YRZ H . 4.77 23.45 -49.78
C13 YRZ H . 4.01 24.49 -50.22
C14 YRZ H . 2.75 24.95 -49.77
C15 YRZ H . 2.36 26.07 -50.50
N16 YRZ H . 3.33 26.36 -51.40
N12 YRZ H . 4.31 25.36 -51.17
C2 YRZ H . 5.47 25.19 -51.82
N19 YRZ I . -22.38 40.00 2.53
C6 YRZ I . -21.86 39.00 1.62
C11 YRZ I . -22.89 38.58 0.59
C10 YRZ I . -22.29 37.54 -0.33
C9 YRZ I . -21.00 38.04 -0.97
N8 YRZ I . -20.11 38.62 0.00
C7 YRZ I . -20.67 39.61 0.89
C17 YRZ I . -21.94 40.10 3.79
C1 YRZ I . -22.17 41.33 4.56
C5 YRZ I . -22.81 42.63 4.14
C4 YRZ I . -22.54 43.49 5.39
N3 YRZ I . -21.97 42.63 6.42
N18 YRZ I . -21.35 39.08 4.45
C13 YRZ I . -20.96 39.26 5.74
C14 YRZ I . -20.30 38.37 6.61
C15 YRZ I . -20.09 39.00 7.84
N16 YRZ I . -20.58 40.26 7.77
N12 YRZ I . -21.10 40.35 6.46
C2 YRZ I . -21.70 41.40 5.93
N19 YRZ J . 16.19 -42.05 -9.26
C6 YRZ J . 14.98 -41.30 -9.09
C11 YRZ J . 14.01 -41.47 -10.22
C10 YRZ J . 12.85 -40.51 -10.00
C9 YRZ J . 12.20 -40.77 -8.65
N8 YRZ J . 13.14 -40.89 -7.59
C7 YRZ J . 14.25 -41.77 -7.83
C17 YRZ J . 17.36 -41.64 -8.77
C1 YRZ J . 18.46 -42.59 -8.59
C5 YRZ J . 18.50 -44.06 -8.82
C4 YRZ J . 19.89 -44.40 -8.26
N3 YRZ J . 20.57 -43.15 -7.95
N18 YRZ J . 17.64 -40.34 -8.49
C13 YRZ J . 18.87 -40.00 -8.03
C14 YRZ J . 19.39 -38.73 -7.66
C15 YRZ J . 20.71 -38.87 -7.23
N16 YRZ J . 21.06 -40.18 -7.32
N12 YRZ J . 19.89 -40.80 -7.82
C2 YRZ J . 19.74 -42.10 -8.10
N19 YRZ K . 3.34 5.98 28.99
C6 YRZ K . 3.17 5.19 27.80
C11 YRZ K . 3.91 5.73 26.62
C10 YRZ K . 3.52 4.92 25.40
C9 YRZ K . 3.77 3.44 25.63
N8 YRZ K . 3.33 2.96 26.92
C7 YRZ K . 3.68 3.78 28.05
C17 YRZ K . 2.33 6.16 29.86
C1 YRZ K . 2.62 6.54 31.26
C5 YRZ K . 3.94 6.74 31.94
C4 YRZ K . 3.46 6.99 33.37
N3 YRZ K . 2.00 7.05 33.37
N18 YRZ K . 1.02 6.07 29.54
C13 YRZ K . 0.06 6.29 30.46
C14 YRZ K . -1.35 6.22 30.35
C15 YRZ K . -1.94 6.53 31.59
N16 YRZ K . -0.96 6.76 32.49
N12 YRZ K . 0.24 6.62 31.73
C2 YRZ K . 1.50 6.75 32.16
N19 YRZ L . -42.38 -33.24 11.48
C6 YRZ L . -41.30 -32.30 11.27
C11 YRZ L . -41.79 -30.89 11.11
C10 YRZ L . -40.61 -30.00 10.74
C9 YRZ L . -39.45 -30.17 11.72
N8 YRZ L . -39.20 -31.52 12.15
C7 YRZ L . -40.34 -32.35 12.45
C17 YRZ L . -42.32 -34.51 11.04
C1 YRZ L . -43.14 -35.54 11.65
C5 YRZ L . -44.10 -35.45 12.79
C4 YRZ L . -44.50 -36.93 12.94
N3 YRZ L . -43.88 -37.69 11.87
N18 YRZ L . -41.56 -34.90 10.00
C13 YRZ L . -41.58 -36.20 9.59
C14 YRZ L . -40.85 -36.85 8.55
C15 YRZ L . -41.18 -38.19 8.52
N16 YRZ L . -42.08 -38.46 9.51
N12 YRZ L . -42.27 -37.19 10.11
C2 YRZ L . -43.07 -36.90 11.14
#